data_7SFQ
#
_entry.id   7SFQ
#
loop_
_entity.id
_entity.type
_entity.pdbx_description
1 polymer 'Multidrug transporter EmrE'
2 non-polymer tetrakis(4-fluorophenyl)phosphanium
#
_entity_poly.entity_id   1
_entity_poly.type   'polypeptide(L)'
_entity_poly.pdbx_seq_one_letter_code
;MNPYIYLGGAILAEVIGTTLMKFSEGFTRLWPSVGTIICYCASFWLLAQTLAYIPTGIAYAIWVGVGIVLISLLSWGFFG
QRLDLPAIIGMMLICAGVLIINLLSRSTPH
;
_entity_poly.pdbx_strand_id   A,B
#
loop_
_chem_comp.id
_chem_comp.type
_chem_comp.name
_chem_comp.formula
VCJ non-polymer tetrakis(4-fluorophenyl)phosphanium 'C24 H16 F4 P 1'
#
# COMPACT_ATOMS: atom_id res chain seq x y z
N TYR A 4 9.12 6.95 15.51
CA TYR A 4 10.02 6.09 14.66
C TYR A 4 10.15 6.59 13.23
N ILE A 5 10.97 5.91 12.40
CA ILE A 5 11.19 6.24 10.99
C ILE A 5 10.98 5.04 10.07
N TYR A 6 10.58 3.87 10.62
CA TYR A 6 10.41 2.64 9.89
C TYR A 6 9.33 2.65 8.82
N LEU A 7 8.13 3.16 9.13
CA LEU A 7 7.00 3.27 8.22
C LEU A 7 7.28 4.17 7.04
N GLY A 8 7.85 5.37 7.30
CA GLY A 8 8.33 6.27 6.26
C GLY A 8 9.41 5.68 5.41
N GLY A 9 10.39 4.98 6.04
CA GLY A 9 11.43 4.23 5.36
C GLY A 9 10.95 3.10 4.48
N ALA A 10 9.96 2.30 4.93
CA ALA A 10 9.36 1.23 4.15
C ALA A 10 8.66 1.70 2.89
N ILE A 11 7.84 2.77 3.00
CA ILE A 11 7.22 3.49 1.88
C ILE A 11 8.28 4.06 0.94
N LEU A 12 9.30 4.70 1.52
CA LEU A 12 10.42 5.28 0.81
C LEU A 12 11.22 4.26 0.02
N ALA A 13 11.53 3.07 0.58
CA ALA A 13 12.22 2.00 -0.10
C ALA A 13 11.54 1.50 -1.38
N GLU A 14 10.19 1.39 -1.37
CA GLU A 14 9.40 1.11 -2.57
C GLU A 14 9.58 2.18 -3.65
N VAL A 15 9.53 3.47 -3.26
CA VAL A 15 9.80 4.63 -4.09
C VAL A 15 11.25 4.70 -4.61
N ILE A 16 12.25 4.46 -3.75
CA ILE A 16 13.66 4.37 -4.15
C ILE A 16 13.88 3.23 -5.14
N GLY A 17 13.31 2.03 -4.88
CA GLY A 17 13.41 0.87 -5.77
C GLY A 17 12.78 1.11 -7.11
N THR A 18 11.61 1.76 -7.11
CA THR A 18 10.92 2.22 -8.31
C THR A 18 11.75 3.20 -9.11
N THR A 19 12.38 4.18 -8.43
CA THR A 19 13.29 5.16 -9.04
C THR A 19 14.54 4.52 -9.63
N LEU A 20 15.17 3.55 -8.92
CA LEU A 20 16.26 2.75 -9.43
C LEU A 20 15.88 1.92 -10.66
N MET A 21 14.69 1.28 -10.64
CA MET A 21 14.14 0.54 -11.76
C MET A 21 13.89 1.38 -13.01
N LYS A 22 13.27 2.56 -12.86
CA LYS A 22 13.00 3.54 -13.91
C LYS A 22 14.25 4.19 -14.49
N PHE A 23 15.23 4.54 -13.63
CA PHE A 23 16.52 5.07 -14.04
C PHE A 23 17.35 4.08 -14.86
N SER A 24 17.36 2.79 -14.45
CA SER A 24 18.33 1.79 -14.92
C SER A 24 17.98 1.07 -16.20
N GLU A 25 17.27 1.71 -17.14
CA GLU A 25 17.13 1.23 -18.51
C GLU A 25 18.47 0.99 -19.22
N GLY A 26 18.51 0.06 -20.18
CA GLY A 26 19.74 -0.41 -20.81
C GLY A 26 20.43 -1.48 -20.00
N PHE A 27 21.53 -2.04 -20.52
CA PHE A 27 22.25 -3.13 -19.88
C PHE A 27 23.76 -3.02 -20.01
N THR A 28 24.25 -1.90 -20.59
CA THR A 28 25.66 -1.53 -20.48
C THR A 28 25.96 -0.82 -19.17
N ARG A 29 24.91 -0.33 -18.49
CA ARG A 29 24.98 0.31 -17.20
C ARG A 29 25.63 -0.50 -16.08
N LEU A 30 26.37 0.18 -15.18
CA LEU A 30 27.10 -0.44 -14.09
C LEU A 30 26.21 -1.16 -13.07
N TRP A 31 25.09 -0.53 -12.67
CA TRP A 31 24.20 -1.02 -11.64
C TRP A 31 23.56 -2.38 -11.98
N PRO A 32 23.53 -3.38 -11.10
CA PRO A 32 22.87 -4.64 -11.35
C PRO A 32 21.44 -4.62 -10.82
N SER A 33 20.52 -5.33 -11.49
CA SER A 33 19.12 -5.53 -11.13
C SER A 33 18.94 -6.03 -9.70
N VAL A 34 19.86 -6.91 -9.23
CA VAL A 34 19.93 -7.38 -7.84
C VAL A 34 19.99 -6.26 -6.80
N GLY A 35 20.71 -5.15 -7.05
CA GLY A 35 20.74 -4.00 -6.13
C GLY A 35 19.39 -3.36 -5.92
N THR A 36 18.61 -3.22 -7.01
CA THR A 36 17.20 -2.83 -6.98
C THR A 36 16.34 -3.84 -6.24
N ILE A 37 16.56 -5.15 -6.43
CA ILE A 37 15.92 -6.22 -5.67
C ILE A 37 16.19 -6.12 -4.16
N ILE A 38 17.43 -5.82 -3.75
CA ILE A 38 17.78 -5.54 -2.35
C ILE A 38 17.00 -4.38 -1.75
N CYS A 39 16.79 -3.28 -2.52
CA CYS A 39 15.92 -2.18 -2.12
C CYS A 39 14.46 -2.60 -1.91
N TYR A 40 13.89 -3.45 -2.80
CA TYR A 40 12.61 -4.10 -2.56
C TYR A 40 12.56 -5.04 -1.36
N CYS A 41 13.59 -5.89 -1.15
CA CYS A 41 13.72 -6.76 0.02
C CYS A 41 13.73 -5.96 1.32
N ALA A 42 14.47 -4.83 1.32
CA ALA A 42 14.51 -3.87 2.40
C ALA A 42 13.15 -3.30 2.77
N SER A 43 12.29 -2.95 1.78
CA SER A 43 10.96 -2.42 2.04
C SER A 43 10.08 -3.38 2.85
N PHE A 44 10.04 -4.66 2.46
CA PHE A 44 9.37 -5.71 3.20
C PHE A 44 9.93 -5.96 4.60
N TRP A 45 11.27 -5.96 4.74
CA TRP A 45 11.94 -6.05 6.03
C TRP A 45 11.66 -4.86 6.96
N LEU A 46 11.67 -3.62 6.42
CA LEU A 46 11.26 -2.40 7.10
C LEU A 46 9.79 -2.39 7.51
N LEU A 47 8.88 -2.94 6.67
CA LEU A 47 7.51 -3.22 7.07
C LEU A 47 7.43 -4.20 8.25
N ALA A 48 8.22 -5.29 8.25
CA ALA A 48 8.33 -6.18 9.40
C ALA A 48 8.81 -5.51 10.69
N GLN A 49 9.81 -4.59 10.59
CA GLN A 49 10.23 -3.72 11.67
C GLN A 49 9.13 -2.75 12.13
N THR A 50 8.35 -2.20 11.18
CA THR A 50 7.17 -1.37 11.44
C THR A 50 6.11 -2.11 12.22
N LEU A 51 5.84 -3.39 11.89
CA LEU A 51 4.77 -4.16 12.49
C LEU A 51 5.15 -4.77 13.82
N ALA A 52 6.38 -4.52 14.34
CA ALA A 52 6.74 -4.86 15.70
C ALA A 52 5.89 -4.17 16.78
N TYR A 53 5.66 -2.84 16.63
CA TYR A 53 4.87 -2.07 17.57
C TYR A 53 3.64 -1.41 16.95
N ILE A 54 3.41 -1.54 15.63
CA ILE A 54 2.30 -0.88 14.95
C ILE A 54 1.34 -1.96 14.40
N PRO A 55 0.03 -1.95 14.68
CA PRO A 55 -0.97 -2.76 13.99
C PRO A 55 -0.99 -2.69 12.47
N THR A 56 -1.41 -3.77 11.79
CA THR A 56 -1.40 -3.87 10.32
C THR A 56 -2.23 -2.82 9.61
N GLY A 57 -3.46 -2.52 10.11
CA GLY A 57 -4.37 -1.58 9.47
C GLY A 57 -3.93 -0.15 9.59
N ILE A 58 -3.35 0.22 10.75
CA ILE A 58 -2.79 1.54 11.00
C ILE A 58 -1.64 1.86 10.07
N ALA A 59 -0.71 0.89 9.88
CA ALA A 59 0.37 0.97 8.94
C ALA A 59 -0.10 1.12 7.49
N TYR A 60 -1.11 0.33 7.10
CA TYR A 60 -1.77 0.36 5.81
C TYR A 60 -2.44 1.69 5.51
N ALA A 61 -3.16 2.30 6.49
CA ALA A 61 -3.82 3.58 6.33
C ALA A 61 -2.90 4.75 6.01
N ILE A 62 -1.75 4.84 6.71
CA ILE A 62 -0.69 5.80 6.41
C ILE A 62 -0.03 5.56 5.06
N TRP A 63 0.27 4.29 4.71
CA TRP A 63 0.79 3.92 3.41
C TRP A 63 -0.17 4.28 2.29
N VAL A 64 -1.49 4.00 2.44
CA VAL A 64 -2.56 4.43 1.54
C VAL A 64 -2.70 5.93 1.41
N GLY A 65 -2.60 6.70 2.52
CA GLY A 65 -2.58 8.16 2.51
C GLY A 65 -1.46 8.77 1.71
N VAL A 66 -0.23 8.24 1.81
CA VAL A 66 0.86 8.54 0.89
C VAL A 66 0.63 7.98 -0.51
N GLY A 67 0.06 6.76 -0.61
CA GLY A 67 -0.24 6.02 -1.84
C GLY A 67 -1.12 6.74 -2.83
N ILE A 68 -2.19 7.40 -2.37
CA ILE A 68 -3.00 8.28 -3.22
C ILE A 68 -2.22 9.46 -3.82
N VAL A 69 -1.28 10.05 -3.06
CA VAL A 69 -0.32 11.02 -3.60
C VAL A 69 0.60 10.41 -4.65
N LEU A 70 1.12 9.18 -4.42
CA LEU A 70 1.89 8.42 -5.40
C LEU A 70 1.13 8.10 -6.68
N ILE A 71 -0.17 7.71 -6.57
CA ILE A 71 -1.10 7.58 -7.69
C ILE A 71 -1.28 8.89 -8.44
N SER A 72 -1.45 10.01 -7.70
CA SER A 72 -1.60 11.33 -8.28
C SER A 72 -0.40 11.81 -9.08
N LEU A 73 0.83 11.67 -8.54
CA LEU A 73 2.08 11.94 -9.24
C LEU A 73 2.27 11.07 -10.49
N LEU A 74 1.94 9.77 -10.39
CA LEU A 74 1.90 8.87 -11.53
C LEU A 74 0.89 9.27 -12.60
N SER A 75 -0.33 9.65 -12.20
CA SER A 75 -1.37 10.15 -13.07
C SER A 75 -1.01 11.45 -13.77
N TRP A 76 -0.44 12.42 -13.03
CA TRP A 76 -0.10 13.72 -13.58
C TRP A 76 1.20 13.78 -14.38
N GLY A 77 2.25 13.03 -13.97
CA GLY A 77 3.61 13.27 -14.46
C GLY A 77 4.15 14.58 -13.96
N PHE A 78 4.40 15.55 -14.86
CA PHE A 78 4.68 16.93 -14.49
C PHE A 78 3.50 17.59 -13.77
N PHE A 79 3.74 18.51 -12.82
CA PHE A 79 2.70 19.33 -12.23
C PHE A 79 1.94 20.22 -13.20
N GLY A 80 0.61 20.32 -13.00
CA GLY A 80 -0.29 21.20 -13.74
C GLY A 80 -0.66 22.45 -12.99
N GLN A 81 -1.86 23.00 -13.28
CA GLN A 81 -2.42 24.15 -12.58
C GLN A 81 -2.93 23.81 -11.20
N ARG A 82 -3.16 24.83 -10.34
CA ARG A 82 -3.61 24.65 -8.97
C ARG A 82 -4.91 23.88 -8.80
N LEU A 83 -5.00 23.09 -7.71
CA LEU A 83 -6.14 22.27 -7.40
C LEU A 83 -7.45 23.02 -7.20
N ASP A 84 -8.56 22.37 -7.57
CA ASP A 84 -9.92 22.85 -7.42
C ASP A 84 -10.44 22.61 -6.01
N LEU A 85 -11.57 23.22 -5.64
CA LEU A 85 -12.15 23.16 -4.30
C LEU A 85 -12.49 21.74 -3.79
N PRO A 86 -13.08 20.79 -4.53
CA PRO A 86 -13.35 19.46 -3.99
C PRO A 86 -12.07 18.66 -3.81
N ALA A 87 -11.10 18.80 -4.73
CA ALA A 87 -9.79 18.20 -4.65
C ALA A 87 -8.99 18.66 -3.43
N ILE A 88 -9.01 19.98 -3.13
CA ILE A 88 -8.43 20.56 -1.92
C ILE A 88 -9.04 19.98 -0.65
N ILE A 89 -10.39 19.85 -0.58
CA ILE A 89 -11.08 19.17 0.50
C ILE A 89 -10.70 17.71 0.65
N GLY A 90 -10.64 16.94 -0.46
CA GLY A 90 -10.22 15.53 -0.46
C GLY A 90 -8.80 15.30 0.00
N MET A 91 -7.85 16.11 -0.51
CA MET A 91 -6.49 16.14 0.00
C MET A 91 -6.37 16.54 1.46
N MET A 92 -7.12 17.58 1.90
CA MET A 92 -7.18 17.99 3.30
C MET A 92 -7.73 16.91 4.23
N LEU A 93 -8.77 16.17 3.83
CA LEU A 93 -9.27 15.03 4.59
C LEU A 93 -8.22 13.94 4.79
N ILE A 94 -7.40 13.63 3.76
CA ILE A 94 -6.22 12.78 3.91
C ILE A 94 -5.21 13.36 4.90
N CYS A 95 -4.93 14.68 4.84
CA CYS A 95 -4.06 15.37 5.80
C CYS A 95 -4.57 15.31 7.24
N ALA A 96 -5.88 15.54 7.46
CA ALA A 96 -6.55 15.45 8.73
C ALA A 96 -6.49 14.07 9.36
N GLY A 97 -6.72 13.02 8.56
CA GLY A 97 -6.62 11.64 9.00
C GLY A 97 -5.24 11.24 9.48
N VAL A 98 -4.19 11.63 8.74
CA VAL A 98 -2.80 11.42 9.16
C VAL A 98 -2.45 12.18 10.44
N LEU A 99 -2.93 13.44 10.58
CA LEU A 99 -2.80 14.24 11.79
C LEU A 99 -3.43 13.60 13.01
N ILE A 100 -4.65 13.03 12.88
CA ILE A 100 -5.29 12.23 13.92
C ILE A 100 -4.48 11.00 14.28
N ILE A 101 -4.06 10.20 13.28
CA ILE A 101 -3.30 8.96 13.48
C ILE A 101 -1.95 9.20 14.14
N ASN A 102 -1.23 10.27 13.76
CA ASN A 102 0.05 10.62 14.35
C ASN A 102 -0.08 11.31 15.71
N LEU A 103 -1.29 11.71 16.15
CA LEU A 103 -1.52 12.30 17.46
C LEU A 103 -2.02 11.25 18.46
N LEU A 104 -2.19 9.98 18.03
CA LEU A 104 -2.43 8.85 18.91
C LEU A 104 -1.25 8.53 19.84
N SER A 105 -1.53 8.22 21.12
CA SER A 105 -0.54 7.97 22.14
C SER A 105 -0.47 6.48 22.52
N TYR B 4 -6.89 -17.32 -13.69
CA TYR B 4 -7.73 -16.18 -13.20
C TYR B 4 -7.05 -14.82 -13.35
N ILE B 5 -7.81 -13.76 -13.74
CA ILE B 5 -7.34 -12.38 -13.93
C ILE B 5 -6.22 -11.85 -13.03
N TYR B 6 -5.20 -11.17 -13.60
CA TYR B 6 -4.08 -10.64 -12.85
C TYR B 6 -4.43 -9.61 -11.78
N LEU B 7 -5.25 -8.58 -12.09
CA LEU B 7 -5.61 -7.53 -11.16
C LEU B 7 -6.37 -8.02 -9.94
N GLY B 8 -7.36 -8.92 -10.17
CA GLY B 8 -8.12 -9.56 -9.10
C GLY B 8 -7.27 -10.42 -8.22
N GLY B 9 -6.32 -11.17 -8.83
CA GLY B 9 -5.29 -11.92 -8.10
C GLY B 9 -4.39 -11.07 -7.26
N ALA B 10 -3.92 -9.92 -7.80
CA ALA B 10 -3.15 -8.93 -7.08
C ALA B 10 -3.88 -8.30 -5.89
N ILE B 11 -5.19 -7.97 -6.03
CA ILE B 11 -6.05 -7.52 -4.94
C ILE B 11 -6.17 -8.55 -3.83
N LEU B 12 -6.42 -9.83 -4.19
CA LEU B 12 -6.48 -10.97 -3.30
C LEU B 12 -5.16 -11.27 -2.59
N ALA B 13 -4.02 -11.17 -3.29
CA ALA B 13 -2.71 -11.49 -2.79
C ALA B 13 -2.32 -10.71 -1.53
N GLU B 14 -2.55 -9.39 -1.49
CA GLU B 14 -2.44 -8.61 -0.27
C GLU B 14 -3.43 -8.96 0.84
N VAL B 15 -4.75 -9.04 0.51
CA VAL B 15 -5.80 -9.33 1.51
C VAL B 15 -5.63 -10.67 2.19
N ILE B 16 -5.36 -11.72 1.40
CA ILE B 16 -4.97 -13.03 1.91
C ILE B 16 -3.63 -12.99 2.61
N GLY B 17 -2.60 -12.34 2.01
CA GLY B 17 -1.24 -12.23 2.55
C GLY B 17 -1.15 -11.64 3.93
N THR B 18 -1.80 -10.48 4.17
CA THR B 18 -1.95 -9.88 5.50
C THR B 18 -2.72 -10.77 6.47
N THR B 19 -3.80 -11.42 6.01
CA THR B 19 -4.58 -12.38 6.80
C THR B 19 -3.76 -13.60 7.23
N LEU B 20 -2.89 -14.11 6.34
CA LEU B 20 -1.85 -15.09 6.62
C LEU B 20 -0.81 -14.61 7.65
N MET B 21 -0.38 -13.33 7.61
CA MET B 21 0.56 -12.79 8.59
C MET B 21 -0.02 -12.62 9.99
N LYS B 22 -1.36 -12.64 10.11
CA LYS B 22 -2.08 -12.28 11.31
C LYS B 22 -2.32 -13.51 12.20
N PHE B 23 -1.79 -14.68 11.80
CA PHE B 23 -1.74 -15.90 12.59
C PHE B 23 -1.11 -15.78 13.98
N SER B 24 -1.55 -16.66 14.90
CA SER B 24 -1.12 -16.72 16.30
C SER B 24 0.37 -16.92 16.51
N GLU B 25 0.88 -16.60 17.72
CA GLU B 25 2.19 -17.06 18.16
C GLU B 25 2.18 -18.55 18.51
N GLY B 26 0.99 -19.13 18.80
CA GLY B 26 0.78 -20.58 18.92
C GLY B 26 0.91 -21.35 17.61
N PHE B 27 0.51 -22.63 17.60
CA PHE B 27 0.46 -23.45 16.40
C PHE B 27 -0.63 -23.02 15.39
N THR B 28 -0.34 -23.03 14.08
CA THR B 28 -1.35 -22.78 13.04
C THR B 28 -1.27 -23.86 12.00
N ARG B 29 -2.39 -24.52 11.67
CA ARG B 29 -2.43 -25.52 10.62
C ARG B 29 -2.03 -25.00 9.24
N LEU B 30 -1.21 -25.79 8.51
CA LEU B 30 -0.87 -25.58 7.11
C LEU B 30 -0.02 -24.34 6.80
N TRP B 31 0.59 -23.70 7.82
CA TRP B 31 1.37 -22.48 7.59
C TRP B 31 2.86 -22.78 7.35
N PRO B 32 3.42 -22.72 6.13
CA PRO B 32 4.86 -22.70 5.94
C PRO B 32 5.53 -21.45 6.49
N SER B 33 6.67 -21.61 7.18
CA SER B 33 7.46 -20.51 7.73
C SER B 33 8.11 -19.67 6.64
N VAL B 34 8.23 -20.18 5.40
CA VAL B 34 8.71 -19.39 4.27
C VAL B 34 7.53 -18.78 3.49
N GLY B 35 6.28 -18.96 3.97
CA GLY B 35 5.04 -18.57 3.29
C GLY B 35 4.87 -17.12 2.93
N THR B 36 5.16 -16.18 3.86
CA THR B 36 5.08 -14.74 3.60
C THR B 36 6.04 -14.29 2.52
N ILE B 37 7.26 -14.85 2.53
CA ILE B 37 8.29 -14.61 1.54
C ILE B 37 7.86 -15.06 0.15
N ILE B 38 7.24 -16.26 0.06
CA ILE B 38 6.57 -16.76 -1.14
C ILE B 38 5.42 -15.87 -1.59
N CYS B 39 4.57 -15.41 -0.65
CA CYS B 39 3.47 -14.49 -0.91
C CYS B 39 3.92 -13.15 -1.48
N TYR B 40 5.01 -12.55 -0.97
CA TYR B 40 5.62 -11.36 -1.55
C TYR B 40 6.13 -11.56 -2.97
N CYS B 41 6.83 -12.70 -3.24
CA CYS B 41 7.26 -13.07 -4.58
C CYS B 41 6.10 -13.25 -5.57
N ALA B 42 5.03 -13.95 -5.14
CA ALA B 42 3.81 -14.07 -5.92
C ALA B 42 3.10 -12.75 -6.18
N SER B 43 2.96 -11.90 -5.13
CA SER B 43 2.31 -10.59 -5.18
C SER B 43 2.98 -9.64 -6.15
N PHE B 44 4.32 -9.56 -6.11
CA PHE B 44 5.09 -8.69 -6.97
C PHE B 44 5.12 -9.18 -8.42
N TRP B 45 5.11 -10.52 -8.67
CA TRP B 45 4.91 -11.04 -10.01
C TRP B 45 3.55 -10.69 -10.60
N LEU B 46 2.46 -10.84 -9.81
CA LEU B 46 1.11 -10.45 -10.19
C LEU B 46 0.95 -8.96 -10.47
N LEU B 47 1.56 -8.11 -9.64
CA LEU B 47 1.62 -6.67 -9.84
C LEU B 47 2.29 -6.28 -11.16
N ALA B 48 3.42 -6.91 -11.49
CA ALA B 48 4.14 -6.69 -12.74
C ALA B 48 3.32 -7.03 -13.98
N GLN B 49 2.58 -8.16 -13.95
CA GLN B 49 1.61 -8.51 -14.98
C GLN B 49 0.48 -7.49 -15.08
N THR B 50 -0.05 -7.07 -13.92
CA THR B 50 -1.13 -6.09 -13.78
C THR B 50 -0.80 -4.73 -14.36
N LEU B 51 0.41 -4.20 -14.08
CA LEU B 51 0.87 -2.92 -14.60
C LEU B 51 1.28 -2.98 -16.06
N ALA B 52 1.76 -4.15 -16.56
CA ALA B 52 2.01 -4.36 -17.98
C ALA B 52 0.75 -4.27 -18.85
N TYR B 53 -0.36 -4.89 -18.41
CA TYR B 53 -1.50 -5.10 -19.29
C TYR B 53 -2.71 -4.23 -19.01
N ILE B 54 -2.70 -3.43 -17.92
CA ILE B 54 -3.77 -2.49 -17.60
C ILE B 54 -3.11 -1.13 -17.47
N PRO B 55 -3.68 0.02 -17.90
CA PRO B 55 -3.25 1.36 -17.50
C PRO B 55 -2.87 1.51 -16.03
N THR B 56 -1.66 2.04 -15.76
CA THR B 56 -1.05 2.05 -14.44
C THR B 56 -1.80 2.82 -13.36
N GLY B 57 -2.32 4.03 -13.68
CA GLY B 57 -3.13 4.81 -12.74
C GLY B 57 -4.46 4.16 -12.39
N ILE B 58 -5.15 3.59 -13.40
CA ILE B 58 -6.39 2.83 -13.26
C ILE B 58 -6.22 1.63 -12.34
N ALA B 59 -5.18 0.82 -12.58
CA ALA B 59 -4.91 -0.39 -11.82
C ALA B 59 -4.65 -0.13 -10.35
N TYR B 60 -3.80 0.88 -10.03
CA TYR B 60 -3.49 1.28 -8.68
C TYR B 60 -4.69 1.92 -7.96
N ALA B 61 -5.49 2.77 -8.64
CA ALA B 61 -6.73 3.29 -8.10
C ALA B 61 -7.77 2.23 -7.75
N ILE B 62 -8.00 1.25 -8.67
CA ILE B 62 -8.85 0.09 -8.40
C ILE B 62 -8.32 -0.79 -7.27
N TRP B 63 -7.00 -1.06 -7.24
CA TRP B 63 -6.39 -1.92 -6.23
C TRP B 63 -6.55 -1.42 -4.80
N VAL B 64 -6.30 -0.11 -4.55
CA VAL B 64 -6.59 0.52 -3.27
C VAL B 64 -8.08 0.51 -2.95
N GLY B 65 -8.91 0.88 -3.95
CA GLY B 65 -10.36 0.99 -3.81
C GLY B 65 -11.06 -0.27 -3.37
N VAL B 66 -10.84 -1.38 -4.08
CA VAL B 66 -11.37 -2.68 -3.71
C VAL B 66 -10.78 -3.21 -2.41
N GLY B 67 -9.44 -3.09 -2.24
CA GLY B 67 -8.68 -3.63 -1.12
C GLY B 67 -9.10 -3.12 0.23
N ILE B 68 -9.34 -1.79 0.35
CA ILE B 68 -9.84 -1.13 1.55
C ILE B 68 -11.20 -1.65 2.00
N VAL B 69 -12.17 -1.73 1.07
CA VAL B 69 -13.51 -2.24 1.34
C VAL B 69 -13.49 -3.71 1.71
N LEU B 70 -12.72 -4.51 0.95
CA LEU B 70 -12.59 -5.93 1.18
C LEU B 70 -11.96 -6.29 2.52
N ILE B 71 -10.80 -5.70 2.88
CA ILE B 71 -10.17 -5.98 4.17
C ILE B 71 -11.01 -5.51 5.35
N SER B 72 -11.60 -4.30 5.25
CA SER B 72 -12.45 -3.75 6.31
C SER B 72 -13.71 -4.55 6.54
N LEU B 73 -14.41 -4.97 5.46
CA LEU B 73 -15.56 -5.85 5.55
C LEU B 73 -15.23 -7.24 6.08
N LEU B 74 -14.15 -7.87 5.59
CA LEU B 74 -13.66 -9.16 6.06
C LEU B 74 -13.28 -9.13 7.54
N SER B 75 -12.50 -8.11 7.95
CA SER B 75 -12.06 -7.92 9.32
C SER B 75 -13.20 -7.64 10.29
N TRP B 76 -14.14 -6.73 9.96
CA TRP B 76 -15.34 -6.54 10.77
C TRP B 76 -16.26 -7.76 10.81
N GLY B 77 -16.56 -8.35 9.64
CA GLY B 77 -17.56 -9.39 9.49
C GLY B 77 -17.22 -10.70 10.11
N PHE B 78 -15.96 -11.15 9.96
CA PHE B 78 -15.62 -12.54 10.29
C PHE B 78 -14.54 -12.65 11.35
N PHE B 79 -13.87 -11.54 11.67
CA PHE B 79 -12.85 -11.49 12.71
C PHE B 79 -13.26 -10.60 13.86
N GLY B 80 -14.46 -9.99 13.79
CA GLY B 80 -15.17 -9.34 14.89
C GLY B 80 -14.60 -8.03 15.36
N GLN B 81 -13.81 -7.35 14.51
CA GLN B 81 -13.06 -6.15 14.83
C GLN B 81 -13.86 -4.84 14.88
N ARG B 82 -13.42 -3.87 15.71
CA ARG B 82 -14.11 -2.60 15.91
C ARG B 82 -13.87 -1.57 14.81
N LEU B 83 -14.92 -0.82 14.42
CA LEU B 83 -14.79 0.23 13.43
C LEU B 83 -14.77 1.60 14.07
N ASP B 84 -14.87 1.70 15.42
CA ASP B 84 -15.00 2.97 16.11
C ASP B 84 -13.77 3.37 16.93
N LEU B 85 -12.71 2.53 16.95
CA LEU B 85 -11.47 2.84 17.64
C LEU B 85 -10.73 4.06 17.08
N PRO B 86 -10.01 4.86 17.89
CA PRO B 86 -9.33 6.09 17.49
C PRO B 86 -8.66 6.16 16.13
N ALA B 87 -7.77 5.19 15.77
CA ALA B 87 -7.13 5.16 14.48
C ALA B 87 -8.08 5.02 13.29
N ILE B 88 -9.11 4.18 13.45
CA ILE B 88 -10.12 3.91 12.42
C ILE B 88 -10.88 5.18 12.06
N ILE B 89 -11.19 6.03 13.07
CA ILE B 89 -11.80 7.34 12.90
C ILE B 89 -10.97 8.28 12.02
N GLY B 90 -9.62 8.30 12.17
CA GLY B 90 -8.73 9.03 11.26
C GLY B 90 -8.64 8.43 9.87
N MET B 91 -8.63 7.08 9.78
CA MET B 91 -8.62 6.31 8.55
C MET B 91 -9.82 6.56 7.65
N MET B 92 -11.03 6.75 8.24
CA MET B 92 -12.23 7.16 7.52
C MET B 92 -12.07 8.44 6.72
N LEU B 93 -11.42 9.47 7.30
CA LEU B 93 -11.09 10.71 6.60
C LEU B 93 -10.15 10.51 5.42
N ILE B 94 -9.11 9.66 5.56
CA ILE B 94 -8.24 9.28 4.45
C ILE B 94 -9.01 8.60 3.33
N CYS B 95 -9.85 7.59 3.67
CA CYS B 95 -10.66 6.84 2.73
C CYS B 95 -11.72 7.66 1.99
N ALA B 96 -12.39 8.59 2.70
CA ALA B 96 -13.25 9.59 2.10
C ALA B 96 -12.51 10.55 1.15
N GLY B 97 -11.31 11.03 1.55
CA GLY B 97 -10.47 11.87 0.71
C GLY B 97 -9.95 11.17 -0.53
N VAL B 98 -9.56 9.89 -0.40
CA VAL B 98 -9.18 9.00 -1.49
C VAL B 98 -10.31 8.81 -2.51
N LEU B 99 -11.56 8.58 -2.03
CA LEU B 99 -12.73 8.50 -2.89
C LEU B 99 -12.96 9.77 -3.71
N ILE B 100 -12.83 10.95 -3.08
CA ILE B 100 -12.97 12.25 -3.73
C ILE B 100 -11.98 12.46 -4.87
N ILE B 101 -10.69 12.15 -4.69
CA ILE B 101 -9.70 12.18 -5.76
C ILE B 101 -9.98 11.17 -6.88
N ASN B 102 -10.36 9.94 -6.52
CA ASN B 102 -10.74 8.88 -7.44
C ASN B 102 -11.96 9.17 -8.29
N LEU B 103 -12.99 9.88 -7.77
CA LEU B 103 -14.12 10.41 -8.52
C LEU B 103 -13.74 11.42 -9.60
N LEU B 104 -12.66 12.17 -9.40
CA LEU B 104 -12.16 13.18 -10.33
C LEU B 104 -11.04 12.65 -11.23
N SER B 105 -10.82 11.31 -11.25
CA SER B 105 -9.78 10.65 -12.01
C SER B 105 -10.35 9.87 -13.22
C2 VCJ C . 1.14 -0.30 -2.23
C5 VCJ C . 0.82 -1.43 0.32
C4 VCJ C . 0.22 -0.22 0.00
C6 VCJ C . 1.57 -2.10 -0.64
C7 VCJ C . 4.33 -2.79 -2.83
P1 VCJ C . 2.59 -2.49 -3.29
C1 VCJ C . 1.72 -1.58 -1.97
C3 VCJ C . 0.40 0.37 -1.24
C8 VCJ C . 5.20 -3.55 -3.68
C9 VCJ C . 6.55 -3.71 -3.36
C10 VCJ C . 7.05 -3.12 -2.21
C11 VCJ C . 6.24 -2.40 -1.34
C12 VCJ C . 4.89 -2.23 -1.65
C13 VCJ C . 1.75 -4.11 -3.57
C14 VCJ C . 1.20 -4.48 -4.83
C15 VCJ C . 0.50 -5.67 -5.00
C16 VCJ C . 0.33 -6.52 -3.92
C17 VCJ C . 0.89 -6.24 -2.68
C18 VCJ C . 1.60 -5.05 -2.50
C19 VCJ C . 2.55 -1.50 -4.85
C20 VCJ C . 1.32 -1.18 -5.50
C21 VCJ C . 1.29 -0.43 -6.68
C22 VCJ C . 2.48 0.03 -7.23
C23 VCJ C . 3.70 -0.24 -6.63
C24 VCJ C . 3.74 -0.98 -5.45
F13 VCJ C . -0.38 -7.67 -4.08
F18 VCJ C . 2.45 0.77 -8.36
F3 VCJ C . -0.56 0.41 0.93
F8 VCJ C . 8.37 -3.24 -1.93
H1 VCJ C . 1.23 0.21 -3.17
H3 VCJ C . 0.69 -1.86 1.31
H4 VCJ C . 2.03 -3.03 -0.35
H2 VCJ C . -0.05 1.33 -1.46
H13 VCJ C . 4.83 -4.04 -4.56
H14 VCJ C . 7.20 -4.28 -3.99
H15 VCJ C . 6.66 -1.96 -0.45
H16 VCJ C . 4.30 -1.65 -0.96
H5 VCJ C . 1.27 -3.84 -5.70
H6 VCJ C . 0.06 -5.93 -5.95
H7 VCJ C . 0.75 -6.93 -1.87
H8 VCJ C . 2.01 -4.88 -1.52
H9 VCJ C . 0.37 -1.51 -5.11
H10 VCJ C . 0.35 -0.18 -7.15
H11 VCJ C . 4.62 0.13 -7.07
H12 VCJ C . 4.71 -1.14 -4.99
N TYR A 4 7.86 5.24 15.40
CA TYR A 4 8.72 4.57 14.38
C TYR A 4 8.75 5.29 13.03
N ILE A 5 9.85 5.13 12.27
CA ILE A 5 10.10 5.79 10.98
C ILE A 5 10.11 4.75 9.85
N TYR A 6 9.88 3.46 10.18
CA TYR A 6 9.95 2.34 9.24
C TYR A 6 9.01 2.45 8.05
N LEU A 7 7.73 2.82 8.28
CA LEU A 7 6.73 2.98 7.22
C LEU A 7 7.09 4.06 6.21
N GLY A 8 7.60 5.23 6.69
CA GLY A 8 8.09 6.31 5.83
C GLY A 8 9.30 5.95 5.02
N GLY A 9 10.19 5.12 5.58
CA GLY A 9 11.33 4.56 4.86
C GLY A 9 10.92 3.54 3.82
N ALA A 10 9.94 2.67 4.16
CA ALA A 10 9.37 1.70 3.26
C ALA A 10 8.73 2.35 2.04
N ILE A 11 7.95 3.43 2.26
CA ILE A 11 7.34 4.25 1.22
C ILE A 11 8.37 4.88 0.30
N LEU A 12 9.44 5.48 0.88
CA LEU A 12 10.52 6.11 0.14
C LEU A 12 11.31 5.16 -0.76
N ALA A 13 11.68 3.97 -0.23
CA ALA A 13 12.44 2.97 -0.96
C ALA A 13 11.76 2.44 -2.22
N GLU A 14 10.45 2.12 -2.12
CA GLU A 14 9.65 1.64 -3.24
C GLU A 14 9.51 2.66 -4.36
N VAL A 15 9.21 3.93 -4.01
CA VAL A 15 9.14 5.05 -4.93
C VAL A 15 10.47 5.37 -5.59
N ILE A 16 11.56 5.50 -4.80
CA ILE A 16 12.88 5.84 -5.31
C ILE A 16 13.48 4.79 -6.24
N GLY A 17 13.41 3.49 -5.86
CA GLY A 17 13.99 2.41 -6.66
C GLY A 17 13.29 2.24 -7.98
N THR A 18 11.95 2.29 -7.96
CA THR A 18 11.14 2.29 -9.18
C THR A 18 11.40 3.52 -10.04
N THR A 19 11.44 4.72 -9.43
CA THR A 19 11.72 5.99 -10.12
C THR A 19 13.09 6.03 -10.79
N LEU A 20 14.13 5.55 -10.08
CA LEU A 20 15.47 5.38 -10.62
C LEU A 20 15.53 4.42 -11.80
N MET A 21 14.87 3.26 -11.71
CA MET A 21 14.71 2.34 -12.83
C MET A 21 13.90 2.91 -14.01
N LYS A 22 12.77 3.58 -13.74
CA LYS A 22 11.94 4.27 -14.72
C LYS A 22 12.58 5.42 -15.48
N PHE A 23 13.39 6.26 -14.80
CA PHE A 23 14.21 7.27 -15.45
C PHE A 23 15.42 6.68 -16.18
N SER A 24 15.80 5.44 -15.88
CA SER A 24 16.88 4.73 -16.56
C SER A 24 16.41 4.07 -17.85
N GLU A 25 15.83 4.88 -18.76
CA GLU A 25 15.29 4.45 -20.03
C GLU A 25 16.33 3.92 -21.01
N GLY A 26 15.91 2.97 -21.87
CA GLY A 26 16.74 2.23 -22.80
C GLY A 26 17.50 1.08 -22.16
N PHE A 27 17.79 0.03 -22.94
CA PHE A 27 18.38 -1.22 -22.47
C PHE A 27 19.85 -1.07 -22.05
N THR A 28 20.53 -0.02 -22.55
CA THR A 28 21.96 0.20 -22.36
C THR A 28 22.27 0.97 -21.08
N ARG A 29 21.28 1.07 -20.17
CA ARG A 29 21.32 1.78 -18.92
C ARG A 29 22.38 1.32 -17.92
N LEU A 30 22.97 2.27 -17.18
CA LEU A 30 23.98 2.00 -16.17
C LEU A 30 23.43 1.36 -14.88
N TRP A 31 22.12 1.52 -14.57
CA TRP A 31 21.49 0.92 -13.40
C TRP A 31 21.11 -0.57 -13.58
N PRO A 32 21.73 -1.54 -12.92
CA PRO A 32 21.36 -2.96 -13.00
C PRO A 32 20.01 -3.27 -12.37
N SER A 33 19.22 -4.18 -12.98
CA SER A 33 17.84 -4.43 -12.58
C SER A 33 17.70 -5.18 -11.27
N VAL A 34 18.73 -5.93 -10.81
CA VAL A 34 18.72 -6.57 -9.50
C VAL A 34 18.87 -5.55 -8.38
N GLY A 35 19.43 -4.35 -8.66
CA GLY A 35 19.46 -3.23 -7.72
C GLY A 35 18.07 -2.73 -7.39
N THR A 36 17.18 -2.68 -8.40
CA THR A 36 15.76 -2.37 -8.26
C THR A 36 15.05 -3.37 -7.37
N ILE A 37 15.34 -4.69 -7.55
CA ILE A 37 14.78 -5.76 -6.75
C ILE A 37 15.14 -5.68 -5.27
N ILE A 38 16.41 -5.37 -4.96
CA ILE A 38 16.90 -5.17 -3.59
C ILE A 38 16.19 -4.04 -2.86
N CYS A 39 15.83 -2.94 -3.57
CA CYS A 39 15.00 -1.87 -3.03
C CYS A 39 13.63 -2.37 -2.56
N TYR A 40 12.95 -3.22 -3.36
CA TYR A 40 11.73 -3.89 -2.97
C TYR A 40 11.91 -4.82 -1.77
N CYS A 41 13.01 -5.60 -1.72
CA CYS A 41 13.34 -6.42 -0.56
C CYS A 41 13.51 -5.61 0.73
N ALA A 42 14.22 -4.47 0.68
CA ALA A 42 14.37 -3.54 1.78
C ALA A 42 13.06 -2.88 2.25
N SER A 43 12.22 -2.42 1.29
CA SER A 43 10.90 -1.84 1.57
C SER A 43 9.97 -2.83 2.24
N PHE A 44 9.92 -4.09 1.75
CA PHE A 44 9.22 -5.19 2.39
C PHE A 44 9.73 -5.52 3.79
N TRP A 45 11.05 -5.50 4.05
CA TRP A 45 11.58 -5.67 5.39
C TRP A 45 11.10 -4.58 6.36
N LEU A 46 11.11 -3.30 5.92
CA LEU A 46 10.52 -2.20 6.67
C LEU A 46 9.01 -2.32 6.90
N LEU A 47 8.23 -2.80 5.90
CA LEU A 47 6.84 -3.16 6.08
C LEU A 47 6.62 -4.26 7.13
N ALA A 48 7.43 -5.35 7.10
CA ALA A 48 7.42 -6.41 8.09
C ALA A 48 7.79 -5.95 9.50
N GLN A 49 8.72 -4.99 9.63
CA GLN A 49 9.01 -4.29 10.87
C GLN A 49 7.83 -3.46 11.38
N THR A 50 7.14 -2.73 10.47
CA THR A 50 5.96 -1.93 10.77
C THR A 50 4.81 -2.74 11.32
N LEU A 51 4.54 -3.93 10.73
CA LEU A 51 3.41 -4.77 11.08
C LEU A 51 3.53 -5.51 12.40
N ALA A 52 4.71 -5.52 13.03
CA ALA A 52 4.87 -5.89 14.43
C ALA A 52 4.17 -4.94 15.41
N TYR A 53 4.22 -3.62 15.12
CA TYR A 53 3.84 -2.59 16.08
C TYR A 53 2.57 -1.82 15.70
N ILE A 54 2.14 -1.91 14.43
CA ILE A 54 0.97 -1.20 13.90
C ILE A 54 0.02 -2.23 13.28
N PRO A 55 -1.29 -2.30 13.61
CA PRO A 55 -2.31 -2.99 12.82
C PRO A 55 -2.25 -2.86 11.30
N THR A 56 -2.48 -3.97 10.55
CA THR A 56 -2.30 -4.03 9.10
C THR A 56 -3.13 -3.02 8.32
N GLY A 57 -4.41 -2.85 8.69
CA GLY A 57 -5.33 -1.93 8.02
C GLY A 57 -5.03 -0.47 8.23
N ILE A 58 -4.60 -0.10 9.45
CA ILE A 58 -4.14 1.25 9.76
C ILE A 58 -2.91 1.61 8.93
N ALA A 59 -1.91 0.69 8.87
CA ALA A 59 -0.73 0.85 8.05
C ALA A 59 -1.02 0.97 6.55
N TYR A 60 -1.93 0.12 6.03
CA TYR A 60 -2.36 0.12 4.64
C TYR A 60 -3.02 1.44 4.22
N ALA A 61 -3.91 1.98 5.07
CA ALA A 61 -4.52 3.27 4.84
C ALA A 61 -3.52 4.41 4.78
N ILE A 62 -2.55 4.44 5.73
CA ILE A 62 -1.50 5.45 5.77
C ILE A 62 -0.60 5.47 4.54
N TRP A 63 -0.12 4.30 4.05
CA TRP A 63 0.69 4.23 2.85
C TRP A 63 -0.05 4.69 1.59
N VAL A 64 -1.31 4.22 1.38
CA VAL A 64 -2.15 4.63 0.26
C VAL A 64 -2.50 6.12 0.31
N GLY A 65 -2.70 6.67 1.54
CA GLY A 65 -2.84 8.10 1.80
C GLY A 65 -1.71 8.96 1.29
N VAL A 66 -0.45 8.54 1.45
CA VAL A 66 0.67 9.15 0.75
C VAL A 66 0.63 8.85 -0.76
N GLY A 67 0.45 7.56 -1.14
CA GLY A 67 0.61 7.04 -2.49
C GLY A 67 -0.33 7.56 -3.54
N ILE A 68 -1.58 7.90 -3.17
CA ILE A 68 -2.56 8.51 -4.06
C ILE A 68 -2.13 9.88 -4.60
N VAL A 69 -1.37 10.63 -3.79
CA VAL A 69 -0.73 11.89 -4.17
C VAL A 69 0.33 11.65 -5.24
N LEU A 70 0.98 10.48 -5.19
CA LEU A 70 2.12 10.11 -6.02
C LEU A 70 1.74 9.31 -7.26
N ILE A 71 0.44 9.24 -7.62
CA ILE A 71 -0.08 8.46 -8.73
C ILE A 71 0.54 8.80 -10.08
N SER A 72 0.73 10.09 -10.41
CA SER A 72 1.34 10.52 -11.67
C SER A 72 2.81 10.16 -11.74
N LEU A 73 3.55 10.25 -10.62
CA LEU A 73 4.94 9.84 -10.52
C LEU A 73 5.15 8.36 -10.81
N LEU A 74 4.26 7.51 -10.27
CA LEU A 74 4.17 6.09 -10.59
C LEU A 74 3.77 5.79 -12.04
N SER A 75 2.69 6.44 -12.52
CA SER A 75 2.15 6.25 -13.86
C SER A 75 3.07 6.69 -14.99
N TRP A 76 3.58 7.94 -14.90
CA TRP A 76 4.22 8.63 -16.00
C TRP A 76 5.64 9.07 -15.67
N GLY A 77 6.02 9.16 -14.39
CA GLY A 77 7.33 9.68 -14.01
C GLY A 77 7.44 11.18 -13.95
N PHE A 78 6.32 11.90 -13.88
CA PHE A 78 6.35 13.33 -13.68
C PHE A 78 5.02 13.76 -13.06
N PHE A 79 4.95 14.95 -12.45
CA PHE A 79 3.79 15.52 -11.81
C PHE A 79 2.56 15.69 -12.72
N GLY A 80 1.36 15.58 -12.12
CA GLY A 80 0.09 15.95 -12.72
C GLY A 80 -0.10 17.45 -12.75
N GLN A 81 -1.36 17.88 -12.86
CA GLN A 81 -1.73 19.29 -12.80
C GLN A 81 -2.22 19.70 -11.43
N ARG A 82 -2.30 21.03 -11.19
CA ARG A 82 -2.68 21.74 -9.98
C ARG A 82 -3.78 21.17 -9.08
N LEU A 83 -3.73 21.51 -7.78
CA LEU A 83 -4.63 21.00 -6.77
C LEU A 83 -5.85 21.91 -6.59
N ASP A 84 -7.04 21.45 -7.01
CA ASP A 84 -8.32 22.13 -6.90
C ASP A 84 -8.90 22.03 -5.49
N LEU A 85 -9.93 22.82 -5.14
CA LEU A 85 -10.53 22.82 -3.80
C LEU A 85 -11.05 21.47 -3.30
N PRO A 86 -11.74 20.60 -4.04
CA PRO A 86 -12.10 19.28 -3.50
C PRO A 86 -10.89 18.37 -3.39
N ALA A 87 -9.85 18.50 -4.23
CA ALA A 87 -8.57 17.83 -4.02
C ALA A 87 -7.85 18.28 -2.74
N ILE A 88 -7.85 19.60 -2.45
CA ILE A 88 -7.36 20.19 -1.21
C ILE A 88 -8.12 19.69 0.01
N ILE A 89 -9.47 19.61 -0.07
CA ILE A 89 -10.29 19.00 0.96
C ILE A 89 -9.97 17.53 1.20
N GLY A 90 -9.81 16.69 0.15
CA GLY A 90 -9.40 15.30 0.30
C GLY A 90 -8.07 15.09 1.01
N MET A 91 -7.03 15.87 0.62
CA MET A 91 -5.76 15.91 1.31
C MET A 91 -5.82 16.39 2.75
N MET A 92 -6.65 17.40 3.04
CA MET A 92 -6.96 17.82 4.41
C MET A 92 -7.58 16.73 5.27
N LEU A 93 -8.53 15.93 4.73
CA LEU A 93 -9.08 14.76 5.42
C LEU A 93 -8.03 13.70 5.77
N ILE A 94 -7.07 13.42 4.87
CA ILE A 94 -5.93 12.54 5.16
C ILE A 94 -5.05 13.04 6.30
N CYS A 95 -4.71 14.35 6.32
CA CYS A 95 -3.94 14.99 7.38
C CYS A 95 -4.65 14.96 8.74
N ALA A 96 -5.97 15.22 8.74
CA ALA A 96 -6.86 15.08 9.87
C ALA A 96 -6.92 13.67 10.42
N GLY A 97 -6.96 12.65 9.53
CA GLY A 97 -6.92 11.25 9.92
C GLY A 97 -5.65 10.84 10.62
N VAL A 98 -4.49 11.29 10.11
CA VAL A 98 -3.21 11.13 10.77
C VAL A 98 -3.15 11.81 12.13
N LEU A 99 -3.68 13.05 12.27
CA LEU A 99 -3.84 13.70 13.56
C LEU A 99 -4.69 12.91 14.55
N ILE A 100 -5.88 12.43 14.13
CA ILE A 100 -6.77 11.64 14.98
C ILE A 100 -6.16 10.31 15.40
N ILE A 101 -5.43 9.62 14.50
CA ILE A 101 -4.63 8.44 14.84
C ILE A 101 -3.54 8.75 15.86
N ASN A 102 -2.66 9.73 15.58
CA ASN A 102 -1.50 10.04 16.40
C ASN A 102 -1.77 10.55 17.81
N LEU A 103 -2.72 11.50 17.96
CA LEU A 103 -2.97 12.19 19.22
C LEU A 103 -3.60 11.31 20.30
N LEU A 104 -4.41 10.31 19.91
CA LEU A 104 -5.19 9.52 20.85
C LEU A 104 -4.79 8.04 20.84
N SER A 105 -3.65 7.69 20.20
CA SER A 105 -3.04 6.37 20.29
C SER A 105 -1.89 6.36 21.30
N TYR B 4 -7.73 -17.33 -13.72
CA TYR B 4 -8.29 -16.26 -12.84
C TYR B 4 -7.47 -14.97 -12.91
N ILE B 5 -8.13 -13.79 -12.83
CA ILE B 5 -7.51 -12.47 -12.93
C ILE B 5 -6.30 -12.20 -12.04
N TYR B 6 -5.30 -11.48 -12.60
CA TYR B 6 -4.11 -11.04 -11.88
C TYR B 6 -4.36 -10.05 -10.76
N LEU B 7 -5.17 -8.98 -10.98
CA LEU B 7 -5.49 -7.98 -9.97
C LEU B 7 -6.24 -8.54 -8.78
N GLY B 8 -7.23 -9.42 -9.03
CA GLY B 8 -7.90 -10.19 -8.00
C GLY B 8 -7.00 -11.17 -7.30
N GLY B 9 -6.04 -11.78 -8.05
CA GLY B 9 -5.01 -12.64 -7.48
C GLY B 9 -4.08 -11.93 -6.53
N ALA B 10 -3.61 -10.72 -6.90
CA ALA B 10 -2.84 -9.84 -6.05
C ALA B 10 -3.57 -9.38 -4.79
N ILE B 11 -4.86 -9.01 -4.92
CA ILE B 11 -5.74 -8.73 -3.79
C ILE B 11 -5.95 -9.94 -2.88
N LEU B 12 -6.18 -11.14 -3.45
CA LEU B 12 -6.28 -12.39 -2.72
C LEU B 12 -5.00 -12.74 -1.96
N ALA B 13 -3.83 -12.54 -2.57
CA ALA B 13 -2.54 -12.65 -1.90
C ALA B 13 -2.35 -11.71 -0.71
N GLU B 14 -2.75 -10.43 -0.86
CA GLU B 14 -2.74 -9.46 0.22
C GLU B 14 -3.66 -9.86 1.38
N VAL B 15 -4.88 -10.36 1.10
CA VAL B 15 -5.76 -10.98 2.09
C VAL B 15 -5.17 -12.22 2.77
N ILE B 16 -4.55 -13.16 2.00
CA ILE B 16 -3.85 -14.32 2.54
C ILE B 16 -2.68 -13.94 3.44
N GLY B 17 -1.84 -12.98 3.02
CA GLY B 17 -0.73 -12.46 3.84
C GLY B 17 -1.19 -11.76 5.10
N THR B 18 -2.25 -10.95 5.00
CA THR B 18 -2.89 -10.31 6.15
C THR B 18 -3.44 -11.31 7.14
N THR B 19 -4.07 -12.39 6.64
CA THR B 19 -4.51 -13.54 7.42
C THR B 19 -3.35 -14.23 8.12
N LEU B 20 -2.22 -14.47 7.42
CA LEU B 20 -0.98 -14.98 8.01
C LEU B 20 -0.37 -14.07 9.09
N MET B 21 -0.29 -12.74 8.85
CA MET B 21 0.18 -11.77 9.83
C MET B 21 -0.64 -11.72 11.12
N LYS B 22 -1.98 -11.82 11.02
CA LYS B 22 -2.83 -11.90 12.20
C LYS B 22 -2.83 -13.28 12.86
N PHE B 23 -2.46 -14.34 12.12
CA PHE B 23 -2.25 -15.67 12.65
C PHE B 23 -0.92 -15.82 13.39
N SER B 24 0.11 -15.03 13.03
CA SER B 24 1.45 -15.12 13.59
C SER B 24 2.00 -13.74 13.90
N GLU B 25 2.19 -13.41 15.19
CA GLU B 25 2.66 -12.11 15.64
C GLU B 25 4.01 -12.27 16.32
N GLY B 26 5.02 -11.44 15.95
CA GLY B 26 6.43 -11.62 16.30
C GLY B 26 7.02 -12.93 15.81
N PHE B 27 8.23 -13.30 16.27
CA PHE B 27 8.89 -14.53 15.84
C PHE B 27 8.61 -15.64 16.85
N THR B 28 7.83 -16.67 16.46
CA THR B 28 7.25 -17.63 17.40
C THR B 28 6.96 -18.96 16.70
N ARG B 29 6.82 -20.05 17.50
CA ARG B 29 6.67 -21.46 17.14
C ARG B 29 6.14 -21.83 15.77
N LEU B 30 6.94 -22.56 14.96
CA LEU B 30 6.51 -23.30 13.78
C LEU B 30 6.40 -22.45 12.51
N TRP B 31 6.94 -21.22 12.51
CA TRP B 31 7.06 -20.40 11.31
C TRP B 31 8.34 -20.76 10.54
N PRO B 32 8.29 -21.28 9.30
CA PRO B 32 9.49 -21.59 8.52
C PRO B 32 10.39 -20.41 8.20
N SER B 33 11.71 -20.67 8.05
CA SER B 33 12.75 -19.66 7.89
C SER B 33 12.56 -18.73 6.71
N VAL B 34 12.18 -19.28 5.56
CA VAL B 34 11.97 -18.52 4.33
C VAL B 34 10.52 -18.11 4.16
N GLY B 35 9.65 -18.34 5.17
CA GLY B 35 8.21 -18.11 5.10
C GLY B 35 7.77 -16.72 4.69
N THR B 36 8.30 -15.68 5.36
CA THR B 36 7.99 -14.29 5.07
C THR B 36 8.43 -13.89 3.68
N ILE B 37 9.67 -14.31 3.29
CA ILE B 37 10.26 -14.09 1.98
C ILE B 37 9.44 -14.71 0.86
N ILE B 38 9.02 -15.98 1.05
CA ILE B 38 8.20 -16.75 0.12
C ILE B 38 6.86 -16.11 -0.18
N CYS B 39 6.16 -15.59 0.86
CA CYS B 39 4.91 -14.87 0.71
C CYS B 39 5.01 -13.61 -0.13
N TYR B 40 6.04 -12.78 0.12
CA TYR B 40 6.37 -11.63 -0.72
C TYR B 40 6.74 -11.98 -2.15
N CYS B 41 7.50 -13.08 -2.37
CA CYS B 41 7.80 -13.58 -3.70
C CYS B 41 6.58 -13.98 -4.51
N ALA B 42 5.62 -14.71 -3.89
CA ALA B 42 4.34 -15.01 -4.48
C ALA B 42 3.52 -13.77 -4.82
N SER B 43 3.45 -12.81 -3.87
CA SER B 43 2.80 -11.51 -4.04
C SER B 43 3.37 -10.65 -5.15
N PHE B 44 4.72 -10.53 -5.21
CA PHE B 44 5.43 -9.73 -6.18
C PHE B 44 5.22 -10.20 -7.63
N TRP B 45 5.19 -11.53 -7.86
CA TRP B 45 4.91 -12.12 -9.16
C TRP B 45 3.54 -11.70 -9.70
N LEU B 46 2.50 -11.75 -8.85
CA LEU B 46 1.15 -11.33 -9.15
C LEU B 46 1.04 -9.85 -9.51
N LEU B 47 1.73 -8.96 -8.77
CA LEU B 47 1.84 -7.54 -9.09
C LEU B 47 2.51 -7.28 -10.44
N ALA B 48 3.65 -7.96 -10.72
CA ALA B 48 4.36 -7.88 -11.98
C ALA B 48 3.57 -8.37 -13.20
N GLN B 49 2.79 -9.46 -13.04
CA GLN B 49 1.78 -9.88 -14.01
C GLN B 49 0.65 -8.86 -14.20
N THR B 50 0.14 -8.28 -13.10
CA THR B 50 -0.94 -7.29 -13.12
C THR B 50 -0.56 -6.06 -13.92
N LEU B 51 0.65 -5.53 -13.73
CA LEU B 51 1.14 -4.39 -14.48
C LEU B 51 1.50 -4.69 -15.93
N ALA B 52 1.87 -5.95 -16.27
CA ALA B 52 1.99 -6.38 -17.65
C ALA B 52 0.65 -6.39 -18.39
N TYR B 53 -0.41 -6.86 -17.71
CA TYR B 53 -1.74 -6.98 -18.26
C TYR B 53 -2.53 -5.66 -18.23
N ILE B 54 -2.23 -4.74 -17.30
CA ILE B 54 -2.99 -3.51 -17.08
C ILE B 54 -2.05 -2.29 -17.03
N PRO B 55 -2.23 -1.23 -17.84
CA PRO B 55 -1.64 0.10 -17.64
C PRO B 55 -1.58 0.65 -16.23
N THR B 56 -0.45 1.29 -15.87
CA THR B 56 0.00 1.58 -14.51
C THR B 56 -0.90 2.50 -13.70
N GLY B 57 -1.42 3.59 -14.31
CA GLY B 57 -2.29 4.55 -13.62
C GLY B 57 -3.66 4.00 -13.36
N ILE B 58 -4.25 3.33 -14.37
CA ILE B 58 -5.49 2.58 -14.27
C ILE B 58 -5.41 1.42 -13.28
N ALA B 59 -4.31 0.64 -13.30
CA ALA B 59 -4.06 -0.41 -12.33
C ALA B 59 -4.01 0.12 -10.91
N TYR B 60 -3.33 1.27 -10.67
CA TYR B 60 -3.36 1.94 -9.39
C TYR B 60 -4.75 2.46 -8.99
N ALA B 61 -5.49 3.09 -9.93
CA ALA B 61 -6.83 3.59 -9.68
C ALA B 61 -7.85 2.51 -9.29
N ILE B 62 -7.85 1.37 -10.01
CA ILE B 62 -8.60 0.18 -9.66
C ILE B 62 -8.13 -0.45 -8.35
N TRP B 63 -6.80 -0.61 -8.16
CA TRP B 63 -6.25 -1.21 -6.96
C TRP B 63 -6.59 -0.44 -5.68
N VAL B 64 -6.47 0.91 -5.72
CA VAL B 64 -6.93 1.79 -4.66
C VAL B 64 -8.42 1.67 -4.39
N GLY B 65 -9.27 1.69 -5.45
CA GLY B 65 -10.73 1.57 -5.28
C GLY B 65 -11.18 0.25 -4.70
N VAL B 66 -10.65 -0.87 -5.22
CA VAL B 66 -10.89 -2.20 -4.68
C VAL B 66 -10.38 -2.37 -3.26
N GLY B 67 -9.14 -1.93 -2.99
CA GLY B 67 -8.45 -2.15 -1.72
C GLY B 67 -8.94 -1.33 -0.57
N ILE B 68 -9.14 -0.02 -0.76
CA ILE B 68 -9.62 0.89 0.26
C ILE B 68 -11.02 0.54 0.76
N VAL B 69 -11.92 0.20 -0.18
CA VAL B 69 -13.23 -0.36 0.14
C VAL B 69 -13.16 -1.70 0.85
N LEU B 70 -12.28 -2.63 0.38
CA LEU B 70 -12.12 -3.95 0.98
C LEU B 70 -11.69 -3.93 2.43
N ILE B 71 -10.64 -3.16 2.79
CA ILE B 71 -10.18 -3.04 4.17
C ILE B 71 -11.19 -2.35 5.05
N SER B 72 -11.94 -1.37 4.50
CA SER B 72 -13.02 -0.69 5.22
C SER B 72 -14.14 -1.64 5.65
N LEU B 73 -14.63 -2.48 4.72
CA LEU B 73 -15.61 -3.51 5.00
C LEU B 73 -15.12 -4.61 5.95
N LEU B 74 -13.89 -5.10 5.75
CA LEU B 74 -13.25 -6.06 6.65
C LEU B 74 -13.03 -5.53 8.06
N SER B 75 -12.56 -4.27 8.20
CA SER B 75 -12.37 -3.64 9.49
C SER B 75 -13.64 -3.44 10.29
N TRP B 76 -14.70 -2.91 9.66
CA TRP B 76 -16.02 -2.77 10.26
C TRP B 76 -16.65 -4.10 10.66
N GLY B 77 -16.55 -5.11 9.78
CA GLY B 77 -17.31 -6.34 9.90
C GLY B 77 -16.53 -7.53 10.36
N PHE B 78 -15.79 -8.15 9.44
CA PHE B 78 -15.12 -9.42 9.62
C PHE B 78 -14.07 -9.43 10.75
N PHE B 79 -13.22 -8.40 10.85
CA PHE B 79 -12.25 -8.28 11.92
C PHE B 79 -12.87 -7.76 13.22
N GLY B 80 -14.07 -7.15 13.13
CA GLY B 80 -14.87 -6.75 14.29
C GLY B 80 -14.29 -5.61 15.10
N GLN B 81 -13.71 -4.61 14.42
CA GLN B 81 -13.17 -3.43 15.06
C GLN B 81 -14.23 -2.54 15.68
N ARG B 82 -13.90 -1.88 16.80
CA ARG B 82 -14.69 -0.84 17.43
C ARG B 82 -14.98 0.38 16.57
N LEU B 83 -16.24 0.85 16.55
CA LEU B 83 -16.62 1.98 15.70
C LEU B 83 -16.51 3.31 16.46
N ASP B 84 -16.07 3.26 17.74
CA ASP B 84 -15.76 4.42 18.55
C ASP B 84 -14.26 4.61 18.75
N LEU B 85 -13.40 3.77 18.13
CA LEU B 85 -11.97 3.80 18.37
C LEU B 85 -11.28 4.87 17.50
N PRO B 86 -10.55 5.89 18.00
CA PRO B 86 -10.20 7.06 17.19
C PRO B 86 -9.25 6.77 16.04
N ALA B 87 -8.32 5.82 16.19
CA ALA B 87 -7.46 5.39 15.11
C ALA B 87 -8.22 4.83 13.90
N ILE B 88 -9.31 4.07 14.14
CA ILE B 88 -10.24 3.63 13.10
C ILE B 88 -10.96 4.80 12.42
N ILE B 89 -11.42 5.80 13.21
CA ILE B 89 -12.05 7.03 12.69
C ILE B 89 -11.10 7.83 11.80
N GLY B 90 -9.84 7.98 12.21
CA GLY B 90 -8.80 8.61 11.40
C GLY B 90 -8.46 7.85 10.14
N MET B 91 -8.43 6.51 10.23
CA MET B 91 -8.37 5.63 9.07
C MET B 91 -9.52 5.78 8.08
N MET B 92 -10.78 5.88 8.56
CA MET B 92 -11.94 6.21 7.74
C MET B 92 -11.87 7.57 7.05
N LEU B 93 -11.39 8.61 7.74
CA LEU B 93 -11.07 9.91 7.16
C LEU B 93 -10.00 9.85 6.06
N ILE B 94 -8.92 9.07 6.27
CA ILE B 94 -7.94 8.76 5.23
C ILE B 94 -8.56 8.03 4.03
N CYS B 95 -9.40 7.00 4.28
CA CYS B 95 -10.12 6.27 3.24
C CYS B 95 -11.06 7.14 2.41
N ALA B 96 -11.84 8.02 3.06
CA ALA B 96 -12.65 9.02 2.39
C ALA B 96 -11.84 10.00 1.56
N GLY B 97 -10.71 10.50 2.12
CA GLY B 97 -9.79 11.41 1.43
C GLY B 97 -9.12 10.83 0.23
N VAL B 98 -8.66 9.57 0.31
CA VAL B 98 -8.04 8.85 -0.80
C VAL B 98 -8.95 8.69 -2.00
N LEU B 99 -10.21 8.28 -1.77
CA LEU B 99 -11.21 8.12 -2.82
C LEU B 99 -11.58 9.42 -3.50
N ILE B 100 -11.66 10.53 -2.73
CA ILE B 100 -11.83 11.89 -3.25
C ILE B 100 -10.69 12.30 -4.18
N ILE B 101 -9.41 12.07 -3.79
CA ILE B 101 -8.27 12.34 -4.66
C ILE B 101 -8.27 11.46 -5.91
N ASN B 102 -8.54 10.15 -5.78
CA ASN B 102 -8.61 9.19 -6.89
C ASN B 102 -9.66 9.57 -7.94
N LEU B 103 -10.83 10.03 -7.49
CA LEU B 103 -11.93 10.51 -8.31
C LEU B 103 -11.57 11.69 -9.22
N LEU B 104 -10.62 12.55 -8.78
CA LEU B 104 -10.24 13.78 -9.47
C LEU B 104 -8.83 13.76 -10.09
N SER B 105 -8.12 12.63 -10.07
CA SER B 105 -6.73 12.53 -10.54
C SER B 105 -6.56 12.17 -12.04
C2 VCJ C . 0.90 -2.54 -0.62
C5 VCJ C . 1.04 0.26 -0.61
C4 VCJ C . 0.25 -0.42 0.30
C6 VCJ C . 1.79 -0.47 -1.55
C7 VCJ C . 4.37 -2.79 -2.61
P1 VCJ C . 2.58 -2.74 -2.93
C1 VCJ C . 1.72 -1.89 -1.58
C3 VCJ C . 0.17 -1.80 0.31
C8 VCJ C . 5.23 -3.38 -3.59
C9 VCJ C . 6.62 -3.33 -3.42
C10 VCJ C . 7.15 -2.76 -2.29
C11 VCJ C . 6.36 -2.22 -1.29
C12 VCJ C . 4.97 -2.21 -1.45
C13 VCJ C . 1.95 -4.47 -3.10
C14 VCJ C . 1.12 -4.90 -4.18
C15 VCJ C . 0.63 -6.22 -4.24
C16 VCJ C . 0.96 -7.11 -3.24
C17 VCJ C . 1.79 -6.76 -2.19
C18 VCJ C . 2.29 -5.45 -2.12
C19 VCJ C . 2.25 -1.80 -4.47
C20 VCJ C . 0.89 -1.45 -4.71
C21 VCJ C . 0.53 -0.71 -5.84
C22 VCJ C . 1.52 -0.31 -6.73
C23 VCJ C . 2.86 -0.60 -6.52
C24 VCJ C . 3.23 -1.33 -5.39
F13 VCJ C . 0.41 -8.36 -3.26
F18 VCJ C . 1.16 0.36 -7.84
F3 VCJ C . -0.49 0.28 1.19
F8 VCJ C . 8.50 -2.73 -2.16
H1 VCJ C . 0.79 -3.62 -0.58
H3 VCJ C . 1.08 1.34 -0.60
H4 VCJ C . 2.38 0.10 -2.24
H2 VCJ C . -0.47 -2.30 1.03
H13 VCJ C . 4.85 -3.84 -4.48
H14 VCJ C . 7.28 -3.76 -4.17
H15 VCJ C . 6.83 -1.77 -0.42
H16 VCJ C . 4.39 -1.75 -0.68
H5 VCJ C . 0.82 -4.23 -4.97
H6 VCJ C . -0.03 -6.52 -5.04
H7 VCJ C . 2.02 -7.46 -1.40
H8 VCJ C . 2.91 -5.21 -1.27
H9 VCJ C . 0.09 -1.72 -4.05
H10 VCJ C . -0.50 -0.46 -6.02
H11 VCJ C . 3.61 -0.25 -7.21
H12 VCJ C . 4.29 -1.51 -5.24
N TYR A 4 8.71 7.44 15.72
CA TYR A 4 9.69 6.67 14.90
C TYR A 4 9.38 6.85 13.42
N ILE A 5 10.30 6.45 12.52
CA ILE A 5 10.17 6.69 11.08
C ILE A 5 10.20 5.41 10.25
N TYR A 6 9.90 4.23 10.83
CA TYR A 6 10.00 2.94 10.14
C TYR A 6 9.13 2.77 8.90
N LEU A 7 7.84 3.18 8.98
CA LEU A 7 6.89 3.15 7.88
C LEU A 7 7.28 4.06 6.71
N GLY A 8 7.72 5.29 7.02
CA GLY A 8 8.25 6.25 6.05
C GLY A 8 9.45 5.75 5.31
N GLY A 9 10.33 5.00 6.02
CA GLY A 9 11.41 4.23 5.41
C GLY A 9 10.95 3.25 4.35
N ALA A 10 9.90 2.44 4.63
CA ALA A 10 9.31 1.55 3.66
C ALA A 10 8.68 2.24 2.43
N ILE A 11 7.91 3.32 2.66
CA ILE A 11 7.27 4.12 1.63
C ILE A 11 8.27 4.70 0.63
N LEU A 12 9.33 5.32 1.17
CA LEU A 12 10.45 5.83 0.40
C LEU A 12 11.30 4.78 -0.29
N ALA A 13 11.56 3.62 0.34
CA ALA A 13 12.34 2.56 -0.27
C ALA A 13 11.76 2.02 -1.59
N GLU A 14 10.43 1.80 -1.64
CA GLU A 14 9.71 1.44 -2.85
C GLU A 14 9.82 2.52 -3.93
N VAL A 15 9.65 3.79 -3.54
CA VAL A 15 9.78 4.97 -4.40
C VAL A 15 11.13 5.13 -5.05
N ILE A 16 12.25 4.92 -4.32
CA ILE A 16 13.59 4.99 -4.89
C ILE A 16 13.86 3.98 -6.01
N GLY A 17 13.50 2.69 -5.80
CA GLY A 17 13.73 1.65 -6.80
C GLY A 17 12.83 1.76 -8.00
N THR A 18 11.53 2.00 -7.74
CA THR A 18 10.53 2.23 -8.77
C THR A 18 10.84 3.44 -9.62
N THR A 19 11.26 4.57 -9.00
CA THR A 19 11.68 5.77 -9.73
C THR A 19 12.85 5.56 -10.66
N LEU A 20 13.95 4.94 -10.18
CA LEU A 20 15.11 4.66 -11.01
C LEU A 20 14.84 3.69 -12.15
N MET A 21 14.09 2.60 -11.88
CA MET A 21 13.66 1.65 -12.89
C MET A 21 12.73 2.23 -13.94
N LYS A 22 11.70 3.01 -13.53
CA LYS A 22 10.74 3.60 -14.44
C LYS A 22 11.28 4.67 -15.37
N PHE A 23 12.23 5.51 -14.90
CA PHE A 23 12.82 6.55 -15.73
C PHE A 23 14.08 6.08 -16.46
N SER A 24 14.37 4.76 -16.44
CA SER A 24 15.38 4.13 -17.29
C SER A 24 14.68 3.19 -18.26
N GLU A 25 14.56 3.56 -19.56
CA GLU A 25 13.90 2.73 -20.56
C GLU A 25 14.60 1.40 -20.88
N GLY A 26 13.82 0.35 -21.20
CA GLY A 26 14.32 -0.95 -21.65
C GLY A 26 15.29 -1.64 -20.73
N PHE A 27 16.21 -2.45 -21.29
CA PHE A 27 17.20 -3.16 -20.50
C PHE A 27 18.60 -2.64 -20.79
N THR A 28 18.80 -1.84 -21.85
CA THR A 28 20.07 -1.20 -22.21
C THR A 28 20.46 -0.03 -21.31
N ARG A 29 20.54 -0.26 -20.00
CA ARG A 29 20.67 0.80 -19.04
C ARG A 29 21.47 0.41 -17.81
N LEU A 30 22.16 1.41 -17.22
CA LEU A 30 23.09 1.30 -16.10
C LEU A 30 22.47 0.76 -14.83
N TRP A 31 21.21 1.11 -14.51
CA TRP A 31 20.43 0.50 -13.45
C TRP A 31 20.29 -1.02 -13.62
N PRO A 32 20.76 -1.89 -12.72
CA PRO A 32 20.77 -3.33 -12.95
C PRO A 32 19.47 -3.94 -12.47
N SER A 33 19.09 -5.13 -12.99
CA SER A 33 17.86 -5.83 -12.60
C SER A 33 17.82 -6.25 -11.13
N VAL A 34 18.97 -6.53 -10.50
CA VAL A 34 19.04 -6.80 -9.06
C VAL A 34 18.80 -5.54 -8.21
N GLY A 35 19.01 -4.33 -8.76
CA GLY A 35 18.85 -3.06 -8.05
C GLY A 35 17.46 -2.78 -7.55
N THR A 36 16.43 -3.04 -8.38
CA THR A 36 15.03 -2.93 -8.01
C THR A 36 14.64 -3.92 -6.93
N ILE A 37 15.12 -5.19 -7.04
CA ILE A 37 14.91 -6.25 -6.06
C ILE A 37 15.47 -5.91 -4.69
N ILE A 38 16.69 -5.31 -4.62
CA ILE A 38 17.29 -4.81 -3.39
C ILE A 38 16.42 -3.75 -2.70
N CYS A 39 15.91 -2.77 -3.47
CA CYS A 39 15.02 -1.73 -2.97
C CYS A 39 13.69 -2.23 -2.42
N TYR A 40 13.03 -3.17 -3.12
CA TYR A 40 11.84 -3.84 -2.63
C TYR A 40 12.07 -4.69 -1.39
N CYS A 41 13.20 -5.43 -1.31
CA CYS A 41 13.59 -6.16 -0.09
C CYS A 41 13.79 -5.24 1.12
N ALA A 42 14.43 -4.07 0.91
CA ALA A 42 14.53 -3.02 1.89
C ALA A 42 13.18 -2.44 2.36
N SER A 43 12.25 -2.18 1.41
CA SER A 43 10.89 -1.74 1.73
C SER A 43 10.11 -2.76 2.55
N PHE A 44 10.10 -4.03 2.13
CA PHE A 44 9.45 -5.11 2.84
C PHE A 44 10.05 -5.40 4.21
N TRP A 45 11.39 -5.35 4.34
CA TRP A 45 12.05 -5.46 5.63
C TRP A 45 11.66 -4.35 6.61
N LEU A 46 11.61 -3.09 6.13
CA LEU A 46 11.10 -1.97 6.90
C LEU A 46 9.61 -2.09 7.23
N LEU A 47 8.76 -2.62 6.32
CA LEU A 47 7.40 -3.00 6.65
C LEU A 47 7.31 -4.08 7.74
N ALA A 48 8.14 -5.15 7.66
CA ALA A 48 8.26 -6.16 8.68
C ALA A 48 8.71 -5.61 10.04
N GLN A 49 9.66 -4.66 10.06
CA GLN A 49 9.97 -3.86 11.24
C GLN A 49 8.79 -3.00 11.72
N THR A 50 8.06 -2.34 10.79
CA THR A 50 6.96 -1.42 11.05
C THR A 50 5.83 -2.00 11.84
N LEU A 51 5.41 -3.25 11.53
CA LEU A 51 4.20 -3.85 12.09
C LEU A 51 4.27 -4.16 13.59
N ALA A 52 5.48 -4.09 14.20
CA ALA A 52 5.67 -4.03 15.63
C ALA A 52 5.04 -2.78 16.27
N TYR A 53 5.03 -1.65 15.54
CA TYR A 53 4.61 -0.35 16.02
C TYR A 53 3.25 0.07 15.46
N ILE A 54 3.00 -0.16 14.14
CA ILE A 54 1.76 0.26 13.49
C ILE A 54 1.10 -0.96 12.83
N PRO A 55 -0.05 -1.48 13.31
CA PRO A 55 -0.81 -2.58 12.71
C PRO A 55 -1.15 -2.50 11.22
N THR A 56 -1.41 -3.65 10.57
CA THR A 56 -1.53 -3.79 9.11
C THR A 56 -2.51 -2.85 8.44
N GLY A 57 -3.74 -2.70 8.98
CA GLY A 57 -4.75 -1.83 8.39
C GLY A 57 -4.44 -0.37 8.59
N ILE A 58 -3.91 -0.04 9.78
CA ILE A 58 -3.48 1.31 10.15
C ILE A 58 -2.27 1.76 9.32
N ALA A 59 -1.28 0.87 9.12
CA ALA A 59 -0.15 1.07 8.23
C ALA A 59 -0.56 1.21 6.77
N TYR A 60 -1.52 0.38 6.32
CA TYR A 60 -2.11 0.48 4.99
C TYR A 60 -2.80 1.82 4.73
N ALA A 61 -3.60 2.31 5.69
CA ALA A 61 -4.23 3.62 5.58
C ALA A 61 -3.23 4.77 5.45
N ILE A 62 -2.16 4.77 6.28
CA ILE A 62 -1.08 5.74 6.15
C ILE A 62 -0.33 5.66 4.82
N TRP A 63 0.07 4.45 4.37
CA TRP A 63 0.78 4.28 3.11
C TRP A 63 -0.07 4.69 1.91
N VAL A 64 -1.35 4.25 1.81
CA VAL A 64 -2.23 4.62 0.71
C VAL A 64 -2.59 6.10 0.71
N GLY A 65 -2.73 6.73 1.90
CA GLY A 65 -2.94 8.17 2.03
C GLY A 65 -1.85 9.02 1.44
N VAL A 66 -0.57 8.65 1.69
CA VAL A 66 0.58 9.18 0.97
C VAL A 66 0.59 8.76 -0.51
N GLY A 67 0.30 7.48 -0.77
CA GLY A 67 0.35 6.84 -2.08
C GLY A 67 -0.54 7.44 -3.13
N ILE A 68 -1.77 7.82 -2.75
CA ILE A 68 -2.71 8.50 -3.64
C ILE A 68 -2.32 9.94 -3.87
N VAL A 69 -1.58 10.58 -2.95
CA VAL A 69 -1.09 11.94 -3.14
C VAL A 69 0.10 11.96 -4.10
N LEU A 70 0.80 10.83 -4.24
CA LEU A 70 1.87 10.63 -5.21
C LEU A 70 1.39 9.86 -6.46
N ILE A 71 0.07 9.76 -6.73
CA ILE A 71 -0.45 9.09 -7.91
C ILE A 71 0.00 9.69 -9.24
N SER A 72 0.08 11.03 -9.36
CA SER A 72 0.54 11.68 -10.58
C SER A 72 2.04 11.56 -10.74
N LEU A 73 2.80 11.45 -9.63
CA LEU A 73 4.18 11.00 -9.69
C LEU A 73 4.36 9.58 -10.22
N LEU A 74 3.53 8.61 -9.78
CA LEU A 74 3.48 7.27 -10.36
C LEU A 74 3.02 7.21 -11.82
N SER A 75 1.97 7.98 -12.20
CA SER A 75 1.32 7.88 -13.50
C SER A 75 1.87 8.83 -14.56
N TRP A 76 2.21 10.08 -14.18
CA TRP A 76 2.69 11.09 -15.12
C TRP A 76 4.18 11.31 -14.94
N GLY A 77 4.65 11.52 -13.70
CA GLY A 77 6.07 11.65 -13.37
C GLY A 77 6.37 12.89 -12.60
N PHE A 78 5.32 13.70 -12.34
CA PHE A 78 5.47 14.93 -11.61
C PHE A 78 4.04 15.31 -11.21
N PHE A 79 3.89 16.41 -10.46
CA PHE A 79 2.62 16.96 -10.06
C PHE A 79 1.67 17.36 -11.20
N GLY A 80 0.36 17.27 -10.92
CA GLY A 80 -0.69 17.91 -11.68
C GLY A 80 -0.78 19.40 -11.41
N GLN A 81 -1.78 20.05 -12.00
CA GLN A 81 -2.08 21.45 -11.77
C GLN A 81 -2.97 21.69 -10.56
N ARG A 82 -3.17 22.97 -10.17
CA ARG A 82 -4.03 23.47 -9.09
C ARG A 82 -5.29 22.68 -8.70
N LEU A 83 -5.52 22.50 -7.39
CA LEU A 83 -6.57 21.61 -6.92
C LEU A 83 -7.97 22.20 -6.93
N ASP A 84 -8.97 21.39 -7.35
CA ASP A 84 -10.38 21.75 -7.29
C ASP A 84 -10.91 21.63 -5.86
N LEU A 85 -11.97 22.41 -5.51
CA LEU A 85 -12.54 22.43 -4.17
C LEU A 85 -12.99 21.08 -3.59
N PRO A 86 -13.65 20.14 -4.29
CA PRO A 86 -13.93 18.82 -3.73
C PRO A 86 -12.67 17.99 -3.55
N ALA A 87 -11.67 18.12 -4.44
CA ALA A 87 -10.37 17.49 -4.29
C ALA A 87 -9.62 17.96 -3.05
N ILE A 88 -9.66 19.28 -2.76
CA ILE A 88 -9.15 19.88 -1.53
C ILE A 88 -9.82 19.32 -0.27
N ILE A 89 -11.15 19.15 -0.28
CA ILE A 89 -11.91 18.48 0.77
C ILE A 89 -11.45 17.03 0.98
N GLY A 90 -11.16 16.31 -0.13
CA GLY A 90 -10.49 15.01 -0.12
C GLY A 90 -9.15 15.00 0.59
N MET A 91 -8.28 15.99 0.33
CA MET A 91 -7.02 16.19 1.02
C MET A 91 -7.17 16.43 2.51
N MET A 92 -8.19 17.23 2.91
CA MET A 92 -8.52 17.50 4.30
C MET A 92 -8.82 16.23 5.10
N LEU A 93 -9.54 15.27 4.49
CA LEU A 93 -9.79 13.95 5.09
C LEU A 93 -8.53 13.15 5.38
N ILE A 94 -7.57 13.09 4.42
CA ILE A 94 -6.27 12.46 4.64
C ILE A 94 -5.46 13.17 5.72
N CYS A 95 -5.39 14.51 5.67
CA CYS A 95 -4.66 15.33 6.64
C CYS A 95 -5.16 15.18 8.07
N ALA A 96 -6.50 15.18 8.25
CA ALA A 96 -7.16 14.91 9.51
C ALA A 96 -6.90 13.51 10.04
N GLY A 97 -6.98 12.47 9.18
CA GLY A 97 -6.73 11.08 9.53
C GLY A 97 -5.31 10.77 9.93
N VAL A 98 -4.32 11.34 9.21
CA VAL A 98 -2.92 11.30 9.58
C VAL A 98 -2.64 11.96 10.93
N LEU A 99 -3.26 13.13 11.20
CA LEU A 99 -3.16 13.81 12.49
C LEU A 99 -3.68 12.97 13.66
N ILE A 100 -4.83 12.29 13.51
CA ILE A 100 -5.38 11.38 14.51
C ILE A 100 -4.43 10.24 14.87
N ILE A 101 -3.74 9.66 13.87
CA ILE A 101 -2.79 8.58 14.08
C ILE A 101 -1.50 9.08 14.76
N ASN A 102 -1.22 10.40 14.72
CA ASN A 102 -0.16 11.03 15.49
C ASN A 102 -0.58 11.41 16.90
N LEU A 103 -1.88 11.36 17.24
CA LEU A 103 -2.37 11.75 18.56
C LEU A 103 -2.66 10.56 19.47
N LEU A 104 -2.34 9.33 19.02
CA LEU A 104 -2.43 8.11 19.81
C LEU A 104 -1.48 8.05 21.01
N SER A 105 -1.89 7.32 22.07
CA SER A 105 -1.18 7.22 23.34
C SER A 105 -0.12 6.10 23.43
N TYR B 4 -8.72 -16.62 -14.18
CA TYR B 4 -9.16 -15.39 -13.47
C TYR B 4 -8.21 -14.22 -13.73
N ILE B 5 -8.66 -12.96 -13.52
CA ILE B 5 -7.83 -11.77 -13.65
C ILE B 5 -6.62 -11.67 -12.71
N TYR B 6 -5.47 -11.22 -13.26
CA TYR B 6 -4.28 -10.84 -12.50
C TYR B 6 -4.53 -9.69 -11.54
N LEU B 7 -5.29 -8.68 -11.99
CA LEU B 7 -5.69 -7.53 -11.20
C LEU B 7 -6.51 -7.87 -9.95
N GLY B 8 -7.44 -8.85 -10.07
CA GLY B 8 -8.17 -9.40 -8.93
C GLY B 8 -7.31 -10.25 -8.04
N GLY B 9 -6.33 -10.95 -8.64
CA GLY B 9 -5.28 -11.68 -7.92
C GLY B 9 -4.43 -10.79 -7.04
N ALA B 10 -4.06 -9.60 -7.53
CA ALA B 10 -3.39 -8.57 -6.76
C ALA B 10 -4.19 -8.04 -5.57
N ILE B 11 -5.51 -7.83 -5.73
CA ILE B 11 -6.42 -7.53 -4.63
C ILE B 11 -6.48 -8.65 -3.60
N LEU B 12 -6.63 -9.90 -4.07
CA LEU B 12 -6.61 -11.09 -3.25
C LEU B 12 -5.31 -11.31 -2.50
N ALA B 13 -4.14 -11.09 -3.14
CA ALA B 13 -2.84 -11.31 -2.54
C ALA B 13 -2.60 -10.49 -1.28
N GLU B 14 -2.95 -9.19 -1.30
CA GLU B 14 -2.93 -8.34 -0.11
C GLU B 14 -3.87 -8.81 0.99
N VAL B 15 -5.11 -9.20 0.63
CA VAL B 15 -6.09 -9.78 1.55
C VAL B 15 -5.62 -11.08 2.19
N ILE B 16 -5.01 -12.02 1.42
CA ILE B 16 -4.39 -13.22 1.95
C ILE B 16 -3.24 -12.92 2.91
N GLY B 17 -2.34 -11.98 2.55
CA GLY B 17 -1.23 -11.57 3.41
C GLY B 17 -1.67 -10.95 4.71
N THR B 18 -2.66 -10.05 4.64
CA THR B 18 -3.35 -9.53 5.83
C THR B 18 -4.02 -10.61 6.65
N THR B 19 -4.74 -11.55 5.99
CA THR B 19 -5.43 -12.67 6.65
C THR B 19 -4.48 -13.57 7.41
N LEU B 20 -3.31 -13.91 6.83
CA LEU B 20 -2.23 -14.63 7.46
C LEU B 20 -1.65 -13.95 8.69
N MET B 21 -1.51 -12.60 8.66
CA MET B 21 -1.08 -11.81 9.80
C MET B 21 -2.09 -11.80 10.96
N LYS B 22 -3.40 -11.83 10.67
CA LYS B 22 -4.40 -11.97 11.72
C LYS B 22 -4.55 -13.41 12.23
N PHE B 23 -4.36 -14.41 11.35
CA PHE B 23 -4.40 -15.84 11.65
C PHE B 23 -3.35 -16.27 12.68
N SER B 24 -2.11 -15.78 12.53
CA SER B 24 -1.11 -15.84 13.59
C SER B 24 -0.27 -14.60 13.48
N GLU B 25 -0.01 -13.91 14.59
CA GLU B 25 0.84 -12.73 14.60
C GLU B 25 2.28 -13.01 14.16
N GLY B 26 2.85 -14.13 14.66
CA GLY B 26 4.20 -14.60 14.33
C GLY B 26 4.20 -16.03 13.87
N PHE B 27 5.38 -16.64 13.79
CA PHE B 27 5.60 -18.04 13.47
C PHE B 27 5.01 -19.01 14.51
N THR B 28 4.41 -20.14 14.09
CA THR B 28 3.72 -21.09 14.98
C THR B 28 3.71 -22.44 14.29
N ARG B 29 3.11 -23.49 14.89
CA ARG B 29 3.05 -24.85 14.35
C ARG B 29 2.36 -24.98 12.98
N LEU B 30 2.83 -25.95 12.16
CA LEU B 30 2.35 -26.20 10.81
C LEU B 30 2.55 -25.03 9.84
N TRP B 31 3.54 -24.17 10.11
CA TRP B 31 3.78 -22.96 9.33
C TRP B 31 5.13 -23.15 8.62
N PRO B 32 5.23 -23.23 7.29
CA PRO B 32 6.50 -23.21 6.56
C PRO B 32 7.47 -22.10 6.96
N SER B 33 8.77 -22.42 7.15
CA SER B 33 9.78 -21.47 7.63
C SER B 33 9.97 -20.28 6.69
N VAL B 34 10.01 -20.55 5.38
CA VAL B 34 10.16 -19.53 4.35
C VAL B 34 8.81 -19.05 3.83
N GLY B 35 7.70 -19.38 4.55
CA GLY B 35 6.32 -19.01 4.22
C GLY B 35 6.09 -17.55 3.93
N THR B 36 6.60 -16.64 4.78
CA THR B 36 6.50 -15.20 4.61
C THR B 36 7.10 -14.68 3.31
N ILE B 37 8.34 -15.11 2.98
CA ILE B 37 9.00 -14.78 1.73
C ILE B 37 8.34 -15.40 0.50
N ILE B 38 7.86 -16.66 0.59
CA ILE B 38 7.07 -17.28 -0.48
C ILE B 38 5.79 -16.51 -0.78
N CYS B 39 5.07 -16.05 0.27
CA CYS B 39 3.91 -15.18 0.12
C CYS B 39 4.22 -13.86 -0.58
N TYR B 40 5.35 -13.20 -0.23
CA TYR B 40 5.85 -12.04 -0.95
C TYR B 40 6.23 -12.32 -2.41
N CYS B 41 6.93 -13.43 -2.71
CA CYS B 41 7.24 -13.84 -4.07
C CYS B 41 6.02 -14.13 -4.93
N ALA B 42 5.03 -14.87 -4.40
CA ALA B 42 3.76 -15.10 -5.06
C ALA B 42 2.96 -13.82 -5.29
N SER B 43 2.89 -12.95 -4.27
CA SER B 43 2.25 -11.63 -4.36
C SER B 43 2.90 -10.70 -5.37
N PHE B 44 4.25 -10.61 -5.37
CA PHE B 44 5.02 -9.85 -6.32
C PHE B 44 4.87 -10.36 -7.75
N TRP B 45 4.83 -11.70 -7.95
CA TRP B 45 4.58 -12.31 -9.25
C TRP B 45 3.24 -11.88 -9.86
N LEU B 46 2.17 -11.86 -9.06
CA LEU B 46 0.86 -11.33 -9.42
C LEU B 46 0.85 -9.84 -9.74
N LEU B 47 1.58 -9.02 -8.96
CA LEU B 47 1.80 -7.62 -9.27
C LEU B 47 2.52 -7.44 -10.61
N ALA B 48 3.59 -8.23 -10.84
CA ALA B 48 4.33 -8.23 -12.08
C ALA B 48 3.49 -8.61 -13.29
N GLN B 49 2.63 -9.64 -13.17
CA GLN B 49 1.64 -9.99 -14.18
C GLN B 49 0.61 -8.88 -14.43
N THR B 50 0.13 -8.22 -13.35
CA THR B 50 -0.80 -7.09 -13.44
C THR B 50 -0.22 -5.90 -14.20
N LEU B 51 1.04 -5.52 -13.91
CA LEU B 51 1.67 -4.37 -14.53
C LEU B 51 2.34 -4.70 -15.86
N ALA B 52 2.47 -5.99 -16.22
CA ALA B 52 2.77 -6.40 -17.58
C ALA B 52 1.67 -6.07 -18.60
N TYR B 53 0.39 -6.32 -18.27
CA TYR B 53 -0.70 -6.26 -19.23
C TYR B 53 -1.60 -5.04 -19.09
N ILE B 54 -1.44 -4.25 -18.02
CA ILE B 54 -2.27 -3.08 -17.75
C ILE B 54 -1.35 -1.88 -17.49
N PRO B 55 -1.50 -0.69 -18.07
CA PRO B 55 -0.92 0.56 -17.59
C PRO B 55 -0.93 0.82 -16.08
N THR B 56 0.23 1.16 -15.49
CA THR B 56 0.45 1.24 -14.05
C THR B 56 -0.44 2.22 -13.33
N GLY B 57 -0.60 3.45 -13.86
CA GLY B 57 -1.41 4.49 -13.24
C GLY B 57 -2.89 4.25 -13.30
N ILE B 58 -3.33 3.37 -14.23
CA ILE B 58 -4.72 3.00 -14.40
C ILE B 58 -5.02 1.78 -13.55
N ALA B 59 -4.12 0.77 -13.55
CA ALA B 59 -4.19 -0.39 -12.68
C ALA B 59 -4.16 -0.06 -11.19
N TYR B 60 -3.26 0.86 -10.77
CA TYR B 60 -3.15 1.35 -9.41
C TYR B 60 -4.43 2.04 -8.94
N ALA B 61 -5.05 2.86 -9.82
CA ALA B 61 -6.33 3.49 -9.58
C ALA B 61 -7.47 2.49 -9.32
N ILE B 62 -7.56 1.41 -10.13
CA ILE B 62 -8.47 0.30 -9.87
C ILE B 62 -8.15 -0.41 -8.56
N TRP B 63 -6.86 -0.75 -8.34
CA TRP B 63 -6.39 -1.49 -7.18
C TRP B 63 -6.62 -0.78 -5.84
N VAL B 64 -6.34 0.53 -5.78
CA VAL B 64 -6.69 1.38 -4.65
C VAL B 64 -8.19 1.50 -4.44
N GLY B 65 -8.97 1.75 -5.53
CA GLY B 65 -10.42 1.96 -5.44
C GLY B 65 -11.20 0.76 -4.96
N VAL B 66 -10.87 -0.43 -5.48
CA VAL B 66 -11.37 -1.70 -4.96
C VAL B 66 -10.90 -1.99 -3.54
N GLY B 67 -9.59 -1.81 -3.25
CA GLY B 67 -8.98 -2.19 -1.99
C GLY B 67 -9.43 -1.43 -0.78
N ILE B 68 -9.53 -0.08 -0.89
CA ILE B 68 -9.97 0.78 0.19
C ILE B 68 -11.38 0.45 0.65
N VAL B 69 -12.30 0.25 -0.33
CA VAL B 69 -13.66 -0.19 -0.09
C VAL B 69 -13.74 -1.58 0.52
N LEU B 70 -13.03 -2.56 -0.07
CA LEU B 70 -13.06 -3.94 0.38
C LEU B 70 -12.54 -4.16 1.80
N ILE B 71 -11.38 -3.57 2.12
CA ILE B 71 -10.79 -3.60 3.45
C ILE B 71 -11.63 -2.87 4.48
N SER B 72 -12.24 -1.71 4.11
CA SER B 72 -13.22 -1.03 4.95
C SER B 72 -14.45 -1.86 5.26
N LEU B 73 -15.02 -2.57 4.25
CA LEU B 73 -16.12 -3.51 4.42
C LEU B 73 -15.82 -4.70 5.32
N LEU B 74 -14.63 -5.34 5.15
CA LEU B 74 -14.22 -6.51 5.93
C LEU B 74 -13.74 -6.20 7.34
N SER B 75 -13.38 -4.93 7.63
CA SER B 75 -12.76 -4.57 8.89
C SER B 75 -13.54 -4.83 10.16
N TRP B 76 -14.83 -4.45 10.27
CA TRP B 76 -15.62 -4.66 11.47
C TRP B 76 -15.83 -6.13 11.82
N GLY B 77 -16.24 -6.96 10.85
CA GLY B 77 -16.60 -8.35 11.08
C GLY B 77 -15.44 -9.29 10.93
N PHE B 78 -14.95 -9.45 9.70
CA PHE B 78 -13.90 -10.41 9.38
C PHE B 78 -12.55 -10.15 10.08
N PHE B 79 -12.09 -8.89 10.15
CA PHE B 79 -10.85 -8.58 10.82
C PHE B 79 -11.07 -8.12 12.26
N GLY B 80 -12.34 -8.05 12.72
CA GLY B 80 -12.71 -7.79 14.10
C GLY B 80 -12.38 -6.42 14.63
N GLN B 81 -12.28 -5.41 13.76
CA GLN B 81 -11.93 -4.07 14.15
C GLN B 81 -13.06 -3.35 14.84
N ARG B 82 -12.74 -2.59 15.90
CA ARG B 82 -13.70 -1.80 16.63
C ARG B 82 -13.70 -0.39 16.07
N LEU B 83 -14.85 0.07 15.54
CA LEU B 83 -14.86 1.27 14.72
C LEU B 83 -14.85 2.56 15.52
N ASP B 84 -15.10 2.45 16.84
CA ASP B 84 -15.20 3.56 17.74
C ASP B 84 -13.91 3.77 18.55
N LEU B 85 -12.81 3.10 18.14
CA LEU B 85 -11.47 3.39 18.62
C LEU B 85 -10.84 4.51 17.77
N PRO B 86 -10.33 5.63 18.31
CA PRO B 86 -9.67 6.70 17.58
C PRO B 86 -8.70 6.33 16.47
N ALA B 87 -7.79 5.35 16.69
CA ALA B 87 -6.88 4.88 15.65
C ALA B 87 -7.60 4.35 14.40
N ILE B 88 -8.66 3.55 14.61
CA ILE B 88 -9.55 3.04 13.57
C ILE B 88 -10.35 4.14 12.89
N ILE B 89 -10.84 5.14 13.64
CA ILE B 89 -11.48 6.33 13.10
C ILE B 89 -10.54 7.12 12.17
N GLY B 90 -9.25 7.27 12.57
CA GLY B 90 -8.21 7.85 11.71
C GLY B 90 -7.99 7.11 10.41
N MET B 91 -7.94 5.76 10.47
CA MET B 91 -7.93 4.90 9.31
C MET B 91 -9.13 5.07 8.39
N MET B 92 -10.35 5.13 8.97
CA MET B 92 -11.59 5.43 8.25
C MET B 92 -11.62 6.79 7.55
N LEU B 93 -11.11 7.85 8.20
CA LEU B 93 -10.94 9.15 7.58
C LEU B 93 -10.01 9.20 6.39
N ILE B 94 -8.84 8.51 6.43
CA ILE B 94 -7.97 8.41 5.26
C ILE B 94 -8.66 7.69 4.10
N CYS B 95 -9.37 6.57 4.39
CA CYS B 95 -10.13 5.80 3.42
C CYS B 95 -11.17 6.60 2.66
N ALA B 96 -11.92 7.47 3.36
CA ALA B 96 -12.83 8.43 2.76
C ALA B 96 -12.18 9.42 1.79
N GLY B 97 -10.99 9.94 2.15
CA GLY B 97 -10.25 10.90 1.32
C GLY B 97 -9.69 10.31 0.05
N VAL B 98 -9.13 9.09 0.13
CA VAL B 98 -8.47 8.38 -0.97
C VAL B 98 -9.37 8.17 -2.18
N LEU B 99 -10.64 7.76 -1.98
CA LEU B 99 -11.60 7.59 -3.06
C LEU B 99 -11.89 8.88 -3.82
N ILE B 100 -12.05 10.01 -3.09
CA ILE B 100 -12.21 11.34 -3.65
C ILE B 100 -11.00 11.80 -4.47
N ILE B 101 -9.77 11.64 -3.94
CA ILE B 101 -8.55 11.96 -4.68
C ILE B 101 -8.36 11.12 -5.94
N ASN B 102 -8.60 9.80 -5.87
CA ASN B 102 -8.44 8.88 -6.99
C ASN B 102 -9.34 9.23 -8.20
N LEU B 103 -10.63 9.52 -7.91
CA LEU B 103 -11.61 9.97 -8.88
C LEU B 103 -11.27 11.30 -9.55
N LEU B 104 -10.73 12.26 -8.78
CA LEU B 104 -10.43 13.61 -9.22
C LEU B 104 -8.98 13.86 -9.61
N SER B 105 -8.14 12.82 -9.73
CA SER B 105 -6.76 12.97 -10.21
C SER B 105 -6.63 12.57 -11.69
C2 VCJ C . 1.14 -0.52 -2.06
C5 VCJ C . 0.66 -1.79 0.39
C4 VCJ C . 0.28 -0.47 0.18
C6 VCJ C . 1.30 -2.50 -0.64
C7 VCJ C . 4.26 -2.66 -2.95
P1 VCJ C . 2.45 -2.73 -3.24
C1 VCJ C . 1.56 -1.87 -1.90
C3 VCJ C . 0.52 0.18 -1.02
C8 VCJ C . 5.19 -2.91 -4.00
C9 VCJ C . 6.56 -2.96 -3.77
C10 VCJ C . 7.04 -2.75 -2.48
C11 VCJ C . 6.19 -2.46 -1.42
C12 VCJ C . 4.81 -2.42 -1.65
C13 VCJ C . 1.89 -4.48 -3.35
C14 VCJ C . 2.72 -5.52 -3.83
C15 VCJ C . 2.18 -6.77 -4.18
C16 VCJ C . 0.83 -6.99 -3.99
C17 VCJ C . -0.01 -6.03 -3.46
C18 VCJ C . 0.51 -4.78 -3.11
C19 VCJ C . 2.03 -1.93 -4.84
C20 VCJ C . 0.97 -2.39 -5.66
C21 VCJ C . 0.65 -1.76 -6.88
C22 VCJ C . 1.41 -0.68 -7.28
C23 VCJ C . 2.43 -0.16 -6.50
C24 VCJ C . 2.75 -0.78 -5.29
F13 VCJ C . 0.30 -8.20 -4.33
F18 VCJ C . 1.16 -0.09 -8.48
F3 VCJ C . -0.31 0.21 1.19
F8 VCJ C . 8.37 -2.82 -2.26
H1 VCJ C . 1.30 0.02 -2.98
H3 VCJ C . 0.49 -2.26 1.35
H4 VCJ C . 1.59 -3.51 -0.42
H2 VCJ C . 0.23 1.20 -1.14
H13 VCJ C . 4.86 -3.05 -5.03
H14 VCJ C . 7.25 -3.14 -4.57
H15 VCJ C . 6.60 -2.29 -0.45
H16 VCJ C . 4.18 -2.20 -0.80
H5 VCJ C . 3.78 -5.37 -4.01
H6 VCJ C . 2.81 -7.55 -4.58
H7 VCJ C . -1.06 -6.25 -3.32
H8 VCJ C . -0.17 -4.05 -2.73
H9 VCJ C . 0.36 -3.24 -5.39
H10 VCJ C . -0.14 -2.14 -7.50
H11 VCJ C . 2.97 0.72 -6.81
H12 VCJ C . 3.56 -0.36 -4.72
N TYR A 4 9.52 4.23 16.18
CA TYR A 4 10.04 3.26 15.17
C TYR A 4 10.39 3.91 13.84
N ILE A 5 11.29 3.28 13.05
CA ILE A 5 11.74 3.78 11.75
C ILE A 5 11.50 2.78 10.63
N TYR A 6 10.82 1.65 10.90
CA TYR A 6 10.51 0.63 9.90
C TYR A 6 9.64 1.15 8.75
N LEU A 7 8.59 1.93 9.09
CA LEU A 7 7.68 2.53 8.11
C LEU A 7 8.35 3.47 7.12
N GLY A 8 9.22 4.37 7.61
CA GLY A 8 10.02 5.24 6.74
C GLY A 8 10.98 4.47 5.88
N GLY A 9 11.57 3.39 6.43
CA GLY A 9 12.41 2.47 5.67
C GLY A 9 11.68 1.71 4.60
N ALA A 10 10.45 1.24 4.88
CA ALA A 10 9.58 0.62 3.91
C ALA A 10 9.21 1.53 2.74
N ILE A 11 8.82 2.80 3.03
CA ILE A 11 8.58 3.83 2.03
C ILE A 11 9.82 4.19 1.22
N LEU A 12 10.98 4.43 1.88
CA LEU A 12 12.23 4.74 1.21
C LEU A 12 12.73 3.62 0.32
N ALA A 13 12.65 2.36 0.79
CA ALA A 13 12.97 1.18 0.02
C ALA A 13 12.09 1.00 -1.22
N GLU A 14 10.77 1.30 -1.15
CA GLU A 14 9.90 1.28 -2.32
C GLU A 14 10.35 2.20 -3.44
N VAL A 15 10.65 3.48 -3.13
CA VAL A 15 11.10 4.46 -4.11
C VAL A 15 12.45 4.10 -4.70
N ILE A 16 13.41 3.72 -3.83
CA ILE A 16 14.76 3.29 -4.22
C ILE A 16 14.75 2.07 -5.13
N GLY A 17 13.97 1.02 -4.79
CA GLY A 17 13.84 -0.18 -5.62
C GLY A 17 13.16 0.07 -6.94
N THR A 18 12.04 0.85 -6.93
CA THR A 18 11.28 1.20 -8.13
C THR A 18 12.12 1.96 -9.12
N THR A 19 12.92 2.94 -8.64
CA THR A 19 13.78 3.78 -9.47
C THR A 19 14.83 2.98 -10.22
N LEU A 20 15.51 2.04 -9.52
CA LEU A 20 16.45 1.12 -10.13
C LEU A 20 15.84 0.15 -11.15
N MET A 21 14.67 -0.44 -10.84
CA MET A 21 13.96 -1.36 -11.71
C MET A 21 13.50 -0.74 -13.03
N LYS A 22 12.92 0.47 -12.92
CA LYS A 22 12.34 1.25 -14.00
C LYS A 22 13.30 1.59 -15.13
N PHE A 23 14.53 1.99 -14.78
CA PHE A 23 15.52 2.44 -15.75
C PHE A 23 16.52 1.36 -16.14
N SER A 24 16.37 0.11 -15.63
CA SER A 24 17.24 -0.98 -16.04
C SER A 24 16.80 -1.60 -17.36
N GLU A 25 17.60 -1.45 -18.42
CA GLU A 25 17.30 -1.89 -19.77
C GLU A 25 18.46 -2.69 -20.35
N GLY A 26 18.21 -3.87 -20.97
CA GLY A 26 19.22 -4.77 -21.51
C GLY A 26 20.32 -5.26 -20.58
N PHE A 27 21.39 -5.85 -21.15
CA PHE A 27 22.45 -6.48 -20.37
C PHE A 27 23.73 -5.64 -20.20
N THR A 28 23.87 -4.47 -20.84
CA THR A 28 25.20 -3.84 -20.99
C THR A 28 25.60 -2.97 -19.81
N ARG A 29 24.64 -2.75 -18.90
CA ARG A 29 24.78 -2.10 -17.61
C ARG A 29 25.72 -2.78 -16.62
N LEU A 30 26.59 -2.02 -15.94
CA LEU A 30 27.37 -2.51 -14.81
C LEU A 30 26.49 -2.95 -13.63
N TRP A 31 25.37 -2.25 -13.37
CA TRP A 31 24.40 -2.60 -12.34
C TRP A 31 23.75 -3.99 -12.53
N PRO A 32 23.63 -4.87 -11.53
CA PRO A 32 23.00 -6.17 -11.69
C PRO A 32 21.55 -6.18 -11.24
N SER A 33 20.70 -7.02 -11.86
CA SER A 33 19.30 -7.21 -11.51
C SER A 33 19.05 -7.61 -10.07
N VAL A 34 19.91 -8.49 -9.50
CA VAL A 34 19.90 -8.87 -8.09
C VAL A 34 20.04 -7.68 -7.13
N GLY A 35 20.84 -6.65 -7.49
CA GLY A 35 21.01 -5.44 -6.68
C GLY A 35 19.72 -4.70 -6.42
N THR A 36 18.90 -4.56 -7.48
CA THR A 36 17.52 -4.04 -7.40
C THR A 36 16.58 -4.91 -6.60
N ILE A 37 16.65 -6.24 -6.78
CA ILE A 37 15.81 -7.22 -6.07
C ILE A 37 15.95 -7.12 -4.56
N ILE A 38 17.20 -6.97 -4.06
CA ILE A 38 17.50 -6.71 -2.67
C ILE A 38 16.86 -5.41 -2.15
N CYS A 39 16.85 -4.33 -2.95
CA CYS A 39 16.15 -3.09 -2.62
C CYS A 39 14.65 -3.26 -2.42
N TYR A 40 13.96 -4.04 -3.27
CA TYR A 40 12.60 -4.49 -2.99
C TYR A 40 12.46 -5.37 -1.75
N CYS A 41 13.39 -6.35 -1.55
CA CYS A 41 13.40 -7.24 -0.40
C CYS A 41 13.48 -6.53 0.94
N ALA A 42 14.26 -5.44 1.00
CA ALA A 42 14.29 -4.53 2.13
C ALA A 42 12.95 -3.89 2.46
N SER A 43 12.19 -3.42 1.44
CA SER A 43 10.84 -2.89 1.66
C SER A 43 9.89 -3.92 2.24
N PHE A 44 9.89 -5.17 1.71
CA PHE A 44 9.11 -6.26 2.26
C PHE A 44 9.50 -6.65 3.69
N TRP A 45 10.81 -6.78 3.98
CA TRP A 45 11.31 -7.10 5.31
C TRP A 45 10.96 -6.04 6.36
N LEU A 46 11.16 -4.75 6.03
CA LEU A 46 10.79 -3.61 6.84
C LEU A 46 9.29 -3.43 7.05
N LEU A 47 8.45 -3.62 6.01
CA LEU A 47 7.00 -3.62 6.16
C LEU A 47 6.49 -4.74 7.08
N ALA A 48 7.04 -5.96 6.94
CA ALA A 48 6.74 -7.06 7.85
C ALA A 48 7.09 -6.78 9.31
N GLN A 49 8.27 -6.17 9.57
CA GLN A 49 8.59 -5.59 10.88
C GLN A 49 7.66 -4.48 11.34
N THR A 50 7.26 -3.56 10.43
CA THR A 50 6.31 -2.47 10.70
C THR A 50 4.98 -2.98 11.21
N LEU A 51 4.43 -4.06 10.62
CA LEU A 51 3.13 -4.58 11.02
C LEU A 51 3.22 -5.55 12.19
N ALA A 52 4.40 -5.62 12.86
CA ALA A 52 4.55 -6.28 14.13
C ALA A 52 4.55 -5.28 15.29
N TYR A 53 4.56 -3.96 14.98
CA TYR A 53 4.66 -2.92 16.00
C TYR A 53 3.67 -1.78 15.81
N ILE A 54 3.19 -1.51 14.58
CA ILE A 54 2.30 -0.39 14.29
C ILE A 54 0.92 -0.96 13.96
N PRO A 55 -0.21 -0.50 14.52
CA PRO A 55 -1.55 -0.74 13.97
C PRO A 55 -1.66 -0.52 12.47
N THR A 56 -2.17 -1.51 11.71
CA THR A 56 -2.02 -1.57 10.25
C THR A 56 -2.57 -0.37 9.51
N GLY A 57 -3.77 0.11 9.89
CA GLY A 57 -4.42 1.25 9.27
C GLY A 57 -3.64 2.54 9.41
N ILE A 58 -2.99 2.78 10.57
CA ILE A 58 -2.16 3.95 10.80
C ILE A 58 -0.97 4.00 9.86
N ALA A 59 -0.26 2.85 9.69
CA ALA A 59 0.85 2.73 8.77
C ALA A 59 0.46 2.96 7.32
N TYR A 60 -0.65 2.34 6.89
CA TYR A 60 -1.23 2.50 5.58
C TYR A 60 -1.76 3.91 5.33
N ALA A 61 -2.39 4.56 6.32
CA ALA A 61 -2.82 5.95 6.28
C ALA A 61 -1.67 6.93 6.08
N ILE A 62 -0.55 6.74 6.82
CA ILE A 62 0.68 7.49 6.61
C ILE A 62 1.28 7.25 5.23
N TRP A 63 1.41 5.97 4.80
CA TRP A 63 1.95 5.63 3.48
C TRP A 63 1.09 6.12 2.33
N VAL A 64 -0.24 5.88 2.35
CA VAL A 64 -1.19 6.35 1.34
C VAL A 64 -1.21 7.87 1.25
N GLY A 65 -1.13 8.54 2.42
CA GLY A 65 -0.92 9.98 2.55
C GLY A 65 0.31 10.53 1.86
N VAL A 66 1.48 9.86 1.98
CA VAL A 66 2.65 10.13 1.13
C VAL A 66 2.43 9.77 -0.34
N GLY A 67 1.86 8.56 -0.59
CA GLY A 67 1.74 7.95 -1.91
C GLY A 67 0.88 8.70 -2.89
N ILE A 68 -0.25 9.31 -2.42
CA ILE A 68 -1.18 10.03 -3.27
C ILE A 68 -0.56 11.21 -4.02
N VAL A 69 0.37 11.96 -3.39
CA VAL A 69 1.13 13.02 -4.04
C VAL A 69 2.02 12.50 -5.17
N LEU A 70 2.76 11.39 -4.93
CA LEU A 70 3.59 10.72 -5.93
C LEU A 70 2.78 10.15 -7.10
N ILE A 71 1.62 9.54 -6.80
CA ILE A 71 0.62 9.12 -7.78
C ILE A 71 0.08 10.29 -8.60
N SER A 72 -0.21 11.44 -7.97
CA SER A 72 -0.63 12.65 -8.66
C SER A 72 0.41 13.21 -9.63
N LEU A 73 1.69 13.28 -9.21
CA LEU A 73 2.83 13.64 -10.04
C LEU A 73 3.05 12.70 -11.23
N LEU A 74 2.94 11.38 -10.99
CA LEU A 74 2.90 10.38 -12.05
C LEU A 74 1.71 10.51 -13.01
N SER A 75 0.49 10.71 -12.47
CA SER A 75 -0.77 10.78 -13.22
C SER A 75 -0.90 11.93 -14.19
N TRP A 76 -0.54 13.15 -13.76
CA TRP A 76 -0.91 14.35 -14.46
C TRP A 76 0.29 15.24 -14.64
N GLY A 77 0.20 16.20 -15.58
CA GLY A 77 1.18 17.28 -15.75
C GLY A 77 1.53 17.97 -14.46
N PHE A 78 2.80 18.35 -14.28
CA PHE A 78 3.31 18.83 -13.01
C PHE A 78 2.62 20.10 -12.49
N PHE A 79 2.53 20.24 -11.14
CA PHE A 79 1.83 21.32 -10.44
C PHE A 79 2.15 22.75 -10.89
N GLY A 80 1.23 23.70 -10.62
CA GLY A 80 1.29 25.07 -11.13
C GLY A 80 0.19 25.33 -12.10
N GLN A 81 -0.94 24.62 -11.94
CA GLN A 81 -2.20 24.78 -12.65
C GLN A 81 -3.28 24.84 -11.59
N ARG A 82 -4.50 25.28 -11.92
CA ARG A 82 -5.60 25.33 -10.96
C ARG A 82 -5.98 23.96 -10.41
N LEU A 83 -6.20 23.88 -9.09
CA LEU A 83 -6.59 22.66 -8.43
C LEU A 83 -8.10 22.43 -8.53
N ASP A 84 -8.53 21.26 -9.06
CA ASP A 84 -9.93 20.90 -9.22
C ASP A 84 -10.67 20.82 -7.88
N LEU A 85 -11.95 21.25 -7.85
CA LEU A 85 -12.80 21.17 -6.68
C LEU A 85 -12.98 19.77 -6.09
N PRO A 86 -13.22 18.68 -6.84
CA PRO A 86 -13.32 17.35 -6.23
C PRO A 86 -11.98 16.85 -5.74
N ALA A 87 -10.88 17.16 -6.45
CA ALA A 87 -9.54 16.83 -6.01
C ALA A 87 -9.18 17.48 -4.68
N ILE A 88 -9.54 18.77 -4.49
CA ILE A 88 -9.42 19.48 -3.22
C ILE A 88 -10.22 18.84 -2.10
N ILE A 89 -11.50 18.44 -2.35
CA ILE A 89 -12.33 17.74 -1.38
C ILE A 89 -11.75 16.41 -0.95
N GLY A 90 -11.26 15.59 -1.92
CA GLY A 90 -10.64 14.31 -1.62
C GLY A 90 -9.36 14.40 -0.84
N MET A 91 -8.49 15.37 -1.20
CA MET A 91 -7.30 15.71 -0.43
C MET A 91 -7.61 16.14 1.00
N MET A 92 -8.66 16.96 1.22
CA MET A 92 -9.14 17.29 2.55
C MET A 92 -9.62 16.11 3.38
N LEU A 93 -10.33 15.12 2.81
CA LEU A 93 -10.63 13.88 3.52
C LEU A 93 -9.38 13.10 3.93
N ILE A 94 -8.37 13.03 3.04
CA ILE A 94 -7.05 12.46 3.36
C ILE A 94 -6.35 13.21 4.49
N CYS A 95 -6.33 14.56 4.44
CA CYS A 95 -5.80 15.43 5.50
C CYS A 95 -6.51 15.28 6.84
N ALA A 96 -7.86 15.20 6.84
CA ALA A 96 -8.66 14.92 8.02
C ALA A 96 -8.34 13.58 8.65
N GLY A 97 -8.16 12.54 7.81
CA GLY A 97 -7.74 11.21 8.24
C GLY A 97 -6.36 11.17 8.83
N VAL A 98 -5.39 11.86 8.20
CA VAL A 98 -4.04 12.07 8.70
C VAL A 98 -4.00 12.80 10.05
N LEU A 99 -4.84 13.84 10.22
CA LEU A 99 -5.05 14.46 11.53
C LEU A 99 -5.59 13.50 12.58
N ILE A 100 -6.66 12.73 12.27
CA ILE A 100 -7.25 11.78 13.20
C ILE A 100 -6.28 10.68 13.65
N ILE A 101 -5.52 10.06 12.72
CA ILE A 101 -4.68 8.91 13.04
C ILE A 101 -3.43 9.27 13.84
N ASN A 102 -3.03 10.56 13.87
CA ASN A 102 -1.97 11.01 14.76
C ASN A 102 -2.51 11.58 16.07
N LEU A 103 -3.84 11.88 16.17
CA LEU A 103 -4.44 12.53 17.32
C LEU A 103 -5.29 11.59 18.16
N LEU A 104 -5.05 10.27 18.09
CA LEU A 104 -5.67 9.27 18.95
C LEU A 104 -5.36 9.46 20.45
N SER A 105 -6.35 9.25 21.34
CA SER A 105 -6.19 9.48 22.78
C SER A 105 -5.42 8.39 23.56
N TYR B 4 -7.16 -15.64 -13.32
CA TYR B 4 -7.82 -14.83 -12.27
C TYR B 4 -7.26 -13.41 -12.27
N ILE B 5 -8.14 -12.38 -12.23
CA ILE B 5 -7.86 -10.95 -12.21
C ILE B 5 -6.62 -10.47 -11.45
N TYR B 6 -5.77 -9.64 -12.08
CA TYR B 6 -4.62 -9.02 -11.44
C TYR B 6 -4.96 -8.08 -10.29
N LEU B 7 -5.96 -7.18 -10.47
CA LEU B 7 -6.40 -6.24 -9.44
C LEU B 7 -6.91 -6.93 -8.18
N GLY B 8 -7.66 -8.03 -8.36
CA GLY B 8 -8.12 -8.88 -7.27
C GLY B 8 -7.04 -9.77 -6.72
N GLY B 9 -5.94 -9.97 -7.48
CA GLY B 9 -4.73 -10.63 -7.02
C GLY B 9 -3.99 -9.82 -6.01
N ALA B 10 -3.84 -8.50 -6.26
CA ALA B 10 -3.28 -7.58 -5.30
C ALA B 10 -4.06 -7.46 -3.99
N ILE B 11 -5.40 -7.33 -4.06
CA ILE B 11 -6.25 -7.32 -2.87
C ILE B 11 -6.23 -8.66 -2.12
N LEU B 12 -6.32 -9.80 -2.84
CA LEU B 12 -6.21 -11.15 -2.28
C LEU B 12 -4.87 -11.44 -1.62
N ALA B 13 -3.75 -10.96 -2.20
CA ALA B 13 -2.44 -11.02 -1.60
C ALA B 13 -2.37 -10.31 -0.25
N GLU B 14 -2.98 -9.12 -0.13
CA GLU B 14 -3.22 -8.48 1.17
C GLU B 14 -4.11 -9.24 2.14
N VAL B 15 -5.20 -9.88 1.67
CA VAL B 15 -6.02 -10.79 2.48
C VAL B 15 -5.22 -11.96 3.05
N ILE B 16 -4.40 -12.62 2.20
CA ILE B 16 -3.43 -13.63 2.62
C ILE B 16 -2.36 -13.09 3.55
N GLY B 17 -1.76 -11.91 3.24
CA GLY B 17 -0.74 -11.26 4.07
C GLY B 17 -1.21 -10.88 5.44
N THR B 18 -2.46 -10.38 5.54
CA THR B 18 -3.17 -10.14 6.80
C THR B 18 -3.35 -11.41 7.60
N THR B 19 -3.81 -12.49 6.93
CA THR B 19 -4.00 -13.81 7.53
C THR B 19 -2.69 -14.43 8.01
N LEU B 20 -1.61 -14.27 7.23
CA LEU B 20 -0.27 -14.73 7.56
C LEU B 20 0.27 -14.18 8.87
N MET B 21 0.08 -12.88 9.16
CA MET B 21 0.46 -12.32 10.45
C MET B 21 -0.46 -12.74 11.60
N LYS B 22 -1.77 -13.00 11.36
CA LYS B 22 -2.66 -13.64 12.32
C LYS B 22 -2.26 -15.07 12.70
N PHE B 23 -1.90 -15.88 11.68
CA PHE B 23 -1.46 -17.26 11.78
C PHE B 23 -0.18 -17.44 12.60
N SER B 24 0.70 -16.42 12.56
CA SER B 24 2.05 -16.53 13.07
C SER B 24 2.18 -16.12 14.53
N GLU B 25 1.06 -15.93 15.26
CA GLU B 25 1.09 -15.54 16.66
C GLU B 25 1.10 -16.74 17.61
N GLY B 26 1.96 -16.69 18.65
CA GLY B 26 2.23 -17.80 19.54
C GLY B 26 3.26 -18.74 18.98
N PHE B 27 3.11 -20.06 19.21
CA PHE B 27 3.88 -21.05 18.47
C PHE B 27 3.36 -21.15 17.03
N THR B 28 4.22 -21.47 16.06
CA THR B 28 3.79 -21.70 14.69
C THR B 28 4.65 -22.76 14.03
N ARG B 29 4.10 -23.43 13.00
CA ARG B 29 4.65 -24.64 12.42
C ARG B 29 4.11 -24.88 11.01
N LEU B 30 4.71 -25.82 10.25
CA LEU B 30 4.20 -26.32 8.97
C LEU B 30 4.08 -25.29 7.84
N TRP B 31 4.86 -24.20 7.88
CA TRP B 31 4.91 -23.18 6.85
C TRP B 31 6.30 -23.25 6.21
N PRO B 32 6.48 -23.56 4.92
CA PRO B 32 7.78 -23.64 4.25
C PRO B 32 8.83 -22.60 4.56
N SER B 33 10.11 -23.00 4.68
CA SER B 33 11.25 -22.14 5.00
C SER B 33 11.44 -20.98 4.05
N VAL B 34 11.24 -21.23 2.74
CA VAL B 34 11.28 -20.24 1.67
C VAL B 34 9.90 -19.74 1.28
N GLY B 35 8.83 -20.14 2.00
CA GLY B 35 7.44 -19.87 1.64
C GLY B 35 7.04 -18.43 1.54
N THR B 36 7.43 -17.62 2.53
CA THR B 36 7.18 -16.17 2.59
C THR B 36 7.83 -15.44 1.44
N ILE B 37 9.08 -15.82 1.08
CA ILE B 37 9.82 -15.25 -0.03
C ILE B 37 9.10 -15.44 -1.36
N ILE B 38 8.62 -16.68 -1.62
CA ILE B 38 7.85 -17.06 -2.79
C ILE B 38 6.51 -16.34 -2.86
N CYS B 39 5.80 -16.21 -1.71
CA CYS B 39 4.56 -15.45 -1.62
C CYS B 39 4.70 -13.99 -1.99
N TYR B 40 5.75 -13.29 -1.51
CA TYR B 40 6.08 -11.96 -1.98
C TYR B 40 6.46 -11.89 -3.46
N CYS B 41 7.20 -12.88 -4.01
CA CYS B 41 7.47 -12.97 -5.45
C CYS B 41 6.19 -13.09 -6.30
N ALA B 42 5.24 -13.94 -5.86
CA ALA B 42 3.93 -14.07 -6.47
C ALA B 42 3.11 -12.79 -6.38
N SER B 43 3.10 -12.12 -5.21
CA SER B 43 2.47 -10.81 -5.03
C SER B 43 3.06 -9.74 -5.92
N PHE B 44 4.40 -9.66 -6.01
CA PHE B 44 5.09 -8.72 -6.88
C PHE B 44 4.79 -8.95 -8.36
N TRP B 45 4.75 -10.22 -8.81
CA TRP B 45 4.30 -10.56 -10.15
C TRP B 45 2.86 -10.15 -10.46
N LEU B 46 1.91 -10.38 -9.53
CA LEU B 46 0.54 -9.90 -9.65
C LEU B 46 0.46 -8.38 -9.74
N LEU B 47 1.23 -7.65 -8.91
CA LEU B 47 1.37 -6.21 -8.99
C LEU B 47 1.98 -5.73 -10.31
N ALA B 48 3.07 -6.36 -10.78
CA ALA B 48 3.73 -6.05 -12.04
C ALA B 48 2.83 -6.25 -13.26
N GLN B 49 2.07 -7.36 -13.30
CA GLN B 49 0.98 -7.58 -14.22
C GLN B 49 -0.18 -6.60 -14.09
N THR B 50 -0.57 -6.20 -12.86
CA THR B 50 -1.57 -5.14 -12.64
C THR B 50 -1.13 -3.82 -13.25
N LEU B 51 0.14 -3.42 -13.03
CA LEU B 51 0.66 -2.16 -13.53
C LEU B 51 0.99 -2.18 -15.02
N ALA B 52 1.04 -3.37 -15.65
CA ALA B 52 1.21 -3.52 -17.08
C ALA B 52 -0.12 -3.82 -17.79
N TYR B 53 -1.25 -3.89 -17.05
CA TYR B 53 -2.56 -4.18 -17.64
C TYR B 53 -3.56 -3.08 -17.31
N ILE B 54 -3.51 -2.51 -16.09
CA ILE B 54 -4.43 -1.51 -15.61
C ILE B 54 -3.67 -0.18 -15.53
N PRO B 55 -4.18 0.98 -16.00
CA PRO B 55 -3.71 2.32 -15.64
C PRO B 55 -3.33 2.54 -14.18
N THR B 56 -2.20 3.22 -13.90
CA THR B 56 -1.64 3.31 -12.55
C THR B 56 -2.56 3.95 -11.52
N GLY B 57 -3.26 5.05 -11.89
CA GLY B 57 -4.19 5.75 -11.01
C GLY B 57 -5.44 4.99 -10.70
N ILE B 58 -6.00 4.26 -11.69
CA ILE B 58 -7.11 3.33 -11.49
C ILE B 58 -6.73 2.18 -10.57
N ALA B 59 -5.54 1.58 -10.79
CA ALA B 59 -5.02 0.50 -9.98
C ALA B 59 -4.87 0.88 -8.52
N TYR B 60 -4.30 2.07 -8.24
CA TYR B 60 -4.21 2.63 -6.91
C TYR B 60 -5.58 2.91 -6.26
N ALA B 61 -6.51 3.55 -6.99
CA ALA B 61 -7.82 3.92 -6.47
C ALA B 61 -8.71 2.76 -6.03
N ILE B 62 -8.81 1.69 -6.85
CA ILE B 62 -9.54 0.47 -6.50
C ILE B 62 -8.92 -0.24 -5.30
N TRP B 63 -7.58 -0.36 -5.28
CA TRP B 63 -6.84 -1.00 -4.21
C TRP B 63 -7.01 -0.32 -2.85
N VAL B 64 -6.92 1.03 -2.80
CA VAL B 64 -7.21 1.79 -1.59
C VAL B 64 -8.69 1.79 -1.21
N GLY B 65 -9.57 2.16 -2.17
CA GLY B 65 -10.97 2.50 -1.89
C GLY B 65 -11.90 1.35 -1.70
N VAL B 66 -11.62 0.22 -2.37
CA VAL B 66 -12.41 -0.99 -2.22
C VAL B 66 -11.63 -1.94 -1.33
N GLY B 67 -10.33 -2.15 -1.62
CA GLY B 67 -9.51 -3.18 -0.98
C GLY B 67 -9.33 -3.08 0.50
N ILE B 68 -8.79 -1.95 1.01
CA ILE B 68 -8.52 -1.73 2.42
C ILE B 68 -9.80 -1.77 3.26
N VAL B 69 -10.87 -1.16 2.72
CA VAL B 69 -12.21 -1.15 3.26
C VAL B 69 -12.80 -2.56 3.37
N LEU B 70 -12.68 -3.36 2.29
CA LEU B 70 -13.07 -4.77 2.25
C LEU B 70 -12.31 -5.63 3.24
N ILE B 71 -10.97 -5.47 3.32
CA ILE B 71 -10.10 -6.16 4.25
C ILE B 71 -10.48 -5.90 5.70
N SER B 72 -10.78 -4.62 6.02
CA SER B 72 -11.32 -4.20 7.31
C SER B 72 -12.68 -4.82 7.61
N LEU B 73 -13.61 -4.84 6.64
CA LEU B 73 -14.90 -5.51 6.74
C LEU B 73 -14.82 -7.02 6.96
N LEU B 74 -13.95 -7.74 6.21
CA LEU B 74 -13.66 -9.14 6.44
C LEU B 74 -13.05 -9.40 7.82
N SER B 75 -12.15 -8.50 8.28
CA SER B 75 -11.59 -8.53 9.63
C SER B 75 -12.63 -8.39 10.74
N TRP B 76 -13.62 -7.49 10.59
CA TRP B 76 -14.77 -7.34 11.48
C TRP B 76 -15.64 -8.60 11.55
N GLY B 77 -15.89 -9.24 10.39
CA GLY B 77 -16.71 -10.44 10.25
C GLY B 77 -16.13 -11.72 10.78
N PHE B 78 -14.81 -11.91 10.64
CA PHE B 78 -14.15 -13.14 11.04
C PHE B 78 -13.39 -12.96 12.35
N PHE B 79 -12.29 -12.17 12.35
CA PHE B 79 -11.48 -11.91 13.53
C PHE B 79 -12.23 -11.21 14.68
N GLY B 80 -13.10 -10.25 14.35
CA GLY B 80 -13.87 -9.47 15.32
C GLY B 80 -13.32 -8.08 15.52
N GLN B 81 -12.39 -7.66 14.65
CA GLN B 81 -11.76 -6.35 14.68
C GLN B 81 -12.73 -5.20 14.41
N ARG B 82 -12.82 -4.25 15.36
CA ARG B 82 -13.72 -3.12 15.33
C ARG B 82 -13.58 -2.18 14.13
N LEU B 83 -14.72 -1.59 13.71
CA LEU B 83 -14.76 -0.56 12.68
C LEU B 83 -15.11 0.79 13.27
N ASP B 84 -15.44 0.86 14.58
CA ASP B 84 -15.83 2.10 15.23
C ASP B 84 -14.69 2.69 16.04
N LEU B 85 -13.45 2.21 15.84
CA LEU B 85 -12.26 2.87 16.33
C LEU B 85 -12.00 4.18 15.59
N PRO B 86 -11.66 5.30 16.23
CA PRO B 86 -11.15 6.51 15.59
C PRO B 86 -10.07 6.33 14.53
N ALA B 87 -9.07 5.46 14.75
CA ALA B 87 -8.05 5.18 13.76
C ALA B 87 -8.59 4.64 12.43
N ILE B 88 -9.54 3.67 12.51
CA ILE B 88 -10.24 3.12 11.35
C ILE B 88 -11.08 4.16 10.64
N ILE B 89 -11.79 5.04 11.38
CA ILE B 89 -12.55 6.16 10.84
C ILE B 89 -11.67 7.13 10.04
N GLY B 90 -10.47 7.45 10.55
CA GLY B 90 -9.47 8.22 9.82
C GLY B 90 -9.01 7.56 8.54
N MET B 91 -8.78 6.23 8.54
CA MET B 91 -8.45 5.50 7.33
C MET B 91 -9.57 5.44 6.30
N MET B 92 -10.85 5.27 6.72
CA MET B 92 -12.01 5.31 5.84
C MET B 92 -12.19 6.64 5.13
N LEU B 93 -11.92 7.76 5.82
CA LEU B 93 -11.81 9.09 5.21
C LEU B 93 -10.72 9.20 4.15
N ILE B 94 -9.51 8.64 4.38
CA ILE B 94 -8.46 8.54 3.38
C ILE B 94 -8.88 7.74 2.16
N CYS B 95 -9.55 6.58 2.37
CA CYS B 95 -10.11 5.75 1.31
C CYS B 95 -11.16 6.45 0.47
N ALA B 96 -12.11 7.16 1.12
CA ALA B 96 -13.09 8.00 0.48
C ALA B 96 -12.48 9.14 -0.31
N GLY B 97 -11.45 9.80 0.26
CA GLY B 97 -10.73 10.91 -0.38
C GLY B 97 -10.02 10.55 -1.66
N VAL B 98 -9.30 9.41 -1.68
CA VAL B 98 -8.69 8.85 -2.87
C VAL B 98 -9.71 8.51 -3.96
N LEU B 99 -10.85 7.90 -3.57
CA LEU B 99 -11.92 7.55 -4.47
C LEU B 99 -12.56 8.76 -5.17
N ILE B 100 -12.84 9.86 -4.42
CA ILE B 100 -13.32 11.13 -4.96
C ILE B 100 -12.33 11.77 -5.94
N ILE B 101 -11.02 11.77 -5.61
CA ILE B 101 -9.97 12.26 -6.50
C ILE B 101 -9.94 11.53 -7.82
N ASN B 102 -9.98 10.18 -7.81
CA ASN B 102 -9.89 9.39 -9.02
C ASN B 102 -11.08 9.54 -9.96
N LEU B 103 -12.31 9.44 -9.43
CA LEU B 103 -13.53 9.51 -10.22
C LEU B 103 -13.79 10.84 -10.90
N LEU B 104 -13.60 11.97 -10.17
CA LEU B 104 -14.09 13.24 -10.64
C LEU B 104 -12.99 14.17 -11.14
N SER B 105 -11.76 13.65 -11.31
CA SER B 105 -10.68 14.38 -11.99
C SER B 105 -10.67 14.06 -13.50
C2 VCJ C . 1.79 -1.22 0.40
C5 VCJ C . 0.58 1.29 0.13
C4 VCJ C . 0.79 0.74 1.38
C6 VCJ C . 0.97 0.58 -1.02
C7 VCJ C . 3.78 -1.99 -2.45
P1 VCJ C . 1.95 -1.72 -2.40
C1 VCJ C . 1.54 -0.73 -0.91
C3 VCJ C . 1.40 -0.50 1.53
C8 VCJ C . 4.35 -3.13 -3.09
C9 VCJ C . 5.73 -3.37 -3.04
C10 VCJ C . 6.55 -2.49 -2.35
C11 VCJ C . 6.04 -1.37 -1.72
C12 VCJ C . 4.67 -1.12 -1.77
C13 VCJ C . 1.13 -3.36 -2.34
C14 VCJ C . 0.32 -3.83 -3.42
C15 VCJ C . -0.25 -5.12 -3.39
C16 VCJ C . -0.05 -5.91 -2.27
C17 VCJ C . 0.71 -5.50 -1.20
C18 VCJ C . 1.31 -4.24 -1.25
C19 VCJ C . 1.40 -0.84 -3.92
C20 VCJ C . 0.03 -0.46 -4.05
C21 VCJ C . -0.41 0.25 -5.17
C22 VCJ C . 0.50 0.60 -6.16
C23 VCJ C . 1.82 0.22 -6.10
C24 VCJ C . 2.28 -0.50 -4.99
F13 VCJ C . -0.57 -7.17 -2.24
F18 VCJ C . 0.09 1.38 -7.19
F3 VCJ C . 0.36 1.42 2.46
F8 VCJ C . 7.89 -2.73 -2.30
H1 VCJ C . 2.30 -2.16 0.59
H3 VCJ C . 0.14 2.27 0.04
H4 VCJ C . 0.79 1.06 -1.97
H2 VCJ C . 1.58 -0.89 2.52
H13 VCJ C . 3.75 -3.86 -3.59
H14 VCJ C . 6.15 -4.25 -3.50
H15 VCJ C . 6.70 -0.72 -1.16
H16 VCJ C . 4.32 -0.23 -1.26
H5 VCJ C . 0.13 -3.24 -4.31
H6 VCJ C . -0.82 -5.49 -4.23
H7 VCJ C . 0.86 -6.15 -0.36
H8 VCJ C . 1.93 -3.99 -0.39
H9 VCJ C . -0.70 -0.70 -3.30
H10 VCJ C . -1.44 0.55 -5.25
H11 VCJ C . 2.52 0.50 -6.89
H12 VCJ C . 3.33 -0.76 -4.96
N TYR A 4 12.19 2.68 17.06
CA TYR A 4 12.39 1.86 15.83
C TYR A 4 12.28 2.69 14.57
N ILE A 5 13.01 2.33 13.50
CA ILE A 5 13.06 3.09 12.26
C ILE A 5 12.33 2.35 11.15
N TYR A 6 11.45 1.39 11.49
CA TYR A 6 10.70 0.58 10.53
C TYR A 6 9.82 1.36 9.56
N LEU A 7 9.04 2.36 10.05
CA LEU A 7 8.27 3.24 9.16
C LEU A 7 9.16 4.06 8.22
N GLY A 8 10.28 4.62 8.76
CA GLY A 8 11.28 5.33 7.97
C GLY A 8 11.99 4.48 6.93
N GLY A 9 12.33 3.24 7.29
CA GLY A 9 12.90 2.25 6.38
C GLY A 9 11.94 1.81 5.31
N ALA A 10 10.64 1.61 5.65
CA ALA A 10 9.62 1.26 4.68
C ALA A 10 9.42 2.31 3.60
N ILE A 11 9.31 3.60 3.99
CA ILE A 11 9.19 4.71 3.06
C ILE A 11 10.43 4.87 2.19
N LEU A 12 11.62 4.87 2.82
CA LEU A 12 12.87 5.07 2.10
C LEU A 12 13.22 3.94 1.15
N ALA A 13 12.99 2.68 1.55
CA ALA A 13 13.14 1.53 0.68
C ALA A 13 12.24 1.58 -0.54
N GLU A 14 10.94 1.93 -0.36
CA GLU A 14 10.05 2.13 -1.49
C GLU A 14 10.45 3.27 -2.42
N VAL A 15 10.85 4.43 -1.87
CA VAL A 15 11.36 5.56 -2.63
C VAL A 15 12.65 5.25 -3.39
N ILE A 16 13.65 4.59 -2.75
CA ILE A 16 14.86 4.13 -3.39
C ILE A 16 14.64 3.02 -4.40
N GLY A 17 13.81 1.99 -4.07
CA GLY A 17 13.44 0.91 -4.97
C GLY A 17 12.67 1.39 -6.17
N THR A 18 11.74 2.36 -5.96
CA THR A 18 11.10 3.13 -7.02
C THR A 18 12.10 3.94 -7.83
N THR A 19 13.09 4.60 -7.20
CA THR A 19 14.15 5.33 -7.88
C THR A 19 15.01 4.46 -8.78
N LEU A 20 15.44 3.28 -8.29
CA LEU A 20 16.10 2.26 -9.07
C LEU A 20 15.24 1.70 -10.20
N MET A 21 13.96 1.41 -9.92
CA MET A 21 12.99 1.00 -10.91
C MET A 21 12.74 2.02 -12.03
N LYS A 22 12.59 3.32 -11.69
CA LYS A 22 12.51 4.43 -12.61
C LYS A 22 13.78 4.74 -13.40
N PHE A 23 14.96 4.61 -12.77
CA PHE A 23 16.27 4.67 -13.42
C PHE A 23 16.43 3.61 -14.51
N SER A 24 15.99 2.36 -14.21
CA SER A 24 15.87 1.27 -15.16
C SER A 24 14.87 1.53 -16.28
N GLU A 25 13.68 2.12 -16.01
CA GLU A 25 12.76 2.57 -17.05
C GLU A 25 13.37 3.63 -17.96
N GLY A 26 14.13 4.57 -17.37
CA GLY A 26 14.53 5.81 -18.02
C GLY A 26 15.88 5.88 -18.67
N PHE A 27 16.89 5.10 -18.24
CA PHE A 27 18.25 5.30 -18.72
C PHE A 27 19.01 3.99 -18.94
N THR A 28 19.30 3.25 -17.86
CA THR A 28 20.05 2.00 -17.91
C THR A 28 19.18 0.87 -18.43
N ARG A 29 19.75 -0.13 -19.12
CA ARG A 29 19.03 -1.35 -19.44
C ARG A 29 19.71 -2.55 -18.82
N LEU A 30 20.67 -2.33 -17.90
CA LEU A 30 21.47 -3.38 -17.26
C LEU A 30 21.20 -3.49 -15.77
N TRP A 31 20.03 -3.01 -15.31
CA TRP A 31 19.51 -3.31 -13.98
C TRP A 31 18.80 -4.67 -13.98
N PRO A 32 19.20 -5.69 -13.20
CA PRO A 32 18.47 -6.94 -13.07
C PRO A 32 17.01 -6.81 -12.66
N SER A 33 16.09 -7.47 -13.38
CA SER A 33 14.67 -7.56 -13.06
C SER A 33 14.37 -8.11 -11.66
N VAL A 34 15.17 -9.09 -11.20
CA VAL A 34 15.04 -9.68 -9.87
C VAL A 34 15.55 -8.72 -8.79
N GLY A 35 16.30 -7.66 -9.16
CA GLY A 35 16.63 -6.55 -8.27
C GLY A 35 15.42 -5.75 -7.88
N THR A 36 14.50 -5.48 -8.83
CA THR A 36 13.19 -4.89 -8.55
C THR A 36 12.37 -5.78 -7.63
N ILE A 37 12.40 -7.12 -7.83
CA ILE A 37 11.79 -8.08 -6.91
C ILE A 37 12.39 -8.01 -5.50
N ILE A 38 13.72 -7.91 -5.35
CA ILE A 38 14.39 -7.69 -4.07
C ILE A 38 13.96 -6.39 -3.40
N CYS A 39 13.89 -5.29 -4.17
CA CYS A 39 13.43 -3.99 -3.68
C CYS A 39 12.00 -3.99 -3.18
N TYR A 40 11.04 -4.58 -3.94
CA TYR A 40 9.67 -4.78 -3.51
C TYR A 40 9.54 -5.64 -2.25
N CYS A 41 10.25 -6.80 -2.22
CA CYS A 41 10.25 -7.70 -1.07
C CYS A 41 10.79 -7.07 0.20
N ALA A 42 11.93 -6.35 0.11
CA ALA A 42 12.47 -5.58 1.20
C ALA A 42 11.56 -4.46 1.68
N SER A 43 10.96 -3.69 0.76
CA SER A 43 10.03 -2.61 1.07
C SER A 43 8.76 -3.08 1.78
N PHE A 44 8.13 -4.14 1.24
CA PHE A 44 6.95 -4.77 1.80
C PHE A 44 7.22 -5.39 3.18
N TRP A 45 8.39 -6.03 3.36
CA TRP A 45 8.79 -6.55 4.66
C TRP A 45 8.95 -5.47 5.73
N LEU A 46 9.59 -4.32 5.39
CA LEU A 46 9.68 -3.18 6.30
C LEU A 46 8.34 -2.57 6.66
N LEU A 47 7.39 -2.49 5.70
CA LEU A 47 5.99 -2.18 6.00
C LEU A 47 5.34 -3.18 6.94
N ALA A 48 5.56 -4.50 6.75
CA ALA A 48 5.07 -5.55 7.65
C ALA A 48 5.59 -5.44 9.08
N GLN A 49 6.88 -5.11 9.28
CA GLN A 49 7.45 -4.77 10.57
C GLN A 49 6.83 -3.52 11.19
N THR A 50 6.54 -2.50 10.36
CA THR A 50 5.83 -1.28 10.76
C THR A 50 4.46 -1.60 11.34
N LEU A 51 3.72 -2.53 10.72
CA LEU A 51 2.42 -2.98 11.20
C LEU A 51 2.46 -3.75 12.52
N ALA A 52 3.62 -4.30 12.93
CA ALA A 52 3.76 -4.96 14.20
C ALA A 52 3.89 -4.00 15.39
N TYR A 53 4.35 -2.76 15.14
CA TYR A 53 4.70 -1.84 16.22
C TYR A 53 3.93 -0.54 16.16
N ILE A 54 3.52 -0.09 14.96
CA ILE A 54 2.65 1.06 14.81
C ILE A 54 1.21 0.53 14.75
N PRO A 55 0.23 1.05 15.50
CA PRO A 55 -1.20 0.80 15.27
C PRO A 55 -1.63 0.81 13.81
N THR A 56 -2.41 -0.20 13.36
CA THR A 56 -2.66 -0.47 11.94
C THR A 56 -3.31 0.67 11.18
N GLY A 57 -4.33 1.34 11.74
CA GLY A 57 -4.97 2.50 11.10
C GLY A 57 -4.05 3.68 10.92
N ILE A 58 -3.18 3.95 11.90
CA ILE A 58 -2.13 4.95 11.81
C ILE A 58 -1.12 4.62 10.72
N ALA A 59 -0.66 3.35 10.69
CA ALA A 59 0.28 2.86 9.70
C ALA A 59 -0.25 2.93 8.26
N TYR A 60 -1.49 2.45 8.01
CA TYR A 60 -2.15 2.62 6.73
C TYR A 60 -2.45 4.05 6.34
N ALA A 61 -2.90 4.92 7.28
CA ALA A 61 -3.17 6.33 7.01
C ALA A 61 -1.96 7.13 6.55
N ILE A 62 -0.81 6.97 7.24
CA ILE A 62 0.47 7.52 6.82
C ILE A 62 0.93 6.90 5.52
N TRP A 63 0.83 5.56 5.37
CA TRP A 63 1.27 4.87 4.17
C TRP A 63 0.52 5.27 2.90
N VAL A 64 -0.83 5.41 2.93
CA VAL A 64 -1.58 5.87 1.78
C VAL A 64 -1.43 7.38 1.55
N GLY A 65 -1.16 8.16 2.63
CA GLY A 65 -0.81 9.57 2.55
C GLY A 65 0.51 9.84 1.88
N VAL A 66 1.54 9.03 2.18
CA VAL A 66 2.77 8.94 1.40
C VAL A 66 2.51 8.46 -0.03
N GLY A 67 1.65 7.43 -0.17
CA GLY A 67 1.29 6.79 -1.42
C GLY A 67 0.74 7.69 -2.48
N ILE A 68 -0.27 8.53 -2.13
CA ILE A 68 -0.82 9.53 -3.03
C ILE A 68 0.20 10.56 -3.48
N VAL A 69 1.10 11.03 -2.60
CA VAL A 69 2.19 11.93 -2.96
C VAL A 69 3.14 11.32 -3.98
N LEU A 70 3.57 10.05 -3.76
CA LEU A 70 4.42 9.32 -4.69
C LEU A 70 3.75 9.12 -6.05
N ILE A 71 2.48 8.68 -6.04
CA ILE A 71 1.66 8.52 -7.24
C ILE A 71 1.51 9.83 -8.01
N SER A 72 1.19 10.94 -7.32
CA SER A 72 1.05 12.26 -7.92
C SER A 72 2.33 12.81 -8.54
N LEU A 73 3.46 12.71 -7.81
CA LEU A 73 4.76 13.17 -8.27
C LEU A 73 5.31 12.46 -9.49
N LEU A 74 5.21 11.11 -9.53
CA LEU A 74 5.59 10.34 -10.71
C LEU A 74 4.74 10.66 -11.93
N SER A 75 3.42 10.80 -11.75
CA SER A 75 2.48 11.15 -12.80
C SER A 75 2.70 12.54 -13.40
N TRP A 76 2.91 13.56 -12.53
CA TRP A 76 3.15 14.91 -13.00
C TRP A 76 4.01 15.71 -12.02
N GLY A 77 3.46 16.12 -10.85
CA GLY A 77 4.22 16.86 -9.85
C GLY A 77 3.67 16.76 -8.45
N PHE A 78 4.17 17.61 -7.53
CA PHE A 78 3.75 17.63 -6.13
C PHE A 78 2.24 17.82 -5.89
N PHE A 79 1.73 17.16 -4.84
CA PHE A 79 0.35 16.99 -4.46
C PHE A 79 -0.45 18.28 -4.21
N GLY A 80 -1.77 18.24 -4.49
CA GLY A 80 -2.74 19.26 -4.08
C GLY A 80 -2.75 20.46 -4.98
N GLN A 81 -2.34 20.28 -6.23
CA GLN A 81 -2.23 21.36 -7.19
C GLN A 81 -3.26 21.18 -8.29
N ARG A 82 -3.95 22.29 -8.61
CA ARG A 82 -5.01 22.46 -9.58
C ARG A 82 -6.11 21.39 -9.60
N LEU A 83 -6.60 20.99 -8.43
CA LEU A 83 -7.68 20.03 -8.30
C LEU A 83 -9.03 20.60 -8.76
N ASP A 84 -9.87 19.81 -9.44
CA ASP A 84 -11.27 20.16 -9.70
C ASP A 84 -12.08 20.24 -8.39
N LEU A 85 -13.22 20.95 -8.35
CA LEU A 85 -14.04 21.15 -7.16
C LEU A 85 -14.42 19.89 -6.38
N PRO A 86 -14.89 18.75 -6.91
CA PRO A 86 -15.11 17.55 -6.11
C PRO A 86 -13.82 16.94 -5.61
N ALA A 87 -12.69 17.13 -6.33
CA ALA A 87 -11.38 16.70 -5.88
C ALA A 87 -10.80 17.58 -4.77
N ILE A 88 -11.13 18.90 -4.74
CA ILE A 88 -10.89 19.78 -3.61
C ILE A 88 -11.64 19.29 -2.37
N ILE A 89 -12.90 18.88 -2.53
CA ILE A 89 -13.68 18.21 -1.50
C ILE A 89 -13.04 16.89 -1.07
N GLY A 90 -12.51 16.09 -2.02
CA GLY A 90 -11.68 14.91 -1.75
C GLY A 90 -10.43 15.18 -0.94
N MET A 91 -9.68 16.26 -1.24
CA MET A 91 -8.59 16.75 -0.41
C MET A 91 -9.04 17.16 1.00
N MET A 92 -10.18 17.86 1.11
CA MET A 92 -10.83 18.13 2.38
C MET A 92 -11.22 16.90 3.19
N LEU A 93 -11.72 15.83 2.55
CA LEU A 93 -11.91 14.52 3.16
C LEU A 93 -10.62 13.90 3.71
N ILE A 94 -9.47 14.01 3.00
CA ILE A 94 -8.17 13.62 3.53
C ILE A 94 -7.82 14.39 4.80
N CYS A 95 -8.00 15.73 4.77
CA CYS A 95 -7.79 16.60 5.92
C CYS A 95 -8.70 16.31 7.11
N ALA A 96 -10.01 16.09 6.84
CA ALA A 96 -11.03 15.72 7.81
C ALA A 96 -10.73 14.41 8.53
N GLY A 97 -10.30 13.40 7.76
CA GLY A 97 -9.84 12.11 8.25
C GLY A 97 -8.66 12.21 9.16
N VAL A 98 -7.63 13.00 8.79
CA VAL A 98 -6.50 13.31 9.65
C VAL A 98 -6.90 14.00 10.96
N LEU A 99 -7.79 15.00 10.89
CA LEU A 99 -8.24 15.71 12.07
C LEU A 99 -8.94 14.84 13.10
N ILE A 100 -9.87 13.95 12.67
CA ILE A 100 -10.71 13.24 13.62
C ILE A 100 -10.00 12.09 14.34
N ILE A 101 -8.85 11.59 13.81
CA ILE A 101 -7.99 10.68 14.57
C ILE A 101 -7.51 11.34 15.85
N ASN A 102 -6.94 12.56 15.72
CA ASN A 102 -6.47 13.36 16.83
C ASN A 102 -7.59 13.78 17.77
N LEU A 103 -8.73 14.20 17.19
CA LEU A 103 -9.91 14.63 17.93
C LEU A 103 -10.52 13.55 18.84
N LEU A 104 -10.67 12.31 18.33
CA LEU A 104 -11.47 11.30 19.02
C LEU A 104 -10.63 10.25 19.73
N SER A 105 -9.28 10.35 19.69
CA SER A 105 -8.41 9.40 20.38
C SER A 105 -8.12 9.82 21.84
N TYR B 4 -7.18 -16.41 -14.36
CA TYR B 4 -8.29 -15.75 -13.62
C TYR B 4 -7.87 -14.37 -13.17
N ILE B 5 -8.82 -13.53 -12.70
CA ILE B 5 -8.63 -12.15 -12.30
C ILE B 5 -7.42 -11.83 -11.40
N TYR B 6 -6.47 -11.01 -11.92
CA TYR B 6 -5.26 -10.60 -11.25
C TYR B 6 -5.53 -9.86 -9.95
N LEU B 7 -6.57 -8.98 -9.94
CA LEU B 7 -7.07 -8.27 -8.79
C LEU B 7 -7.51 -9.21 -7.65
N GLY B 8 -8.16 -10.34 -8.01
CA GLY B 8 -8.57 -11.38 -7.06
C GLY B 8 -7.41 -12.14 -6.48
N GLY B 9 -6.36 -12.39 -7.28
CA GLY B 9 -5.12 -12.99 -6.81
C GLY B 9 -4.34 -12.09 -5.89
N ALA B 10 -4.30 -10.78 -6.20
CA ALA B 10 -3.67 -9.76 -5.38
C ALA B 10 -4.28 -9.65 -3.98
N ILE B 11 -5.62 -9.70 -3.86
CA ILE B 11 -6.30 -9.81 -2.57
C ILE B 11 -5.91 -11.07 -1.81
N LEU B 12 -5.86 -12.24 -2.48
CA LEU B 12 -5.39 -13.48 -1.90
C LEU B 12 -3.94 -13.42 -1.40
N ALA B 13 -3.03 -12.81 -2.19
CA ALA B 13 -1.65 -12.57 -1.79
C ALA B 13 -1.51 -11.66 -0.56
N GLU B 14 -2.32 -10.58 -0.46
CA GLU B 14 -2.38 -9.76 0.74
C GLU B 14 -2.82 -10.53 1.99
N VAL B 15 -3.89 -11.35 1.86
CA VAL B 15 -4.39 -12.23 2.90
C VAL B 15 -3.41 -13.30 3.36
N ILE B 16 -2.76 -14.03 2.42
CA ILE B 16 -1.75 -15.03 2.76
C ILE B 16 -0.56 -14.41 3.46
N GLY B 17 -0.05 -13.25 2.96
CA GLY B 17 1.02 -12.48 3.59
C GLY B 17 0.70 -12.03 5.00
N THR B 18 -0.56 -11.58 5.22
CA THR B 18 -1.10 -11.27 6.54
C THR B 18 -1.11 -12.47 7.47
N THR B 19 -1.56 -13.65 6.98
CA THR B 19 -1.58 -14.90 7.74
C THR B 19 -0.20 -15.36 8.16
N LEU B 20 0.77 -15.30 7.21
CA LEU B 20 2.18 -15.60 7.44
C LEU B 20 2.83 -14.72 8.48
N MET B 21 2.56 -13.40 8.47
CA MET B 21 3.00 -12.48 9.49
C MET B 21 2.27 -12.55 10.83
N LYS B 22 0.97 -12.88 10.84
CA LYS B 22 0.20 -13.17 12.05
C LYS B 22 0.70 -14.41 12.80
N PHE B 23 1.06 -15.47 12.05
CA PHE B 23 1.67 -16.69 12.56
C PHE B 23 2.97 -16.46 13.34
N SER B 24 3.18 -17.21 14.44
CA SER B 24 4.33 -17.19 15.35
C SER B 24 5.72 -16.88 14.77
N GLU B 25 6.41 -15.91 15.39
CA GLU B 25 7.77 -15.49 15.08
C GLU B 25 8.84 -16.58 15.08
N GLY B 26 9.91 -16.37 14.30
CA GLY B 26 11.04 -17.28 14.22
C GLY B 26 10.84 -18.41 13.26
N PHE B 27 11.89 -19.23 13.10
CA PHE B 27 11.90 -20.43 12.29
C PHE B 27 10.73 -21.41 12.45
N THR B 28 10.56 -22.28 11.43
CA THR B 28 9.64 -23.42 11.44
C THR B 28 10.47 -24.67 11.32
N ARG B 29 9.99 -25.81 11.86
CA ARG B 29 10.74 -27.06 11.69
C ARG B 29 10.55 -27.66 10.31
N LEU B 30 11.60 -28.35 9.78
CA LEU B 30 11.57 -29.13 8.55
C LEU B 30 11.59 -28.27 7.29
N TRP B 31 10.52 -27.50 7.06
CA TRP B 31 10.37 -26.61 5.92
C TRP B 31 11.02 -25.24 6.22
N PRO B 32 11.87 -24.65 5.37
CA PRO B 32 12.39 -23.30 5.54
C PRO B 32 11.35 -22.18 5.68
N SER B 33 11.75 -21.02 6.22
CA SER B 33 10.91 -19.84 6.39
C SER B 33 10.98 -18.95 5.18
N VAL B 34 10.65 -19.53 4.01
CA VAL B 34 10.85 -18.94 2.69
C VAL B 34 9.55 -18.41 2.11
N GLY B 35 8.41 -18.62 2.80
CA GLY B 35 7.05 -18.48 2.25
C GLY B 35 6.60 -17.07 2.02
N THR B 36 7.09 -16.12 2.84
CA THR B 36 6.86 -14.69 2.63
C THR B 36 7.43 -14.21 1.32
N ILE B 37 8.65 -14.63 0.96
CA ILE B 37 9.29 -14.29 -0.30
C ILE B 37 8.50 -14.81 -1.50
N ILE B 38 8.04 -16.08 -1.44
CA ILE B 38 7.20 -16.69 -2.47
C ILE B 38 5.88 -15.96 -2.65
N CYS B 39 5.22 -15.57 -1.55
CA CYS B 39 4.02 -14.76 -1.58
C CYS B 39 4.23 -13.39 -2.23
N TYR B 40 5.32 -12.69 -1.87
CA TYR B 40 5.71 -11.41 -2.45
C TYR B 40 6.02 -11.49 -3.94
N CYS B 41 6.73 -12.55 -4.37
CA CYS B 41 7.03 -12.82 -5.78
C CYS B 41 5.79 -13.00 -6.65
N ALA B 42 4.77 -13.75 -6.16
CA ALA B 42 3.48 -13.81 -6.80
C ALA B 42 2.75 -12.46 -6.85
N SER B 43 2.74 -11.73 -5.72
CA SER B 43 2.09 -10.43 -5.57
C SER B 43 2.65 -9.37 -6.53
N PHE B 44 3.99 -9.30 -6.66
CA PHE B 44 4.67 -8.42 -7.59
C PHE B 44 4.28 -8.64 -9.05
N TRP B 45 4.21 -9.92 -9.47
CA TRP B 45 3.72 -10.32 -10.78
C TRP B 45 2.25 -9.93 -10.99
N LEU B 46 1.39 -10.17 -9.98
CA LEU B 46 -0.02 -9.78 -9.99
C LEU B 46 -0.25 -8.28 -10.10
N LEU B 47 0.53 -7.45 -9.37
CA LEU B 47 0.57 -6.01 -9.52
C LEU B 47 1.02 -5.55 -10.90
N ALA B 48 2.09 -6.15 -11.44
CA ALA B 48 2.60 -5.88 -12.77
C ALA B 48 1.60 -6.21 -13.88
N GLN B 49 0.89 -7.35 -13.79
CA GLN B 49 -0.23 -7.68 -14.65
C GLN B 49 -1.40 -6.69 -14.52
N THR B 50 -1.73 -6.27 -13.28
CA THR B 50 -2.78 -5.29 -13.00
C THR B 50 -2.52 -3.95 -13.69
N LEU B 51 -1.26 -3.47 -13.68
CA LEU B 51 -0.89 -2.25 -14.38
C LEU B 51 -0.73 -2.41 -15.88
N ALA B 52 -0.50 -3.63 -16.40
CA ALA B 52 -0.44 -3.95 -17.81
C ALA B 52 -1.74 -3.67 -18.56
N TYR B 53 -2.89 -3.95 -17.92
CA TYR B 53 -4.21 -3.73 -18.50
C TYR B 53 -4.94 -2.51 -17.91
N ILE B 54 -4.55 -2.01 -16.73
CA ILE B 54 -5.28 -0.91 -16.09
C ILE B 54 -4.33 0.29 -15.89
N PRO B 55 -4.61 1.49 -16.42
CA PRO B 55 -3.99 2.75 -16.01
C PRO B 55 -3.74 2.92 -14.52
N THR B 56 -2.56 3.43 -14.12
CA THR B 56 -2.08 3.43 -12.74
C THR B 56 -2.98 4.14 -11.76
N GLY B 57 -3.51 5.33 -12.13
CA GLY B 57 -4.54 6.02 -11.34
C GLY B 57 -5.82 5.25 -11.16
N ILE B 58 -6.37 4.68 -12.26
CA ILE B 58 -7.56 3.84 -12.24
C ILE B 58 -7.38 2.55 -11.44
N ALA B 59 -6.23 1.87 -11.58
CA ALA B 59 -5.85 0.73 -10.78
C ALA B 59 -5.69 1.05 -9.30
N TYR B 60 -5.03 2.17 -8.98
CA TYR B 60 -4.86 2.67 -7.61
C TYR B 60 -6.22 3.04 -7.01
N ALA B 61 -7.13 3.65 -7.81
CA ALA B 61 -8.52 3.90 -7.45
C ALA B 61 -9.31 2.64 -7.11
N ILE B 62 -9.17 1.55 -7.90
CA ILE B 62 -9.75 0.26 -7.58
C ILE B 62 -9.20 -0.30 -6.26
N TRP B 63 -7.86 -0.30 -6.07
CA TRP B 63 -7.25 -0.72 -4.81
C TRP B 63 -7.68 0.08 -3.59
N VAL B 64 -7.56 1.42 -3.64
CA VAL B 64 -7.90 2.29 -2.52
C VAL B 64 -9.40 2.31 -2.22
N GLY B 65 -10.24 2.34 -3.28
CA GLY B 65 -11.68 2.48 -3.17
C GLY B 65 -12.43 1.25 -2.72
N VAL B 66 -12.19 0.08 -3.33
CA VAL B 66 -12.91 -1.14 -2.98
C VAL B 66 -12.00 -2.19 -2.35
N GLY B 67 -10.66 -2.06 -2.49
CA GLY B 67 -9.73 -3.05 -1.95
C GLY B 67 -9.51 -2.97 -0.46
N ILE B 68 -9.28 -1.75 0.06
CA ILE B 68 -9.01 -1.50 1.47
C ILE B 68 -10.19 -1.85 2.40
N VAL B 69 -11.43 -1.51 2.02
CA VAL B 69 -12.64 -1.98 2.70
C VAL B 69 -12.80 -3.49 2.67
N LEU B 70 -12.51 -4.16 1.53
CA LEU B 70 -12.48 -5.60 1.43
C LEU B 70 -11.44 -6.27 2.32
N ILE B 71 -10.21 -5.73 2.36
CA ILE B 71 -9.17 -6.11 3.30
C ILE B 71 -9.54 -5.84 4.74
N SER B 72 -10.14 -4.68 5.04
CA SER B 72 -10.65 -4.31 6.35
C SER B 72 -11.75 -5.23 6.85
N LEU B 73 -12.69 -5.64 5.97
CA LEU B 73 -13.67 -6.69 6.24
C LEU B 73 -13.04 -8.03 6.57
N LEU B 74 -12.04 -8.50 5.79
CA LEU B 74 -11.29 -9.70 6.10
C LEU B 74 -10.50 -9.63 7.41
N SER B 75 -9.82 -8.48 7.63
CA SER B 75 -9.05 -8.15 8.82
C SER B 75 -9.90 -8.16 10.07
N TRP B 76 -11.10 -7.57 10.00
CA TRP B 76 -12.13 -7.66 11.01
C TRP B 76 -12.71 -9.06 11.18
N GLY B 77 -13.12 -9.73 10.08
CA GLY B 77 -13.91 -10.95 10.14
C GLY B 77 -13.21 -12.20 10.61
N PHE B 78 -12.00 -12.45 10.12
CA PHE B 78 -11.24 -13.66 10.45
C PHE B 78 -10.10 -13.37 11.40
N PHE B 79 -9.34 -12.28 11.15
CA PHE B 79 -8.17 -11.95 11.94
C PHE B 79 -8.49 -11.22 13.24
N GLY B 80 -9.67 -10.56 13.33
CA GLY B 80 -10.24 -10.04 14.57
C GLY B 80 -10.02 -8.57 14.85
N GLN B 81 -9.47 -7.80 13.89
CA GLN B 81 -9.16 -6.39 14.06
C GLN B 81 -10.38 -5.48 14.25
N ARG B 82 -10.38 -4.61 15.27
CA ARG B 82 -11.35 -3.54 15.40
C ARG B 82 -11.36 -2.51 14.29
N LEU B 83 -12.56 -2.11 13.83
CA LEU B 83 -12.71 -1.06 12.83
C LEU B 83 -13.39 0.18 13.40
N ASP B 84 -13.79 0.17 14.69
CA ASP B 84 -14.52 1.26 15.29
C ASP B 84 -13.57 2.23 16.02
N LEU B 85 -12.25 1.91 16.03
CA LEU B 85 -11.19 2.78 16.48
C LEU B 85 -11.04 4.05 15.63
N PRO B 86 -10.72 5.24 16.16
CA PRO B 86 -10.74 6.48 15.36
C PRO B 86 -9.72 6.52 14.25
N ALA B 87 -8.57 5.84 14.40
CA ALA B 87 -7.56 5.71 13.37
C ALA B 87 -8.08 5.11 12.07
N ILE B 88 -8.89 4.02 12.16
CA ILE B 88 -9.54 3.38 11.03
C ILE B 88 -10.54 4.28 10.33
N ILE B 89 -11.37 5.01 11.10
CA ILE B 89 -12.33 5.98 10.57
C ILE B 89 -11.61 7.13 9.85
N GLY B 90 -10.52 7.65 10.44
CA GLY B 90 -9.69 8.66 9.81
C GLY B 90 -8.99 8.20 8.57
N MET B 91 -8.43 6.97 8.60
CA MET B 91 -7.84 6.29 7.46
C MET B 91 -8.82 6.04 6.32
N MET B 92 -10.05 5.57 6.61
CA MET B 92 -11.12 5.42 5.66
C MET B 92 -11.56 6.71 4.98
N LEU B 93 -11.65 7.82 5.73
CA LEU B 93 -11.83 9.15 5.16
C LEU B 93 -10.69 9.59 4.24
N ILE B 94 -9.43 9.31 4.61
CA ILE B 94 -8.27 9.52 3.72
C ILE B 94 -8.37 8.68 2.45
N CYS B 95 -8.72 7.39 2.55
CA CYS B 95 -8.97 6.53 1.40
C CYS B 95 -10.10 7.00 0.50
N ALA B 96 -11.23 7.42 1.09
CA ALA B 96 -12.34 8.03 0.37
C ALA B 96 -11.97 9.30 -0.37
N GLY B 97 -11.16 10.17 0.26
CA GLY B 97 -10.61 11.36 -0.39
C GLY B 97 -9.62 11.06 -1.49
N VAL B 98 -8.67 10.13 -1.26
CA VAL B 98 -7.67 9.66 -2.22
C VAL B 98 -8.30 9.06 -3.48
N LEU B 99 -9.42 8.32 -3.34
CA LEU B 99 -10.18 7.78 -4.45
C LEU B 99 -10.62 8.83 -5.47
N ILE B 100 -11.13 9.99 -5.02
CA ILE B 100 -11.53 11.10 -5.88
C ILE B 100 -10.35 11.67 -6.68
N ILE B 101 -9.17 11.85 -6.02
CA ILE B 101 -7.94 12.29 -6.66
C ILE B 101 -7.50 11.33 -7.76
N ASN B 102 -7.54 10.02 -7.45
CA ASN B 102 -7.25 8.95 -8.39
C ASN B 102 -8.17 8.88 -9.60
N LEU B 103 -9.50 9.00 -9.41
CA LEU B 103 -10.47 9.04 -10.50
C LEU B 103 -10.34 10.23 -11.44
N LEU B 104 -10.17 11.45 -10.90
CA LEU B 104 -10.30 12.66 -11.70
C LEU B 104 -8.97 13.23 -12.17
N SER B 105 -7.85 12.53 -11.92
CA SER B 105 -6.53 12.96 -12.39
C SER B 105 -5.94 11.89 -13.33
C2 VCJ C . -0.56 -0.90 -0.05
C5 VCJ C . -1.22 1.79 -0.43
C4 VCJ C . -1.57 1.14 0.75
C6 VCJ C . -0.55 1.09 -1.43
C7 VCJ C . 2.52 -1.33 -1.99
P1 VCJ C . 0.77 -1.29 -2.50
C1 VCJ C . -0.19 -0.28 -1.28
C3 VCJ C . -1.24 -0.19 0.95
C8 VCJ C . 2.94 -1.49 -0.63
C9 VCJ C . 4.30 -1.56 -0.30
C10 VCJ C . 5.25 -1.44 -1.30
C11 VCJ C . 4.90 -1.31 -2.63
C12 VCJ C . 3.55 -1.27 -2.98
C13 VCJ C . 0.11 -3.00 -2.55
C14 VCJ C . -1.25 -3.29 -2.85
C15 VCJ C . -1.71 -4.60 -2.88
C16 VCJ C . -0.84 -5.64 -2.61
C17 VCJ C . 0.49 -5.42 -2.30
C18 VCJ C . 0.97 -4.10 -2.27
C19 VCJ C . 0.69 -0.53 -4.18
C20 VCJ C . 1.16 0.79 -4.40
C21 VCJ C . 1.25 1.34 -5.68
C22 VCJ C . 0.88 0.57 -6.77
C23 VCJ C . 0.41 -0.73 -6.62
C24 VCJ C . 0.30 -1.28 -5.33
F13 VCJ C . -1.31 -6.92 -2.61
F18 VCJ C . 1.03 1.08 -8.01
F3 VCJ C . -2.18 1.84 1.74
F8 VCJ C . 6.57 -1.47 -0.96
H1 VCJ C . -0.34 -1.93 0.16
H3 VCJ C . -1.47 2.84 -0.56
H4 VCJ C . -0.27 1.66 -2.31
H2 VCJ C . -1.49 -0.68 1.88
H13 VCJ C . 2.23 -1.59 0.18
H14 VCJ C . 4.62 -1.67 0.73
H15 VCJ C . 5.67 -1.24 -3.38
H16 VCJ C . 3.34 -1.18 -4.04
H5 VCJ C . -1.96 -2.51 -3.06
H6 VCJ C . -2.76 -4.81 -3.10
H7 VCJ C . 1.15 -6.25 -2.11
H8 VCJ C . 2.02 -3.99 -2.05
H9 VCJ C . 1.51 1.41 -3.58
H10 VCJ C . 1.61 2.35 -5.83
H11 VCJ C . 0.14 -1.31 -7.48
H12 VCJ C . -0.04 -2.30 -5.25
N TYR A 4 10.63 2.56 17.55
CA TYR A 4 11.01 1.92 16.26
C TYR A 4 11.29 2.94 15.17
N ILE A 5 11.85 2.52 14.02
CA ILE A 5 12.00 3.38 12.85
C ILE A 5 11.38 2.73 11.62
N TYR A 6 10.61 1.63 11.80
CA TYR A 6 10.05 0.83 10.71
C TYR A 6 9.18 1.57 9.71
N LEU A 7 8.24 2.44 10.17
CA LEU A 7 7.36 3.17 9.26
C LEU A 7 8.08 4.10 8.30
N GLY A 8 9.06 4.88 8.81
CA GLY A 8 9.91 5.72 7.98
C GLY A 8 10.90 4.94 7.15
N GLY A 9 11.51 3.89 7.72
CA GLY A 9 12.48 3.03 7.04
C GLY A 9 11.90 2.28 5.87
N ALA A 10 10.68 1.76 6.03
CA ALA A 10 9.90 1.16 4.96
C ALA A 10 9.55 2.12 3.83
N ILE A 11 9.10 3.36 4.15
CA ILE A 11 8.86 4.41 3.18
C ILE A 11 10.14 4.83 2.44
N LEU A 12 11.26 4.95 3.16
CA LEU A 12 12.58 5.22 2.59
C LEU A 12 13.03 4.14 1.59
N ALA A 13 12.88 2.85 1.95
CA ALA A 13 13.15 1.73 1.07
C ALA A 13 12.30 1.69 -0.19
N GLU A 14 10.97 1.88 -0.04
CA GLU A 14 10.04 1.94 -1.16
C GLU A 14 10.25 3.11 -2.11
N VAL A 15 10.50 4.32 -1.58
CA VAL A 15 10.87 5.48 -2.38
C VAL A 15 12.21 5.32 -3.11
N ILE A 16 13.26 4.77 -2.45
CA ILE A 16 14.50 4.40 -3.12
C ILE A 16 14.29 3.33 -4.19
N GLY A 17 13.49 2.28 -3.91
CA GLY A 17 13.11 1.25 -4.88
C GLY A 17 12.36 1.77 -6.07
N THR A 18 11.39 2.67 -5.85
CA THR A 18 10.62 3.37 -6.88
C THR A 18 11.54 4.23 -7.76
N THR A 19 12.50 4.92 -7.13
CA THR A 19 13.56 5.66 -7.83
C THR A 19 14.41 4.76 -8.70
N LEU A 20 14.79 3.57 -8.20
CA LEU A 20 15.42 2.51 -8.97
C LEU A 20 14.57 1.96 -10.12
N MET A 21 13.25 1.80 -9.94
CA MET A 21 12.34 1.45 -11.02
C MET A 21 12.29 2.45 -12.16
N LYS A 22 12.23 3.77 -11.88
CA LYS A 22 12.41 4.81 -12.87
C LYS A 22 13.80 4.88 -13.48
N PHE A 23 14.87 4.72 -12.65
CA PHE A 23 16.26 4.69 -13.09
C PHE A 23 16.55 3.54 -14.06
N SER A 24 16.05 2.33 -13.76
CA SER A 24 16.19 1.16 -14.62
C SER A 24 15.28 1.17 -15.83
N GLU A 25 14.19 1.97 -15.80
CA GLU A 25 13.43 2.31 -16.98
C GLU A 25 14.19 3.29 -17.87
N GLY A 26 14.37 4.54 -17.40
CA GLY A 26 14.68 5.68 -18.24
C GLY A 26 16.10 6.19 -18.23
N PHE A 27 16.96 5.76 -17.28
CA PHE A 27 18.30 6.35 -17.18
C PHE A 27 19.44 5.35 -17.24
N THR A 28 19.18 4.03 -17.27
CA THR A 28 20.25 3.06 -17.50
C THR A 28 19.69 1.75 -18.01
N ARG A 29 20.53 0.96 -18.70
CA ARG A 29 20.25 -0.39 -19.12
C ARG A 29 21.03 -1.39 -18.26
N LEU A 30 21.75 -0.89 -17.23
CA LEU A 30 22.71 -1.69 -16.50
C LEU A 30 22.27 -2.03 -15.07
N TRP A 31 20.97 -1.87 -14.74
CA TRP A 31 20.46 -2.31 -13.44
C TRP A 31 20.06 -3.79 -13.54
N PRO A 32 20.31 -4.68 -12.57
CA PRO A 32 19.81 -6.05 -12.54
C PRO A 32 18.37 -6.29 -12.95
N SER A 33 18.12 -7.34 -13.75
CA SER A 33 16.79 -7.76 -14.17
C SER A 33 15.89 -8.21 -13.05
N VAL A 34 16.47 -8.92 -12.06
CA VAL A 34 15.73 -9.50 -10.95
C VAL A 34 15.69 -8.56 -9.75
N GLY A 35 16.29 -7.35 -9.88
CA GLY A 35 16.48 -6.41 -8.78
C GLY A 35 15.22 -5.85 -8.18
N THR A 36 14.17 -5.67 -9.01
CA THR A 36 12.86 -5.18 -8.59
C THR A 36 12.17 -6.09 -7.60
N ILE A 37 12.18 -7.41 -7.83
CA ILE A 37 11.64 -8.43 -6.95
C ILE A 37 12.30 -8.40 -5.59
N ILE A 38 13.66 -8.36 -5.58
CA ILE A 38 14.46 -8.32 -4.37
C ILE A 38 14.20 -7.07 -3.55
N CYS A 39 14.15 -5.89 -4.20
CA CYS A 39 13.80 -4.64 -3.55
C CYS A 39 12.38 -4.61 -3.00
N TYR A 40 11.39 -5.10 -3.79
CA TYR A 40 10.00 -5.21 -3.35
C TYR A 40 9.82 -6.10 -2.14
N CYS A 41 10.43 -7.30 -2.14
CA CYS A 41 10.32 -8.25 -1.05
C CYS A 41 10.84 -7.73 0.27
N ALA A 42 12.03 -7.08 0.24
CA ALA A 42 12.59 -6.40 1.39
C ALA A 42 11.75 -5.24 1.90
N SER A 43 11.25 -4.38 0.98
CA SER A 43 10.37 -3.26 1.28
C SER A 43 9.04 -3.71 1.89
N PHE A 44 8.44 -4.76 1.32
CA PHE A 44 7.24 -5.39 1.82
C PHE A 44 7.44 -6.04 3.19
N TRP A 45 8.59 -6.72 3.45
CA TRP A 45 8.91 -7.25 4.77
C TRP A 45 8.99 -6.18 5.85
N LEU A 46 9.56 -5.00 5.52
CA LEU A 46 9.51 -3.81 6.35
C LEU A 46 8.09 -3.29 6.59
N LEU A 47 7.22 -3.27 5.56
CA LEU A 47 5.78 -3.04 5.74
C LEU A 47 5.09 -4.08 6.63
N ALA A 48 5.38 -5.37 6.47
CA ALA A 48 4.85 -6.44 7.28
C ALA A 48 5.21 -6.32 8.77
N GLN A 49 6.48 -5.99 9.07
CA GLN A 49 6.93 -5.54 10.38
C GLN A 49 6.24 -4.26 10.85
N THR A 50 6.05 -3.26 9.97
CA THR A 50 5.33 -2.03 10.28
C THR A 50 3.90 -2.27 10.72
N LEU A 51 3.12 -3.13 10.03
CA LEU A 51 1.72 -3.35 10.41
C LEU A 51 1.55 -4.21 11.65
N ALA A 52 2.55 -5.03 12.00
CA ALA A 52 2.67 -5.70 13.28
C ALA A 52 2.85 -4.75 14.48
N TYR A 53 3.67 -3.68 14.33
CA TYR A 53 4.07 -2.87 15.46
C TYR A 53 3.52 -1.45 15.47
N ILE A 54 2.96 -0.96 14.35
CA ILE A 54 2.39 0.38 14.26
C ILE A 54 0.90 0.18 14.02
N PRO A 55 -0.03 0.84 14.69
CA PRO A 55 -1.44 0.91 14.29
C PRO A 55 -1.71 0.99 12.79
N THR A 56 -2.48 0.02 12.24
CA THR A 56 -2.62 -0.16 10.79
C THR A 56 -3.19 1.04 10.07
N GLY A 57 -4.22 1.68 10.67
CA GLY A 57 -4.86 2.87 10.11
C GLY A 57 -3.92 4.02 9.91
N ILE A 58 -3.12 4.37 10.95
CA ILE A 58 -2.12 5.41 10.87
C ILE A 58 -1.03 5.12 9.84
N ALA A 59 -0.51 3.88 9.83
CA ALA A 59 0.49 3.45 8.87
C ALA A 59 0.00 3.50 7.42
N TYR A 60 -1.20 2.96 7.14
CA TYR A 60 -1.87 3.04 5.84
C TYR A 60 -2.20 4.45 5.37
N ALA A 61 -2.73 5.33 6.24
CA ALA A 61 -3.07 6.69 5.88
C ALA A 61 -1.89 7.51 5.39
N ILE A 62 -0.74 7.41 6.11
CA ILE A 62 0.52 7.97 5.69
C ILE A 62 1.05 7.35 4.40
N TRP A 63 1.00 5.99 4.28
CA TRP A 63 1.46 5.29 3.10
C TRP A 63 0.68 5.63 1.82
N VAL A 64 -0.67 5.68 1.90
CA VAL A 64 -1.56 6.12 0.84
C VAL A 64 -1.32 7.58 0.46
N GLY A 65 -1.10 8.45 1.47
CA GLY A 65 -0.71 9.84 1.27
C GLY A 65 0.58 10.05 0.52
N VAL A 66 1.63 9.30 0.87
CA VAL A 66 2.86 9.20 0.08
C VAL A 66 2.60 8.62 -1.32
N GLY A 67 1.78 7.56 -1.40
CA GLY A 67 1.51 6.79 -2.60
C GLY A 67 0.77 7.51 -3.69
N ILE A 68 -0.32 8.25 -3.34
CA ILE A 68 -1.02 9.09 -4.30
C ILE A 68 -0.12 10.18 -4.87
N VAL A 69 0.75 10.79 -4.02
CA VAL A 69 1.76 11.74 -4.44
C VAL A 69 2.78 11.15 -5.42
N LEU A 70 3.32 9.94 -5.15
CA LEU A 70 4.21 9.25 -6.07
C LEU A 70 3.59 8.95 -7.42
N ILE A 71 2.35 8.41 -7.44
CA ILE A 71 1.59 8.19 -8.66
C ILE A 71 1.32 9.48 -9.41
N SER A 72 0.90 10.54 -8.69
CA SER A 72 0.65 11.87 -9.25
C SER A 72 1.87 12.54 -9.86
N LEU A 73 3.01 12.60 -9.13
CA LEU A 73 4.24 13.23 -9.60
C LEU A 73 4.81 12.59 -10.84
N LEU A 74 4.88 11.25 -10.87
CA LEU A 74 5.28 10.50 -12.06
C LEU A 74 4.29 10.62 -13.21
N SER A 75 2.97 10.56 -12.94
CA SER A 75 1.92 10.73 -13.94
C SER A 75 1.88 12.10 -14.61
N TRP A 76 2.09 13.19 -13.86
CA TRP A 76 1.85 14.52 -14.37
C TRP A 76 2.57 15.58 -13.56
N GLY A 77 2.37 15.60 -12.23
CA GLY A 77 2.86 16.68 -11.39
C GLY A 77 2.12 16.61 -10.10
N PHE A 78 2.31 17.61 -9.22
CA PHE A 78 1.87 17.52 -7.84
C PHE A 78 0.35 17.40 -7.65
N PHE A 79 -0.04 16.59 -6.67
CA PHE A 79 -1.39 16.29 -6.27
C PHE A 79 -2.25 17.49 -5.87
N GLY A 80 -3.54 17.46 -6.25
CA GLY A 80 -4.57 18.36 -5.72
C GLY A 80 -4.58 19.75 -6.27
N GLN A 81 -4.26 19.92 -7.56
CA GLN A 81 -4.07 21.22 -8.17
C GLN A 81 -5.15 21.51 -9.19
N ARG A 82 -5.52 22.80 -9.33
CA ARG A 82 -6.63 23.28 -10.15
C ARG A 82 -7.96 22.57 -9.93
N LEU A 83 -8.36 22.46 -8.66
CA LEU A 83 -9.49 21.68 -8.20
C LEU A 83 -10.84 22.10 -8.74
N ASP A 84 -11.63 21.12 -9.22
CA ASP A 84 -13.07 21.23 -9.33
C ASP A 84 -13.70 21.32 -7.94
N LEU A 85 -14.87 21.96 -7.79
CA LEU A 85 -15.52 22.15 -6.49
C LEU A 85 -15.78 20.86 -5.68
N PRO A 86 -16.26 19.74 -6.22
CA PRO A 86 -16.32 18.47 -5.50
C PRO A 86 -14.95 17.87 -5.20
N ALA A 87 -13.87 18.23 -5.92
CA ALA A 87 -12.53 17.84 -5.53
C ALA A 87 -12.02 18.60 -4.30
N ILE A 88 -12.49 19.85 -4.09
CA ILE A 88 -12.37 20.58 -2.82
C ILE A 88 -13.12 19.86 -1.68
N ILE A 89 -14.32 19.29 -1.94
CA ILE A 89 -15.04 18.45 -0.98
C ILE A 89 -14.24 17.20 -0.58
N GLY A 90 -13.52 16.56 -1.54
CA GLY A 90 -12.53 15.52 -1.25
C GLY A 90 -11.46 15.92 -0.27
N MET A 91 -10.88 17.13 -0.41
CA MET A 91 -9.96 17.71 0.57
C MET A 91 -10.55 17.88 1.96
N MET A 92 -11.81 18.33 2.06
CA MET A 92 -12.56 18.38 3.30
C MET A 92 -12.77 17.04 4.00
N LEU A 93 -12.99 15.94 3.25
CA LEU A 93 -12.94 14.57 3.78
C LEU A 93 -11.59 14.15 4.35
N ILE A 94 -10.47 14.50 3.70
CA ILE A 94 -9.13 14.31 4.24
C ILE A 94 -8.95 15.06 5.56
N CYS A 95 -9.39 16.34 5.60
CA CYS A 95 -9.41 17.15 6.80
C CYS A 95 -10.28 16.58 7.92
N ALA A 96 -11.47 16.07 7.58
CA ALA A 96 -12.38 15.39 8.49
C ALA A 96 -11.79 14.13 9.12
N GLY A 97 -11.05 13.32 8.33
CA GLY A 97 -10.31 12.17 8.84
C GLY A 97 -9.24 12.51 9.84
N VAL A 98 -8.43 13.54 9.56
CA VAL A 98 -7.47 14.09 10.51
C VAL A 98 -8.11 14.67 11.76
N LEU A 99 -9.23 15.41 11.60
CA LEU A 99 -9.92 16.08 12.70
C LEU A 99 -10.38 15.15 13.82
N ILE A 100 -11.00 14.00 13.50
CA ILE A 100 -11.38 13.03 14.51
C ILE A 100 -10.20 12.45 15.28
N ILE A 101 -9.08 12.10 14.60
CA ILE A 101 -7.87 11.59 15.25
C ILE A 101 -7.28 12.61 16.22
N ASN A 102 -7.15 13.89 15.78
CA ASN A 102 -6.69 14.99 16.63
C ASN A 102 -7.60 15.26 17.82
N LEU A 103 -8.93 15.27 17.59
CA LEU A 103 -9.95 15.49 18.60
C LEU A 103 -9.93 14.46 19.73
N LEU A 104 -9.70 13.18 19.38
CA LEU A 104 -9.74 12.08 20.32
C LEU A 104 -8.36 11.69 20.85
N SER A 105 -7.30 12.43 20.44
CA SER A 105 -5.96 12.28 20.99
C SER A 105 -5.75 13.07 22.29
N TYR B 4 -7.89 -15.86 -15.66
CA TYR B 4 -8.60 -15.24 -14.50
C TYR B 4 -8.05 -13.87 -14.11
N ILE B 5 -8.77 -13.11 -13.26
CA ILE B 5 -8.37 -11.82 -12.72
C ILE B 5 -7.10 -11.81 -11.84
N TYR B 6 -6.10 -10.97 -12.18
CA TYR B 6 -4.86 -10.88 -11.42
C TYR B 6 -5.03 -10.05 -10.14
N LEU B 7 -5.98 -9.10 -10.16
CA LEU B 7 -6.44 -8.32 -9.02
C LEU B 7 -7.05 -9.18 -7.92
N GLY B 8 -7.82 -10.22 -8.31
CA GLY B 8 -8.38 -11.20 -7.39
C GLY B 8 -7.34 -12.06 -6.74
N GLY B 9 -6.30 -12.44 -7.52
CA GLY B 9 -5.13 -13.12 -6.97
C GLY B 9 -4.36 -12.25 -6.02
N ALA B 10 -4.17 -10.96 -6.34
CA ALA B 10 -3.48 -10.01 -5.49
C ALA B 10 -4.10 -9.82 -4.11
N ILE B 11 -5.44 -9.70 -4.01
CA ILE B 11 -6.15 -9.69 -2.73
C ILE B 11 -5.94 -10.96 -1.91
N LEU B 12 -6.04 -12.14 -2.56
CA LEU B 12 -5.80 -13.43 -1.94
C LEU B 12 -4.37 -13.57 -1.40
N ALA B 13 -3.37 -13.12 -2.18
CA ALA B 13 -1.97 -13.07 -1.78
C ALA B 13 -1.70 -12.20 -0.57
N GLU B 14 -2.35 -11.02 -0.44
CA GLU B 14 -2.29 -10.21 0.76
C GLU B 14 -2.81 -10.91 2.01
N VAL B 15 -3.96 -11.60 1.91
CA VAL B 15 -4.52 -12.41 3.00
C VAL B 15 -3.61 -13.56 3.44
N ILE B 16 -3.02 -14.31 2.48
CA ILE B 16 -2.04 -15.35 2.75
C ILE B 16 -0.77 -14.82 3.41
N GLY B 17 -0.20 -13.69 2.92
CA GLY B 17 1.00 -13.09 3.49
C GLY B 17 0.79 -12.55 4.86
N THR B 18 -0.41 -12.03 5.15
CA THR B 18 -0.87 -11.68 6.49
C THR B 18 -0.94 -12.88 7.41
N THR B 19 -1.47 -14.02 6.92
CA THR B 19 -1.65 -15.27 7.69
C THR B 19 -0.34 -15.80 8.27
N LEU B 20 0.73 -15.77 7.46
CA LEU B 20 2.08 -16.19 7.84
C LEU B 20 2.75 -15.26 8.86
N MET B 21 2.31 -13.99 8.95
CA MET B 21 2.78 -13.05 9.96
C MET B 21 2.09 -13.24 11.31
N LYS B 22 0.91 -13.89 11.33
CA LYS B 22 0.22 -14.25 12.56
C LYS B 22 0.68 -15.61 13.08
N PHE B 23 1.31 -16.42 12.21
CA PHE B 23 1.85 -17.73 12.51
C PHE B 23 2.93 -17.71 13.59
N SER B 24 2.87 -18.67 14.52
CA SER B 24 3.68 -18.73 15.74
C SER B 24 5.19 -18.70 15.51
N GLU B 25 5.94 -17.96 16.36
CA GLU B 25 7.39 -17.85 16.32
C GLU B 25 8.14 -19.18 16.32
N GLY B 26 9.32 -19.20 15.66
CA GLY B 26 10.18 -20.35 15.57
C GLY B 26 10.14 -20.96 14.21
N PHE B 27 11.30 -21.46 13.75
CA PHE B 27 11.49 -22.05 12.44
C PHE B 27 10.68 -23.32 12.19
N THR B 28 10.11 -23.46 10.98
CA THR B 28 9.38 -24.67 10.58
C THR B 28 10.29 -25.89 10.49
N ARG B 29 9.87 -27.05 11.04
CA ARG B 29 10.67 -28.26 11.02
C ARG B 29 10.89 -28.79 9.60
N LEU B 30 12.08 -29.38 9.37
CA LEU B 30 12.55 -29.86 8.08
C LEU B 30 12.75 -28.78 7.02
N TRP B 31 11.65 -28.27 6.43
CA TRP B 31 11.64 -27.29 5.35
C TRP B 31 12.23 -25.91 5.75
N PRO B 32 13.07 -25.23 4.95
CA PRO B 32 13.47 -23.84 5.19
C PRO B 32 12.33 -22.84 5.38
N SER B 33 12.48 -21.92 6.35
CA SER B 33 11.45 -21.00 6.80
C SER B 33 11.21 -19.79 5.90
N VAL B 34 11.31 -19.95 4.56
CA VAL B 34 11.35 -18.86 3.60
C VAL B 34 9.97 -18.52 3.01
N GLY B 35 8.89 -19.15 3.51
CA GLY B 35 7.51 -19.06 3.00
C GLY B 35 6.93 -17.69 2.72
N THR B 36 7.19 -16.68 3.57
CA THR B 36 6.77 -15.30 3.34
C THR B 36 7.34 -14.67 2.09
N ILE B 37 8.65 -14.91 1.81
CA ILE B 37 9.34 -14.40 0.64
C ILE B 37 8.77 -14.98 -0.65
N ILE B 38 8.40 -16.28 -0.65
CA ILE B 38 7.71 -16.94 -1.75
C ILE B 38 6.37 -16.27 -2.07
N CYS B 39 5.59 -15.96 -1.02
CA CYS B 39 4.34 -15.21 -1.11
C CYS B 39 4.54 -13.79 -1.63
N TYR B 40 5.59 -13.08 -1.18
CA TYR B 40 5.95 -11.76 -1.71
C TYR B 40 6.31 -11.78 -3.18
N CYS B 41 7.09 -12.77 -3.65
CA CYS B 41 7.37 -13.00 -5.07
C CYS B 41 6.12 -13.26 -5.90
N ALA B 42 5.21 -14.13 -5.40
CA ALA B 42 3.92 -14.39 -6.00
C ALA B 42 3.02 -13.16 -6.06
N SER B 43 2.97 -12.38 -4.95
CA SER B 43 2.27 -11.11 -4.84
C SER B 43 2.78 -10.10 -5.84
N PHE B 44 4.11 -10.00 -5.97
CA PHE B 44 4.76 -9.14 -6.93
C PHE B 44 4.40 -9.49 -8.38
N TRP B 45 4.36 -10.79 -8.75
CA TRP B 45 3.92 -11.20 -10.07
C TRP B 45 2.46 -10.80 -10.36
N LEU B 46 1.56 -11.05 -9.39
CA LEU B 46 0.16 -10.66 -9.45
C LEU B 46 -0.06 -9.16 -9.57
N LEU B 47 0.71 -8.36 -8.80
CA LEU B 47 0.80 -6.92 -8.93
C LEU B 47 1.33 -6.45 -10.29
N ALA B 48 2.43 -7.05 -10.79
CA ALA B 48 3.02 -6.70 -12.07
C ALA B 48 2.09 -6.92 -13.25
N GLN B 49 1.38 -8.06 -13.29
CA GLN B 49 0.31 -8.33 -14.24
C GLN B 49 -0.85 -7.34 -14.16
N THR B 50 -1.27 -6.95 -12.95
CA THR B 50 -2.34 -5.97 -12.75
C THR B 50 -2.06 -4.62 -13.40
N LEU B 51 -0.83 -4.10 -13.20
CA LEU B 51 -0.38 -2.85 -13.78
C LEU B 51 -0.06 -2.96 -15.26
N ALA B 52 0.26 -4.18 -15.74
CA ALA B 52 0.37 -4.47 -17.15
C ALA B 52 -0.93 -4.30 -17.93
N TYR B 53 -2.06 -4.79 -17.38
CA TYR B 53 -3.35 -4.70 -18.04
C TYR B 53 -4.15 -3.45 -17.74
N ILE B 54 -3.97 -2.82 -16.57
CA ILE B 54 -4.73 -1.65 -16.16
C ILE B 54 -3.76 -0.47 -16.02
N PRO B 55 -3.99 0.73 -16.57
CA PRO B 55 -3.27 1.96 -16.25
C PRO B 55 -2.98 2.23 -14.77
N THR B 56 -1.78 2.74 -14.45
CA THR B 56 -1.26 2.89 -13.09
C THR B 56 -2.13 3.76 -12.16
N GLY B 57 -2.64 4.91 -12.65
CA GLY B 57 -3.55 5.76 -11.89
C GLY B 57 -4.91 5.17 -11.67
N ILE B 58 -5.46 4.46 -12.68
CA ILE B 58 -6.69 3.69 -12.55
C ILE B 58 -6.56 2.54 -11.57
N ALA B 59 -5.47 1.76 -11.66
CA ALA B 59 -5.16 0.67 -10.76
C ALA B 59 -4.97 1.09 -9.30
N TYR B 60 -4.26 2.21 -9.06
CA TYR B 60 -4.12 2.79 -7.74
C TYR B 60 -5.45 3.29 -7.17
N ALA B 61 -6.33 3.89 -8.02
CA ALA B 61 -7.67 4.28 -7.64
C ALA B 61 -8.52 3.11 -7.15
N ILE B 62 -8.45 1.96 -7.86
CA ILE B 62 -9.06 0.70 -7.43
C ILE B 62 -8.49 0.21 -6.09
N TRP B 63 -7.16 0.23 -5.88
CA TRP B 63 -6.58 -0.16 -4.60
C TRP B 63 -7.01 0.73 -3.42
N VAL B 64 -7.01 2.07 -3.60
CA VAL B 64 -7.49 3.01 -2.60
C VAL B 64 -8.97 2.85 -2.27
N GLY B 65 -9.84 2.72 -3.30
CA GLY B 65 -11.29 2.68 -3.10
C GLY B 65 -11.85 1.34 -2.72
N VAL B 66 -11.32 0.25 -3.30
CA VAL B 66 -11.88 -1.09 -3.13
C VAL B 66 -10.98 -1.93 -2.23
N GLY B 67 -9.66 -1.76 -2.33
CA GLY B 67 -8.70 -2.70 -1.75
C GLY B 67 -8.44 -2.57 -0.28
N ILE B 68 -8.06 -1.37 0.19
CA ILE B 68 -7.64 -1.12 1.57
C ILE B 68 -8.71 -1.46 2.60
N VAL B 69 -9.96 -1.02 2.36
CA VAL B 69 -11.12 -1.34 3.16
C VAL B 69 -11.43 -2.83 3.16
N LEU B 70 -11.38 -3.48 1.98
CA LEU B 70 -11.60 -4.92 1.86
C LEU B 70 -10.60 -5.74 2.66
N ILE B 71 -9.29 -5.42 2.57
CA ILE B 71 -8.26 -6.05 3.38
C ILE B 71 -8.45 -5.80 4.87
N SER B 72 -8.81 -4.56 5.28
CA SER B 72 -9.16 -4.25 6.67
C SER B 72 -10.35 -5.02 7.21
N LEU B 73 -11.45 -5.14 6.43
CA LEU B 73 -12.60 -5.98 6.75
C LEU B 73 -12.24 -7.46 6.89
N LEU B 74 -11.44 -8.01 5.96
CA LEU B 74 -10.88 -9.35 6.02
C LEU B 74 -9.96 -9.60 7.21
N SER B 75 -9.11 -8.60 7.57
CA SER B 75 -8.25 -8.61 8.74
C SER B 75 -9.02 -8.73 10.04
N TRP B 76 -10.14 -7.99 10.18
CA TRP B 76 -11.11 -8.19 11.24
C TRP B 76 -11.75 -9.57 11.24
N GLY B 77 -12.17 -10.04 10.06
CA GLY B 77 -12.85 -11.32 9.87
C GLY B 77 -12.10 -12.53 10.32
N PHE B 78 -10.85 -12.70 9.87
CA PHE B 78 -10.09 -13.89 10.19
C PHE B 78 -9.12 -13.70 11.33
N PHE B 79 -8.54 -12.49 11.49
CA PHE B 79 -7.44 -12.27 12.43
C PHE B 79 -7.85 -11.41 13.61
N GLY B 80 -9.12 -10.94 13.68
CA GLY B 80 -9.69 -10.33 14.88
C GLY B 80 -9.28 -8.90 15.19
N GLN B 81 -8.79 -8.15 14.20
CA GLN B 81 -8.35 -6.76 14.38
C GLN B 81 -9.50 -5.76 14.37
N ARG B 82 -9.57 -4.84 15.35
CA ARG B 82 -10.64 -3.86 15.45
C ARG B 82 -10.83 -2.91 14.25
N LEU B 83 -12.10 -2.63 13.91
CA LEU B 83 -12.47 -1.73 12.81
C LEU B 83 -12.96 -0.38 13.28
N ASP B 84 -13.18 -0.19 14.60
CA ASP B 84 -14.02 0.87 15.10
C ASP B 84 -13.25 2.02 15.73
N LEU B 85 -11.90 1.97 15.66
CA LEU B 85 -11.01 2.96 16.22
C LEU B 85 -10.92 4.20 15.32
N PRO B 86 -10.64 5.41 15.83
CA PRO B 86 -10.69 6.62 15.01
C PRO B 86 -9.59 6.67 13.98
N ALA B 87 -8.44 6.00 14.20
CA ALA B 87 -7.46 5.79 13.15
C ALA B 87 -8.00 5.02 11.94
N ILE B 88 -8.78 3.95 12.15
CA ILE B 88 -9.40 3.18 11.08
C ILE B 88 -10.41 4.00 10.29
N ILE B 89 -11.32 4.71 10.99
CA ILE B 89 -12.29 5.61 10.38
C ILE B 89 -11.64 6.78 9.64
N GLY B 90 -10.63 7.42 10.26
CA GLY B 90 -9.91 8.56 9.69
C GLY B 90 -9.14 8.22 8.44
N MET B 91 -8.49 7.04 8.44
CA MET B 91 -7.84 6.48 7.27
C MET B 91 -8.79 6.27 6.10
N MET B 92 -9.99 5.72 6.37
CA MET B 92 -11.06 5.55 5.41
C MET B 92 -11.62 6.84 4.83
N LEU B 93 -11.84 7.88 5.68
CA LEU B 93 -12.18 9.22 5.23
C LEU B 93 -11.12 9.86 4.34
N ILE B 94 -9.83 9.72 4.70
CA ILE B 94 -8.71 10.14 3.86
C ILE B 94 -8.65 9.40 2.52
N CYS B 95 -8.82 8.07 2.51
CA CYS B 95 -8.86 7.26 1.30
C CYS B 95 -9.98 7.65 0.35
N ALA B 96 -11.20 7.88 0.88
CA ALA B 96 -12.34 8.39 0.15
C ALA B 96 -12.11 9.78 -0.45
N GLY B 97 -11.47 10.70 0.31
CA GLY B 97 -11.08 12.01 -0.20
C GLY B 97 -10.07 11.95 -1.31
N VAL B 98 -9.01 11.13 -1.14
CA VAL B 98 -8.00 10.84 -2.16
C VAL B 98 -8.59 10.23 -3.43
N LEU B 99 -9.52 9.27 -3.27
CA LEU B 99 -10.30 8.69 -4.35
C LEU B 99 -11.10 9.71 -5.14
N ILE B 100 -11.84 10.60 -4.45
CA ILE B 100 -12.59 11.68 -5.09
C ILE B 100 -11.71 12.66 -5.86
N ILE B 101 -10.58 13.08 -5.27
CA ILE B 101 -9.60 13.93 -5.95
C ILE B 101 -9.01 13.27 -7.19
N ASN B 102 -8.66 11.97 -7.12
CA ASN B 102 -8.19 11.18 -8.25
C ASN B 102 -9.20 11.10 -9.40
N LEU B 103 -10.49 10.86 -9.10
CA LEU B 103 -11.54 10.80 -10.10
C LEU B 103 -11.71 12.08 -10.92
N LEU B 104 -11.56 13.26 -10.30
CA LEU B 104 -11.76 14.53 -10.98
C LEU B 104 -10.47 15.18 -11.45
N SER B 105 -9.36 14.42 -11.50
CA SER B 105 -8.06 14.88 -11.97
C SER B 105 -7.67 14.18 -13.29
C2 VCJ C . -0.09 -1.22 -0.12
C5 VCJ C . -0.53 1.53 -0.40
C4 VCJ C . -0.80 0.88 0.79
C6 VCJ C . 0.04 0.81 -1.46
C7 VCJ C . 2.98 -1.74 -1.91
P1 VCJ C . 1.24 -1.58 -2.54
C1 VCJ C . 0.30 -0.59 -1.34
C3 VCJ C . -0.62 -0.49 0.95
C8 VCJ C . 3.28 -1.51 -0.54
C9 VCJ C . 4.60 -1.51 -0.07
C10 VCJ C . 5.64 -1.73 -0.97
C11 VCJ C . 5.39 -1.98 -2.30
C12 VCJ C . 4.07 -1.99 -2.78
C13 VCJ C . 0.47 -3.24 -2.70
C14 VCJ C . -0.96 -3.34 -2.76
C15 VCJ C . -1.60 -4.59 -2.83
C16 VCJ C . -0.84 -5.73 -2.85
C17 VCJ C . 0.55 -5.69 -2.81
C18 VCJ C . 1.19 -4.45 -2.73
C19 VCJ C . 1.25 -0.75 -4.19
C20 VCJ C . 2.30 0.13 -4.62
C21 VCJ C . 2.29 0.74 -5.88
C22 VCJ C . 1.26 0.45 -6.76
C23 VCJ C . 0.23 -0.41 -6.41
C24 VCJ C . 0.22 -1.00 -5.14
F13 VCJ C . -1.46 -6.95 -2.88
F18 VCJ C . 1.25 1.00 -7.99
F3 VCJ C . -1.28 1.59 1.85
F8 VCJ C . 6.92 -1.65 -0.52
H1 VCJ C . 0.07 -2.27 0.05
H3 VCJ C . -0.72 2.59 -0.50
H4 VCJ C . 0.28 1.34 -2.37
H2 VCJ C . -0.87 -0.97 1.88
H13 VCJ C . 2.52 -1.30 0.19
H14 VCJ C . 4.82 -1.32 0.97
H15 VCJ C . 6.22 -2.15 -2.97
H16 VCJ C . 3.94 -2.17 -3.83
H5 VCJ C . -1.60 -2.47 -2.74
H6 VCJ C . -2.68 -4.64 -2.84
H7 VCJ C . 1.12 -6.60 -2.83
H8 VCJ C . 2.27 -4.47 -2.69
H9 VCJ C . 3.14 0.37 -3.98
H10 VCJ C . 3.08 1.40 -6.17
H11 VCJ C . -0.57 -0.61 -7.12
H12 VCJ C . -0.61 -1.67 -4.93
N TYR A 4 12.63 3.07 16.32
CA TYR A 4 12.86 2.09 15.22
C TYR A 4 12.77 2.73 13.83
N ILE A 5 13.36 2.09 12.78
CA ILE A 5 13.46 2.70 11.44
C ILE A 5 12.47 2.12 10.45
N TYR A 6 11.66 1.09 10.82
CA TYR A 6 10.88 0.31 9.86
C TYR A 6 9.90 1.12 9.00
N LEU A 7 9.17 2.10 9.60
CA LEU A 7 8.24 2.96 8.88
C LEU A 7 8.87 3.81 7.78
N GLY A 8 9.99 4.51 8.06
CA GLY A 8 10.68 5.32 7.06
C GLY A 8 11.51 4.47 6.14
N GLY A 9 11.99 3.33 6.66
CA GLY A 9 12.72 2.31 5.93
C GLY A 9 11.93 1.68 4.83
N ALA A 10 10.65 1.36 5.06
CA ALA A 10 9.78 0.84 4.02
C ALA A 10 9.59 1.78 2.84
N ILE A 11 9.33 3.08 3.12
CA ILE A 11 9.22 4.11 2.08
C ILE A 11 10.55 4.34 1.36
N LEU A 12 11.68 4.38 2.09
CA LEU A 12 13.01 4.45 1.50
C LEU A 12 13.35 3.26 0.60
N ALA A 13 13.01 2.01 1.02
CA ALA A 13 13.18 0.82 0.21
C ALA A 13 12.39 0.87 -1.10
N GLU A 14 11.12 1.32 -1.05
CA GLU A 14 10.28 1.60 -2.22
C GLU A 14 10.83 2.67 -3.16
N VAL A 15 11.34 3.78 -2.61
CA VAL A 15 12.00 4.84 -3.36
C VAL A 15 13.27 4.40 -4.09
N ILE A 16 14.16 3.62 -3.42
CA ILE A 16 15.30 3.00 -4.08
C ILE A 16 14.91 2.02 -5.17
N GLY A 17 13.89 1.16 -4.93
CA GLY A 17 13.36 0.24 -5.94
C GLY A 17 12.75 0.92 -7.15
N THR A 18 11.93 1.95 -6.91
CA THR A 18 11.36 2.82 -7.94
C THR A 18 12.44 3.53 -8.74
N THR A 19 13.47 4.05 -8.06
CA THR A 19 14.65 4.66 -8.68
C THR A 19 15.43 3.69 -9.55
N LEU A 20 15.73 2.47 -9.04
CA LEU A 20 16.36 1.40 -9.80
C LEU A 20 15.54 0.96 -11.00
N MET A 21 14.21 0.84 -10.85
CA MET A 21 13.29 0.60 -11.95
C MET A 21 13.31 1.68 -13.04
N LYS A 22 13.20 2.98 -12.70
CA LYS A 22 13.35 4.06 -13.67
C LYS A 22 14.74 4.21 -14.30
N PHE A 23 15.81 3.92 -13.54
CA PHE A 23 17.16 3.79 -14.07
C PHE A 23 17.29 2.66 -15.11
N SER A 24 16.69 1.48 -14.85
CA SER A 24 16.65 0.37 -15.81
C SER A 24 15.87 0.67 -17.10
N GLU A 25 14.65 1.24 -17.00
CA GLU A 25 13.76 1.44 -18.13
C GLU A 25 14.24 2.46 -19.13
N GLY A 26 14.21 2.11 -20.44
CA GLY A 26 14.55 2.97 -21.56
C GLY A 26 16.03 3.21 -21.78
N PHE A 27 16.83 3.15 -20.70
CA PHE A 27 18.22 3.56 -20.68
C PHE A 27 19.14 2.35 -20.81
N THR A 28 19.85 1.97 -19.73
CA THR A 28 20.74 0.81 -19.69
C THR A 28 20.04 -0.52 -19.90
N ARG A 29 20.68 -1.43 -20.64
CA ARG A 29 20.12 -2.74 -20.95
C ARG A 29 20.87 -3.82 -20.19
N LEU A 30 21.96 -3.45 -19.49
CA LEU A 30 22.76 -4.37 -18.69
C LEU A 30 22.44 -4.26 -17.21
N TRP A 31 21.49 -3.38 -16.83
CA TRP A 31 20.86 -3.39 -15.53
C TRP A 31 19.37 -3.66 -15.69
N PRO A 32 18.82 -4.86 -15.39
CA PRO A 32 17.40 -5.12 -15.61
C PRO A 32 16.57 -4.84 -14.37
N SER A 33 15.50 -5.64 -14.14
CA SER A 33 14.62 -5.58 -12.98
C SER A 33 15.04 -6.53 -11.86
N VAL A 34 16.27 -7.09 -11.94
CA VAL A 34 16.92 -7.97 -10.98
C VAL A 34 17.10 -7.35 -9.60
N GLY A 35 17.50 -6.07 -9.52
CA GLY A 35 17.59 -5.34 -8.25
C GLY A 35 16.26 -4.94 -7.66
N THR A 36 15.24 -4.71 -8.51
CA THR A 36 13.92 -4.22 -8.14
C THR A 36 13.19 -5.14 -7.16
N ILE A 37 13.23 -6.47 -7.38
CA ILE A 37 12.64 -7.46 -6.48
C ILE A 37 13.26 -7.48 -5.08
N ILE A 38 14.58 -7.26 -4.97
CA ILE A 38 15.32 -7.20 -3.71
C ILE A 38 14.82 -6.08 -2.81
N CYS A 39 14.62 -4.89 -3.40
CA CYS A 39 13.94 -3.76 -2.76
C CYS A 39 12.50 -4.02 -2.38
N TYR A 40 11.70 -4.63 -3.28
CA TYR A 40 10.30 -4.98 -3.06
C TYR A 40 10.09 -5.94 -1.88
N CYS A 41 10.91 -7.01 -1.82
CA CYS A 41 10.92 -7.97 -0.72
C CYS A 41 11.28 -7.34 0.62
N ALA A 42 12.28 -6.43 0.64
CA ALA A 42 12.57 -5.63 1.81
C ALA A 42 11.41 -4.72 2.24
N SER A 43 10.76 -4.06 1.26
CA SER A 43 9.65 -3.13 1.46
C SER A 43 8.44 -3.75 2.14
N PHE A 44 8.03 -4.95 1.67
CA PHE A 44 6.99 -5.74 2.30
C PHE A 44 7.30 -6.22 3.71
N TRP A 45 8.54 -6.69 4.00
CA TRP A 45 8.92 -7.03 5.36
C TRP A 45 8.89 -5.84 6.31
N LEU A 46 9.45 -4.68 5.88
CA LEU A 46 9.44 -3.44 6.63
C LEU A 46 8.04 -2.88 6.89
N LEU A 47 7.14 -2.96 5.88
CA LEU A 47 5.72 -2.70 6.02
C LEU A 47 5.03 -3.65 7.00
N ALA A 48 5.31 -4.97 6.92
CA ALA A 48 4.79 -5.96 7.84
C ALA A 48 5.17 -5.74 9.30
N GLN A 49 6.45 -5.40 9.57
CA GLN A 49 6.96 -4.99 10.87
C GLN A 49 6.31 -3.72 11.40
N THR A 50 6.09 -2.74 10.52
CA THR A 50 5.41 -1.49 10.85
C THR A 50 3.99 -1.75 11.35
N LEU A 51 3.23 -2.63 10.66
CA LEU A 51 1.88 -3.00 11.04
C LEU A 51 1.79 -3.84 12.31
N ALA A 52 2.84 -4.59 12.65
CA ALA A 52 2.99 -5.26 13.94
C ALA A 52 3.10 -4.32 15.13
N TYR A 53 3.83 -3.19 14.98
CA TYR A 53 4.16 -2.32 16.10
C TYR A 53 3.48 -0.94 16.07
N ILE A 54 2.80 -0.56 14.97
CA ILE A 54 2.09 0.72 14.81
C ILE A 54 0.63 0.41 14.46
N PRO A 55 -0.40 1.04 15.03
CA PRO A 55 -1.79 0.97 14.59
C PRO A 55 -2.09 0.96 13.08
N THR A 56 -2.98 0.06 12.62
CA THR A 56 -3.35 -0.13 11.22
C THR A 56 -3.97 1.09 10.57
N GLY A 57 -4.84 1.85 11.27
CA GLY A 57 -5.45 3.07 10.73
C GLY A 57 -4.47 4.19 10.50
N ILE A 58 -3.52 4.38 11.44
CA ILE A 58 -2.41 5.31 11.27
C ILE A 58 -1.51 4.91 10.10
N ALA A 59 -1.10 3.62 10.05
CA ALA A 59 -0.23 3.08 9.03
C ALA A 59 -0.81 3.09 7.62
N TYR A 60 -2.08 2.67 7.44
CA TYR A 60 -2.80 2.75 6.18
C TYR A 60 -2.97 4.20 5.67
N ALA A 61 -3.35 5.15 6.55
CA ALA A 61 -3.47 6.55 6.18
C ALA A 61 -2.17 7.18 5.70
N ILE A 62 -1.05 6.95 6.42
CA ILE A 62 0.28 7.38 6.02
C ILE A 62 0.76 6.73 4.73
N TRP A 63 0.59 5.41 4.57
CA TRP A 63 1.02 4.70 3.37
C TRP A 63 0.25 5.11 2.11
N VAL A 64 -1.09 5.27 2.20
CA VAL A 64 -1.90 5.83 1.11
C VAL A 64 -1.48 7.23 0.75
N GLY A 65 -1.24 8.11 1.77
CA GLY A 65 -0.81 9.48 1.58
C GLY A 65 0.51 9.66 0.87
N VAL A 66 1.55 8.89 1.25
CA VAL A 66 2.82 8.90 0.54
C VAL A 66 2.73 8.26 -0.84
N GLY A 67 1.93 7.18 -1.00
CA GLY A 67 1.78 6.46 -2.26
C GLY A 67 1.09 7.25 -3.36
N ILE A 68 0.01 7.98 -3.04
CA ILE A 68 -0.64 8.88 -3.98
C ILE A 68 0.30 9.99 -4.44
N VAL A 69 1.08 10.59 -3.52
CA VAL A 69 2.11 11.57 -3.85
C VAL A 69 3.19 11.00 -4.76
N LEU A 70 3.77 9.82 -4.44
CA LEU A 70 4.78 9.18 -5.26
C LEU A 70 4.31 8.79 -6.65
N ILE A 71 3.11 8.18 -6.80
CA ILE A 71 2.57 7.85 -8.11
C ILE A 71 2.20 9.10 -8.92
N SER A 72 1.73 10.17 -8.24
CA SER A 72 1.49 11.47 -8.87
C SER A 72 2.75 12.12 -9.43
N LEU A 73 3.86 12.09 -8.67
CA LEU A 73 5.17 12.54 -9.10
C LEU A 73 5.73 11.76 -10.28
N LEU A 74 5.60 10.40 -10.29
CA LEU A 74 5.93 9.57 -11.44
C LEU A 74 5.08 9.87 -12.68
N SER A 75 3.76 10.06 -12.47
CA SER A 75 2.79 10.33 -13.53
C SER A 75 2.90 11.68 -14.23
N TRP A 76 3.06 12.79 -13.49
CA TRP A 76 2.78 14.10 -14.06
C TRP A 76 3.22 15.25 -13.17
N GLY A 77 2.90 15.21 -11.87
CA GLY A 77 3.18 16.30 -10.95
C GLY A 77 2.50 16.04 -9.65
N PHE A 78 2.98 16.68 -8.57
CA PHE A 78 2.47 16.66 -7.20
C PHE A 78 0.93 16.58 -7.02
N PHE A 79 0.47 15.80 -6.02
CA PHE A 79 -0.94 15.59 -5.68
C PHE A 79 -1.69 16.83 -5.15
N GLY A 80 -3.01 16.92 -5.44
CA GLY A 80 -3.95 17.80 -4.74
C GLY A 80 -3.98 19.20 -5.26
N GLN A 81 -3.59 19.38 -6.54
CA GLN A 81 -3.36 20.69 -7.13
C GLN A 81 -4.43 21.06 -8.15
N ARG A 82 -4.65 22.38 -8.34
CA ARG A 82 -5.66 23.04 -9.15
C ARG A 82 -7.05 22.41 -9.07
N LEU A 83 -7.69 22.54 -7.90
CA LEU A 83 -8.86 21.76 -7.53
C LEU A 83 -10.19 22.44 -7.79
N ASP A 84 -11.21 21.62 -8.10
CA ASP A 84 -12.59 22.06 -8.20
C ASP A 84 -13.33 21.79 -6.88
N LEU A 85 -14.54 22.33 -6.73
CA LEU A 85 -15.34 22.36 -5.52
C LEU A 85 -15.62 20.97 -4.89
N PRO A 86 -15.94 19.87 -5.59
CA PRO A 86 -15.99 18.54 -4.99
C PRO A 86 -14.64 18.03 -4.50
N ALA A 87 -13.51 18.44 -5.12
CA ALA A 87 -12.19 18.05 -4.68
C ALA A 87 -11.72 18.88 -3.48
N ILE A 88 -12.26 20.10 -3.27
CA ILE A 88 -12.19 20.81 -1.99
C ILE A 88 -12.89 20.03 -0.89
N ILE A 89 -14.08 19.45 -1.17
CA ILE A 89 -14.77 18.53 -0.25
C ILE A 89 -13.90 17.30 0.05
N GLY A 90 -13.20 16.75 -0.97
CA GLY A 90 -12.14 15.75 -0.79
C GLY A 90 -11.05 16.14 0.20
N MET A 91 -10.51 17.37 0.10
CA MET A 91 -9.63 17.98 1.08
C MET A 91 -10.24 18.18 2.46
N MET A 92 -11.52 18.59 2.57
CA MET A 92 -12.26 18.64 3.83
C MET A 92 -12.39 17.29 4.52
N LEU A 93 -12.69 16.21 3.76
CA LEU A 93 -12.65 14.85 4.25
C LEU A 93 -11.29 14.42 4.76
N ILE A 94 -10.19 14.72 4.02
CA ILE A 94 -8.84 14.44 4.50
C ILE A 94 -8.50 15.18 5.80
N CYS A 95 -8.84 16.49 5.90
CA CYS A 95 -8.66 17.25 7.13
C CYS A 95 -9.45 16.72 8.32
N ALA A 96 -10.73 16.38 8.10
CA ALA A 96 -11.58 15.73 9.08
C ALA A 96 -11.06 14.37 9.51
N GLY A 97 -10.56 13.55 8.57
CA GLY A 97 -9.96 12.25 8.84
C GLY A 97 -8.71 12.29 9.66
N VAL A 98 -7.76 13.20 9.35
CA VAL A 98 -6.59 13.47 10.18
C VAL A 98 -6.97 13.98 11.57
N LEU A 99 -7.96 14.89 11.65
CA LEU A 99 -8.52 15.41 12.88
C LEU A 99 -9.12 14.32 13.77
N ILE A 100 -9.90 13.37 13.20
CA ILE A 100 -10.43 12.22 13.93
C ILE A 100 -9.33 11.33 14.50
N ILE A 101 -8.27 11.00 13.71
CA ILE A 101 -7.12 10.26 14.21
C ILE A 101 -6.42 11.01 15.35
N ASN A 102 -6.15 12.31 15.16
CA ASN A 102 -5.47 13.18 16.10
C ASN A 102 -6.24 13.43 17.41
N LEU A 103 -7.55 13.71 17.33
CA LEU A 103 -8.42 14.02 18.46
C LEU A 103 -8.53 12.90 19.48
N LEU A 104 -8.67 11.64 18.99
CA LEU A 104 -8.82 10.47 19.84
C LEU A 104 -7.50 9.72 19.98
N SER A 105 -6.36 10.40 19.76
CA SER A 105 -5.05 9.93 20.16
C SER A 105 -4.83 10.12 21.67
N TYR B 4 -7.84 -16.28 -14.58
CA TYR B 4 -8.70 -15.72 -13.50
C TYR B 4 -8.41 -14.26 -13.19
N ILE B 5 -9.26 -13.60 -12.37
CA ILE B 5 -9.07 -12.21 -11.94
C ILE B 5 -7.79 -11.92 -11.16
N TYR B 6 -6.91 -11.07 -11.73
CA TYR B 6 -5.69 -10.58 -11.08
C TYR B 6 -5.92 -9.80 -9.80
N LEU B 7 -6.95 -8.93 -9.74
CA LEU B 7 -7.36 -8.21 -8.54
C LEU B 7 -7.76 -9.13 -7.39
N GLY B 8 -8.41 -10.27 -7.70
CA GLY B 8 -8.70 -11.32 -6.73
C GLY B 8 -7.47 -12.02 -6.19
N GLY B 9 -6.47 -12.26 -7.07
CA GLY B 9 -5.17 -12.79 -6.68
C GLY B 9 -4.39 -11.85 -5.79
N ALA B 10 -4.44 -10.55 -6.09
CA ALA B 10 -3.81 -9.51 -5.31
C ALA B 10 -4.31 -9.36 -3.87
N ILE B 11 -5.64 -9.41 -3.64
CA ILE B 11 -6.20 -9.43 -2.29
C ILE B 11 -5.93 -10.75 -1.56
N LEU B 12 -5.92 -11.89 -2.27
CA LEU B 12 -5.50 -13.18 -1.74
C LEU B 12 -4.04 -13.18 -1.26
N ALA B 13 -3.13 -12.55 -2.03
CA ALA B 13 -1.75 -12.35 -1.67
C ALA B 13 -1.53 -11.55 -0.39
N GLU B 14 -2.28 -10.45 -0.17
CA GLU B 14 -2.28 -9.69 1.07
C GLU B 14 -2.76 -10.45 2.29
N VAL B 15 -3.87 -11.21 2.15
CA VAL B 15 -4.37 -12.09 3.20
C VAL B 15 -3.38 -13.18 3.56
N ILE B 16 -2.74 -13.81 2.57
CA ILE B 16 -1.62 -14.72 2.77
C ILE B 16 -0.39 -14.05 3.40
N GLY B 17 0.00 -12.83 2.96
CA GLY B 17 1.14 -12.10 3.51
C GLY B 17 1.00 -11.71 4.96
N THR B 18 -0.19 -11.23 5.33
CA THR B 18 -0.60 -11.06 6.73
C THR B 18 -0.68 -12.38 7.50
N THR B 19 -1.22 -13.47 6.89
CA THR B 19 -1.26 -14.81 7.48
C THR B 19 0.11 -15.39 7.81
N LEU B 20 1.07 -15.33 6.85
CA LEU B 20 2.44 -15.75 7.03
C LEU B 20 3.17 -14.97 8.11
N MET B 21 2.94 -13.65 8.18
CA MET B 21 3.42 -12.83 9.27
C MET B 21 2.86 -13.20 10.64
N LYS B 22 1.54 -13.45 10.72
CA LYS B 22 0.85 -13.95 11.90
C LYS B 22 1.28 -15.31 12.41
N PHE B 23 1.64 -16.22 11.48
CA PHE B 23 2.25 -17.51 11.73
C PHE B 23 3.52 -17.45 12.59
N SER B 24 3.71 -18.48 13.46
CA SER B 24 4.84 -18.69 14.35
C SER B 24 6.22 -18.25 13.91
N GLU B 25 6.96 -17.56 14.81
CA GLU B 25 8.32 -17.12 14.57
C GLU B 25 9.33 -18.25 14.80
N GLY B 26 8.88 -19.34 15.44
CA GLY B 26 9.63 -20.56 15.71
C GLY B 26 10.18 -21.32 14.53
N PHE B 27 10.81 -22.45 14.84
CA PHE B 27 11.33 -23.39 13.85
C PHE B 27 10.24 -24.05 13.02
N THR B 28 10.45 -24.11 11.71
CA THR B 28 9.59 -24.80 10.76
C THR B 28 9.83 -26.30 10.74
N ARG B 29 8.89 -27.08 10.18
CA ARG B 29 9.12 -28.48 9.84
C ARG B 29 9.19 -28.65 8.33
N LEU B 30 10.28 -29.28 7.84
CA LEU B 30 10.42 -29.80 6.49
C LEU B 30 10.63 -28.78 5.38
N TRP B 31 10.80 -27.48 5.71
CA TRP B 31 11.14 -26.49 4.69
C TRP B 31 11.87 -25.32 5.35
N PRO B 32 12.82 -24.65 4.70
CA PRO B 32 13.35 -23.34 5.10
C PRO B 32 12.31 -22.26 5.40
N SER B 33 12.64 -21.23 6.22
CA SER B 33 11.73 -20.14 6.54
C SER B 33 11.69 -19.06 5.45
N VAL B 34 11.59 -19.47 4.17
CA VAL B 34 11.64 -18.60 3.01
C VAL B 34 10.27 -18.29 2.44
N GLY B 35 9.16 -18.65 3.13
CA GLY B 35 7.78 -18.41 2.72
C GLY B 35 7.44 -16.96 2.44
N THR B 36 7.97 -16.02 3.22
CA THR B 36 7.87 -14.59 2.94
C THR B 36 8.47 -14.21 1.59
N ILE B 37 9.67 -14.72 1.26
CA ILE B 37 10.32 -14.50 -0.02
C ILE B 37 9.51 -15.04 -1.20
N ILE B 38 8.99 -16.28 -1.08
CA ILE B 38 8.15 -16.92 -2.10
C ILE B 38 6.85 -16.17 -2.36
N CYS B 39 6.15 -15.76 -1.29
CA CYS B 39 4.90 -15.01 -1.37
C CYS B 39 5.08 -13.66 -2.05
N TYR B 40 6.14 -12.91 -1.69
CA TYR B 40 6.46 -11.63 -2.30
C TYR B 40 6.76 -11.77 -3.80
N CYS B 41 7.54 -12.79 -4.21
CA CYS B 41 7.80 -13.07 -5.62
C CYS B 41 6.56 -13.40 -6.46
N ALA B 42 5.67 -14.29 -5.95
CA ALA B 42 4.40 -14.60 -6.59
C ALA B 42 3.46 -13.39 -6.68
N SER B 43 3.36 -12.61 -5.59
CA SER B 43 2.59 -11.35 -5.51
C SER B 43 3.06 -10.27 -6.47
N PHE B 44 4.40 -10.12 -6.63
CA PHE B 44 5.05 -9.23 -7.57
C PHE B 44 4.68 -9.52 -9.03
N TRP B 45 4.58 -10.82 -9.40
CA TRP B 45 4.02 -11.26 -10.67
C TRP B 45 2.56 -10.87 -10.87
N LEU B 46 1.71 -11.04 -9.84
CA LEU B 46 0.32 -10.61 -9.87
C LEU B 46 0.14 -9.10 -10.01
N LEU B 47 0.99 -8.30 -9.34
CA LEU B 47 1.07 -6.86 -9.51
C LEU B 47 1.46 -6.45 -10.93
N ALA B 48 2.46 -7.12 -11.53
CA ALA B 48 2.86 -6.91 -12.91
C ALA B 48 1.77 -7.22 -13.93
N GLN B 49 1.07 -8.37 -13.76
CA GLN B 49 -0.12 -8.73 -14.50
C GLN B 49 -1.27 -7.73 -14.34
N THR B 50 -1.51 -7.23 -13.11
CA THR B 50 -2.55 -6.24 -12.83
C THR B 50 -2.35 -4.96 -13.63
N LEU B 51 -1.11 -4.43 -13.64
CA LEU B 51 -0.77 -3.19 -14.34
C LEU B 51 -0.68 -3.34 -15.85
N ALA B 52 -0.35 -4.54 -16.36
CA ALA B 52 -0.39 -4.83 -17.79
C ALA B 52 -1.80 -4.75 -18.40
N TYR B 53 -2.79 -5.35 -17.71
CA TYR B 53 -4.16 -5.40 -18.16
C TYR B 53 -4.99 -4.18 -17.77
N ILE B 54 -4.68 -3.52 -16.63
CA ILE B 54 -5.42 -2.35 -16.16
C ILE B 54 -4.48 -1.13 -16.22
N PRO B 55 -4.78 -0.02 -16.89
CA PRO B 55 -4.05 1.25 -16.77
C PRO B 55 -3.60 1.65 -15.37
N THR B 56 -2.35 2.11 -15.18
CA THR B 56 -1.72 2.28 -13.86
C THR B 56 -2.45 3.19 -12.89
N GLY B 57 -2.96 4.35 -13.36
CA GLY B 57 -3.72 5.28 -12.52
C GLY B 57 -5.10 4.78 -12.19
N ILE B 58 -5.72 3.99 -13.09
CA ILE B 58 -6.92 3.24 -12.79
C ILE B 58 -6.68 2.15 -11.76
N ALA B 59 -5.60 1.36 -11.94
CA ALA B 59 -5.23 0.27 -11.04
C ALA B 59 -4.96 0.70 -9.60
N TYR B 60 -4.22 1.81 -9.39
CA TYR B 60 -4.04 2.39 -8.07
C TYR B 60 -5.33 2.94 -7.46
N ALA B 61 -6.17 3.63 -8.26
CA ALA B 61 -7.49 4.06 -7.83
C ALA B 61 -8.42 2.91 -7.42
N ILE B 62 -8.40 1.78 -8.15
CA ILE B 62 -9.04 0.54 -7.72
C ILE B 62 -8.46 -0.02 -6.42
N TRP B 63 -7.12 -0.08 -6.26
CA TRP B 63 -6.51 -0.51 -5.00
C TRP B 63 -6.85 0.37 -3.80
N VAL B 64 -6.73 1.71 -3.94
CA VAL B 64 -7.16 2.68 -2.94
C VAL B 64 -8.66 2.63 -2.68
N GLY B 65 -9.48 2.49 -3.73
CA GLY B 65 -10.93 2.54 -3.66
C GLY B 65 -11.62 1.28 -3.19
N VAL B 66 -11.23 0.10 -3.70
CA VAL B 66 -11.88 -1.15 -3.37
C VAL B 66 -11.06 -1.91 -2.36
N GLY B 67 -9.71 -1.87 -2.48
CA GLY B 67 -8.81 -2.74 -1.75
C GLY B 67 -8.62 -2.44 -0.29
N ILE B 68 -8.38 -1.16 0.08
CA ILE B 68 -8.12 -0.77 1.47
C ILE B 68 -9.29 -1.03 2.41
N VAL B 69 -10.52 -0.64 2.00
CA VAL B 69 -11.74 -1.01 2.71
C VAL B 69 -11.96 -2.51 2.72
N LEU B 70 -11.76 -3.23 1.59
CA LEU B 70 -11.91 -4.67 1.52
C LEU B 70 -10.96 -5.43 2.43
N ILE B 71 -9.65 -5.09 2.47
CA ILE B 71 -8.71 -5.75 3.39
C ILE B 71 -9.07 -5.52 4.85
N SER B 72 -9.48 -4.28 5.20
CA SER B 72 -9.96 -3.92 6.53
C SER B 72 -11.20 -4.72 6.94
N LEU B 73 -12.16 -4.87 6.00
CA LEU B 73 -13.33 -5.73 6.09
C LEU B 73 -13.02 -7.22 6.25
N LEU B 74 -12.12 -7.79 5.42
CA LEU B 74 -11.64 -9.15 5.56
C LEU B 74 -10.91 -9.40 6.87
N SER B 75 -10.04 -8.46 7.29
CA SER B 75 -9.35 -8.43 8.57
C SER B 75 -10.32 -8.37 9.75
N TRP B 76 -11.40 -7.58 9.65
CA TRP B 76 -12.53 -7.59 10.57
C TRP B 76 -13.26 -8.94 10.66
N GLY B 77 -13.52 -9.59 9.52
CA GLY B 77 -14.24 -10.86 9.44
C GLY B 77 -13.46 -12.09 9.84
N PHE B 78 -12.13 -12.09 9.62
CA PHE B 78 -11.31 -13.27 9.85
C PHE B 78 -10.22 -13.11 10.90
N PHE B 79 -9.74 -11.88 11.19
CA PHE B 79 -8.68 -11.66 12.17
C PHE B 79 -9.15 -10.82 13.35
N GLY B 80 -10.46 -10.51 13.44
CA GLY B 80 -11.07 -9.77 14.55
C GLY B 80 -10.62 -8.35 14.72
N GLN B 81 -10.17 -7.68 13.64
CA GLN B 81 -9.68 -6.32 13.71
C GLN B 81 -10.79 -5.28 13.67
N ARG B 82 -10.63 -4.20 14.45
CA ARG B 82 -11.67 -3.22 14.67
C ARG B 82 -11.91 -2.24 13.52
N LEU B 83 -13.20 -1.98 13.22
CA LEU B 83 -13.64 -0.95 12.30
C LEU B 83 -14.33 0.19 13.05
N ASP B 84 -14.40 0.09 14.39
CA ASP B 84 -14.98 1.13 15.23
C ASP B 84 -13.88 1.95 15.92
N LEU B 85 -12.59 1.69 15.60
CA LEU B 85 -11.47 2.49 16.08
C LEU B 85 -11.41 3.87 15.41
N PRO B 86 -11.38 5.00 16.11
CA PRO B 86 -11.21 6.33 15.54
C PRO B 86 -10.14 6.50 14.47
N ALA B 87 -8.93 5.93 14.65
CA ALA B 87 -7.89 6.00 13.65
C ALA B 87 -8.29 5.36 12.32
N ILE B 88 -8.91 4.16 12.38
CA ILE B 88 -9.51 3.45 11.25
C ILE B 88 -10.62 4.24 10.61
N ILE B 89 -11.54 4.84 11.41
CA ILE B 89 -12.62 5.68 10.91
C ILE B 89 -12.11 6.91 10.15
N GLY B 90 -11.09 7.62 10.68
CA GLY B 90 -10.45 8.75 10.02
C GLY B 90 -9.68 8.37 8.78
N MET B 91 -9.07 7.18 8.78
CA MET B 91 -8.45 6.56 7.63
C MET B 91 -9.41 6.32 6.46
N MET B 92 -10.66 5.90 6.74
CA MET B 92 -11.71 5.84 5.72
C MET B 92 -11.99 7.19 5.08
N LEU B 93 -12.05 8.28 5.88
CA LEU B 93 -12.14 9.64 5.37
C LEU B 93 -10.94 10.05 4.50
N ILE B 94 -9.70 9.70 4.90
CA ILE B 94 -8.51 9.93 4.09
C ILE B 94 -8.53 9.14 2.78
N CYS B 95 -8.84 7.82 2.80
CA CYS B 95 -8.96 7.03 1.58
C CYS B 95 -10.04 7.49 0.62
N ALA B 96 -11.26 7.77 1.14
CA ALA B 96 -12.36 8.33 0.38
C ALA B 96 -12.05 9.72 -0.17
N GLY B 97 -11.45 10.60 0.66
CA GLY B 97 -11.05 11.95 0.27
C GLY B 97 -10.02 11.99 -0.83
N VAL B 98 -8.96 11.17 -0.70
CA VAL B 98 -7.93 11.01 -1.74
C VAL B 98 -8.51 10.49 -3.05
N LEU B 99 -9.38 9.46 -2.97
CA LEU B 99 -10.09 8.89 -4.10
C LEU B 99 -11.01 9.89 -4.81
N ILE B 100 -11.77 10.70 -4.04
CA ILE B 100 -12.60 11.79 -4.53
C ILE B 100 -11.80 12.85 -5.29
N ILE B 101 -10.63 13.28 -4.77
CA ILE B 101 -9.73 14.16 -5.51
C ILE B 101 -9.19 13.50 -6.79
N ASN B 102 -8.72 12.24 -6.69
CA ASN B 102 -8.14 11.49 -7.78
C ASN B 102 -9.09 11.19 -8.94
N LEU B 103 -10.33 10.76 -8.67
CA LEU B 103 -11.22 10.31 -9.73
C LEU B 103 -12.17 11.37 -10.24
N LEU B 104 -12.31 12.53 -9.57
CA LEU B 104 -13.17 13.58 -10.10
C LEU B 104 -12.37 14.64 -10.85
N SER B 105 -11.04 14.48 -10.91
CA SER B 105 -10.14 15.40 -11.57
C SER B 105 -9.63 14.84 -12.91
C2 VCJ C . -0.12 -1.74 -0.54
C5 VCJ C . -1.19 0.82 -0.93
C4 VCJ C . -1.28 0.19 0.30
C6 VCJ C . -0.53 0.18 -1.98
C7 VCJ C . 2.71 -1.84 -2.87
P1 VCJ C . 0.90 -1.95 -3.20
C1 VCJ C . 0.02 -1.12 -1.82
C3 VCJ C . -0.75 -1.07 0.52
C8 VCJ C . 3.70 -1.65 -3.90
C9 VCJ C . 5.06 -1.61 -3.59
C10 VCJ C . 5.47 -1.75 -2.27
C11 VCJ C . 4.56 -1.95 -1.25
C12 VCJ C . 3.20 -1.99 -1.54
C13 VCJ C . 0.40 -3.71 -3.27
C14 VCJ C . 1.32 -4.71 -3.68
C15 VCJ C . 0.98 -6.07 -3.61
C16 VCJ C . -0.28 -6.43 -3.14
C17 VCJ C . -1.21 -5.48 -2.77
C18 VCJ C . -0.89 -4.13 -2.85
C19 VCJ C . 0.50 -1.11 -4.77
C20 VCJ C . 1.14 0.12 -5.11
C21 VCJ C . 0.89 0.76 -6.32
C22 VCJ C . 0.02 0.18 -7.23
C23 VCJ C . -0.67 -0.99 -6.94
C24 VCJ C . -0.44 -1.64 -5.72
F13 VCJ C . -0.58 -7.75 -2.99
F18 VCJ C . -0.14 0.77 -8.43
F3 VCJ C . -1.87 0.85 1.32
F8 VCJ C . 6.78 -1.69 -1.97
H1 VCJ C . 0.25 -2.74 -0.33
H3 VCJ C . -1.60 1.82 -1.06
H4 VCJ C . -0.47 0.72 -2.91
H2 VCJ C . -0.82 -1.54 1.49
H13 VCJ C . 3.42 -1.54 -4.94
H14 VCJ C . 5.80 -1.46 -4.36
H15 VCJ C . 4.91 -2.07 -0.23
H16 VCJ C . 2.53 -2.17 -0.70
H5 VCJ C . 2.32 -4.49 -4.02
H6 VCJ C . 1.69 -6.84 -3.89
H7 VCJ C . -2.19 -5.79 -2.42
H8 VCJ C . -1.65 -3.42 -2.54
H9 VCJ C . 1.86 0.59 -4.45
H10 VCJ C . 1.40 1.68 -6.57
H11 VCJ C . -1.34 -1.42 -7.67
H12 VCJ C . -0.97 -2.56 -5.54
N TYR A 4 8.30 5.87 15.13
CA TYR A 4 8.75 4.75 14.22
C TYR A 4 9.16 5.29 12.85
N ILE A 5 10.30 4.81 12.28
CA ILE A 5 10.80 5.34 11.00
C ILE A 5 10.52 4.37 9.86
N TYR A 6 10.01 3.16 10.17
CA TYR A 6 9.93 2.05 9.25
C TYR A 6 9.11 2.31 8.00
N LEU A 7 7.90 2.89 8.12
CA LEU A 7 7.05 3.21 7.00
C LEU A 7 7.64 4.27 6.08
N GLY A 8 8.17 5.37 6.64
CA GLY A 8 8.82 6.42 5.86
C GLY A 8 10.08 5.95 5.18
N GLY A 9 10.85 5.08 5.87
CA GLY A 9 12.01 4.40 5.30
C GLY A 9 11.66 3.40 4.22
N ALA A 10 10.56 2.64 4.38
CA ALA A 10 10.05 1.75 3.36
C ALA A 10 9.62 2.44 2.08
N ILE A 11 8.91 3.59 2.18
CA ILE A 11 8.53 4.41 1.05
C ILE A 11 9.73 4.94 0.27
N LEU A 12 10.79 5.37 0.99
CA LEU A 12 12.07 5.69 0.42
C LEU A 12 12.72 4.52 -0.33
N ALA A 13 12.70 3.30 0.24
CA ALA A 13 13.15 2.08 -0.42
C ALA A 13 12.37 1.70 -1.67
N GLU A 14 11.02 1.78 -1.65
CA GLU A 14 10.14 1.50 -2.78
C GLU A 14 10.41 2.42 -3.97
N VAL A 15 10.60 3.73 -3.69
CA VAL A 15 11.03 4.73 -4.65
C VAL A 15 12.40 4.43 -5.27
N ILE A 16 13.40 4.02 -4.47
CA ILE A 16 14.69 3.58 -4.97
C ILE A 16 14.59 2.36 -5.88
N GLY A 17 13.81 1.33 -5.48
CA GLY A 17 13.57 0.14 -6.28
C GLY A 17 12.96 0.42 -7.62
N THR A 18 11.87 1.21 -7.64
CA THR A 18 11.21 1.65 -8.88
C THR A 18 12.12 2.48 -9.77
N THR A 19 12.88 3.43 -9.19
CA THR A 19 13.84 4.25 -9.94
C THR A 19 14.95 3.44 -10.58
N LEU A 20 15.59 2.50 -9.84
CA LEU A 20 16.60 1.61 -10.39
C LEU A 20 16.08 0.68 -11.49
N MET A 21 14.86 0.15 -11.32
CA MET A 21 14.19 -0.71 -12.28
C MET A 21 13.95 -0.05 -13.65
N LYS A 22 13.44 1.19 -13.67
CA LYS A 22 13.21 1.93 -14.91
C LYS A 22 14.46 2.57 -15.50
N PHE A 23 15.47 2.82 -14.64
CA PHE A 23 16.80 3.24 -15.03
C PHE A 23 17.56 2.13 -15.79
N SER A 24 17.16 0.87 -15.54
CA SER A 24 17.79 -0.32 -16.08
C SER A 24 17.09 -0.88 -17.31
N GLU A 25 16.13 -0.15 -17.92
CA GLU A 25 15.58 -0.52 -19.21
C GLU A 25 16.63 -0.62 -20.32
N GLY A 26 16.49 -1.63 -21.19
CA GLY A 26 17.51 -2.03 -22.14
C GLY A 26 18.71 -2.74 -21.54
N PHE A 27 19.56 -3.30 -22.41
CA PHE A 27 20.70 -4.12 -21.99
C PHE A 27 22.03 -3.39 -22.10
N THR A 28 22.01 -2.06 -22.32
CA THR A 28 23.22 -1.24 -22.39
C THR A 28 23.81 -0.89 -21.03
N ARG A 29 22.96 -0.81 -19.98
CA ARG A 29 23.30 -0.50 -18.61
C ARG A 29 24.46 -1.23 -17.94
N LEU A 30 25.11 -0.55 -16.98
CA LEU A 30 26.19 -1.08 -16.18
C LEU A 30 25.75 -1.32 -14.74
N TRP A 31 24.53 -0.88 -14.34
CA TRP A 31 23.97 -1.16 -13.03
C TRP A 31 23.63 -2.66 -12.81
N PRO A 32 24.23 -3.39 -11.85
CA PRO A 32 23.85 -4.76 -11.50
C PRO A 32 22.39 -4.92 -11.10
N SER A 33 21.62 -5.71 -11.88
CA SER A 33 20.18 -5.88 -11.74
C SER A 33 19.75 -6.46 -10.40
N VAL A 34 20.61 -7.30 -9.79
CA VAL A 34 20.48 -7.78 -8.41
C VAL A 34 20.36 -6.68 -7.36
N GLY A 35 21.03 -5.52 -7.53
CA GLY A 35 20.94 -4.36 -6.63
C GLY A 35 19.58 -3.74 -6.59
N THR A 36 18.85 -3.77 -7.72
CA THR A 36 17.44 -3.40 -7.82
C THR A 36 16.57 -4.29 -6.94
N ILE A 37 16.82 -5.62 -6.99
CA ILE A 37 16.12 -6.63 -6.19
C ILE A 37 16.31 -6.41 -4.69
N ILE A 38 17.54 -6.05 -4.25
CA ILE A 38 17.86 -5.72 -2.87
C ILE A 38 17.02 -4.57 -2.33
N CYS A 39 16.84 -3.49 -3.12
CA CYS A 39 15.99 -2.36 -2.75
C CYS A 39 14.52 -2.73 -2.56
N TYR A 40 13.95 -3.57 -3.45
CA TYR A 40 12.65 -4.16 -3.23
C TYR A 40 12.54 -5.05 -1.98
N CYS A 41 13.54 -5.93 -1.73
CA CYS A 41 13.60 -6.78 -0.55
C CYS A 41 13.67 -6.03 0.77
N ALA A 42 14.47 -4.95 0.83
CA ALA A 42 14.48 -4.04 1.97
C ALA A 42 13.14 -3.36 2.23
N SER A 43 12.47 -2.89 1.16
CA SER A 43 11.15 -2.29 1.22
C SER A 43 10.08 -3.24 1.78
N PHE A 44 10.07 -4.51 1.32
CA PHE A 44 9.29 -5.56 1.96
C PHE A 44 9.68 -5.85 3.42
N TRP A 45 10.99 -5.94 3.74
CA TRP A 45 11.46 -6.22 5.10
C TRP A 45 11.05 -5.15 6.11
N LEU A 46 11.17 -3.85 5.75
CA LEU A 46 10.71 -2.72 6.54
C LEU A 46 9.20 -2.71 6.78
N LEU A 47 8.39 -3.05 5.77
CA LEU A 47 6.95 -3.14 5.85
C LEU A 47 6.44 -4.17 6.86
N ALA A 48 7.09 -5.35 6.94
CA ALA A 48 6.82 -6.36 7.95
C ALA A 48 7.05 -5.87 9.38
N GLN A 49 8.14 -5.09 9.62
CA GLN A 49 8.38 -4.42 10.89
C GLN A 49 7.29 -3.38 11.22
N THR A 50 6.84 -2.62 10.21
CA THR A 50 5.78 -1.62 10.32
C THR A 50 4.47 -2.22 10.80
N LEU A 51 4.09 -3.39 10.25
CA LEU A 51 2.88 -4.10 10.61
C LEU A 51 2.96 -4.78 11.98
N ALA A 52 4.18 -5.01 12.48
CA ALA A 52 4.41 -5.54 13.81
C ALA A 52 4.31 -4.50 14.92
N TYR A 53 4.43 -3.19 14.59
CA TYR A 53 4.29 -2.11 15.55
C TYR A 53 2.99 -1.33 15.40
N ILE A 54 2.48 -1.14 14.16
CA ILE A 54 1.25 -0.41 13.90
C ILE A 54 0.21 -1.44 13.44
N PRO A 55 -1.01 -1.51 13.97
CA PRO A 55 -2.10 -2.35 13.45
C PRO A 55 -2.27 -2.45 11.94
N THR A 56 -2.58 -3.66 11.42
CA THR A 56 -2.47 -3.98 10.00
C THR A 56 -3.29 -3.12 9.06
N GLY A 57 -4.52 -2.75 9.46
CA GLY A 57 -5.40 -1.88 8.68
C GLY A 57 -5.10 -0.41 8.86
N ILE A 58 -4.70 0.01 10.07
CA ILE A 58 -4.27 1.39 10.35
C ILE A 58 -3.00 1.75 9.58
N ALA A 59 -2.03 0.82 9.54
CA ALA A 59 -0.83 0.89 8.72
C ALA A 59 -1.12 0.96 7.23
N TYR A 60 -2.10 0.16 6.73
CA TYR A 60 -2.59 0.24 5.37
C TYR A 60 -3.18 1.62 5.06
N ALA A 61 -4.04 2.16 5.95
CA ALA A 61 -4.63 3.47 5.81
C ALA A 61 -3.63 4.62 5.73
N ILE A 62 -2.59 4.63 6.60
CA ILE A 62 -1.49 5.60 6.54
C ILE A 62 -0.73 5.56 5.22
N TRP A 63 -0.37 4.34 4.74
CA TRP A 63 0.32 4.17 3.48
C TRP A 63 -0.52 4.64 2.30
N VAL A 64 -1.84 4.32 2.28
CA VAL A 64 -2.81 4.81 1.30
C VAL A 64 -2.91 6.32 1.26
N GLY A 65 -2.75 6.99 2.42
CA GLY A 65 -2.56 8.45 2.50
C GLY A 65 -1.38 9.00 1.71
N VAL A 66 -0.20 8.35 1.77
CA VAL A 66 0.93 8.74 0.92
C VAL A 66 0.71 8.27 -0.52
N GLY A 67 0.09 7.08 -0.66
CA GLY A 67 -0.26 6.40 -1.90
C GLY A 67 -1.18 7.14 -2.81
N ILE A 68 -2.26 7.77 -2.30
CA ILE A 68 -3.17 8.60 -3.10
C ILE A 68 -2.49 9.85 -3.66
N VAL A 69 -1.57 10.46 -2.88
CA VAL A 69 -0.68 11.51 -3.36
C VAL A 69 0.25 10.98 -4.44
N LEU A 70 0.85 9.79 -4.27
CA LEU A 70 1.61 9.10 -5.29
C LEU A 70 0.83 8.75 -6.55
N ILE A 71 -0.44 8.30 -6.43
CA ILE A 71 -1.35 8.12 -7.56
C ILE A 71 -1.56 9.40 -8.32
N SER A 72 -1.79 10.54 -7.64
CA SER A 72 -1.83 11.85 -8.29
C SER A 72 -0.52 12.29 -8.92
N LEU A 73 0.62 12.17 -8.20
CA LEU A 73 1.95 12.50 -8.72
C LEU A 73 2.38 11.69 -9.92
N LEU A 74 2.16 10.36 -9.91
CA LEU A 74 2.34 9.48 -11.04
C LEU A 74 1.42 9.82 -12.21
N SER A 75 0.14 10.15 -11.92
CA SER A 75 -0.83 10.56 -12.93
C SER A 75 -0.46 11.85 -13.66
N TRP A 76 -0.05 12.91 -12.94
CA TRP A 76 0.54 14.10 -13.53
C TRP A 76 1.89 13.85 -14.21
N GLY A 77 2.77 13.08 -13.54
CA GLY A 77 4.14 12.80 -13.96
C GLY A 77 5.15 13.79 -13.43
N PHE A 78 4.71 14.71 -12.56
CA PHE A 78 5.49 15.84 -12.11
C PHE A 78 4.62 16.52 -11.04
N PHE A 79 5.02 17.71 -10.54
CA PHE A 79 4.13 18.59 -9.83
C PHE A 79 2.97 19.05 -10.72
N GLY A 80 1.71 18.72 -10.36
CA GLY A 80 0.51 19.18 -11.03
C GLY A 80 0.30 20.68 -11.04
N GLN A 81 -0.69 21.14 -11.81
CA GLN A 81 -1.15 22.51 -11.75
C GLN A 81 -2.35 22.55 -10.82
N ARG A 82 -2.72 23.76 -10.33
CA ARG A 82 -3.76 24.02 -9.34
C ARG A 82 -5.01 23.14 -9.23
N LEU A 83 -5.44 22.86 -7.98
CA LEU A 83 -6.54 21.96 -7.68
C LEU A 83 -7.84 22.74 -7.53
N ASP A 84 -8.94 22.24 -8.10
CA ASP A 84 -10.27 22.80 -7.89
C ASP A 84 -10.81 22.50 -6.49
N LEU A 85 -11.80 23.26 -5.99
CA LEU A 85 -12.18 23.26 -4.59
C LEU A 85 -12.61 21.91 -3.99
N PRO A 86 -13.39 21.00 -4.58
CA PRO A 86 -13.67 19.72 -3.95
C PRO A 86 -12.45 18.81 -3.95
N ALA A 87 -11.53 18.93 -4.94
CA ALA A 87 -10.24 18.24 -4.90
C ALA A 87 -9.38 18.68 -3.72
N ILE A 88 -9.35 19.99 -3.40
CA ILE A 88 -8.71 20.55 -2.21
C ILE A 88 -9.27 19.98 -0.91
N ILE A 89 -10.60 19.87 -0.80
CA ILE A 89 -11.28 19.21 0.32
C ILE A 89 -10.89 17.74 0.45
N GLY A 90 -10.78 17.01 -0.69
CA GLY A 90 -10.25 15.65 -0.73
C GLY A 90 -8.93 15.45 -0.04
N MET A 91 -7.96 16.33 -0.31
CA MET A 91 -6.67 16.39 0.36
C MET A 91 -6.75 16.67 1.85
N MET A 92 -7.62 17.60 2.29
CA MET A 92 -7.88 17.90 3.70
C MET A 92 -8.35 16.70 4.51
N LEU A 93 -9.26 15.88 3.94
CA LEU A 93 -9.72 14.63 4.53
C LEU A 93 -8.62 13.61 4.76
N ILE A 94 -7.70 13.41 3.77
CA ILE A 94 -6.54 12.52 3.92
C ILE A 94 -5.64 12.97 5.05
N CYS A 95 -5.30 14.28 5.06
CA CYS A 95 -4.46 14.91 6.05
C CYS A 95 -5.03 14.82 7.45
N ALA A 96 -6.34 15.09 7.61
CA ALA A 96 -7.04 14.95 8.87
C ALA A 96 -7.00 13.54 9.43
N GLY A 97 -7.22 12.52 8.57
CA GLY A 97 -7.17 11.12 8.99
C GLY A 97 -5.81 10.65 9.42
N VAL A 98 -4.76 10.97 8.64
CA VAL A 98 -3.38 10.70 9.01
C VAL A 98 -2.96 11.43 10.29
N LEU A 99 -3.31 12.72 10.42
CA LEU A 99 -3.01 13.53 11.60
C LEU A 99 -3.62 13.01 12.89
N ILE A 100 -4.92 12.62 12.88
CA ILE A 100 -5.61 12.01 14.02
C ILE A 100 -4.97 10.72 14.49
N ILE A 101 -4.60 9.83 13.54
CA ILE A 101 -3.85 8.62 13.78
C ILE A 101 -2.44 8.86 14.35
N ASN A 102 -1.71 9.87 13.83
CA ASN A 102 -0.39 10.21 14.35
C ASN A 102 -0.41 10.89 15.72
N LEU A 103 -1.52 11.51 16.15
CA LEU A 103 -1.59 12.22 17.41
C LEU A 103 -2.06 11.37 18.58
N LEU A 104 -2.44 10.10 18.37
CA LEU A 104 -2.94 9.20 19.41
C LEU A 104 -2.02 9.11 20.64
N SER A 105 -2.59 9.26 21.85
CA SER A 105 -1.85 9.38 23.11
C SER A 105 -0.84 8.26 23.44
N TYR B 4 -8.24 -16.01 -14.57
CA TYR B 4 -8.83 -14.97 -13.70
C TYR B 4 -8.07 -13.64 -13.77
N ILE B 5 -8.70 -12.50 -13.40
CA ILE B 5 -8.07 -11.19 -13.43
C ILE B 5 -6.83 -11.02 -12.54
N TYR B 6 -5.75 -10.45 -13.10
CA TYR B 6 -4.52 -10.15 -12.37
C TYR B 6 -4.66 -9.17 -11.21
N LEU B 7 -5.39 -8.05 -11.41
CA LEU B 7 -5.59 -7.04 -10.38
C LEU B 7 -6.33 -7.57 -9.15
N GLY B 8 -7.35 -8.43 -9.40
CA GLY B 8 -8.05 -9.20 -8.37
C GLY B 8 -7.14 -10.13 -7.62
N GLY B 9 -6.24 -10.84 -8.33
CA GLY B 9 -5.21 -11.67 -7.73
C GLY B 9 -4.25 -10.93 -6.84
N ALA B 10 -3.78 -9.75 -7.29
CA ALA B 10 -2.95 -8.86 -6.51
C ALA B 10 -3.59 -8.32 -5.23
N ILE B 11 -4.87 -7.90 -5.25
CA ILE B 11 -5.53 -7.46 -4.02
C ILE B 11 -5.93 -8.62 -3.11
N LEU B 12 -6.25 -9.81 -3.69
CA LEU B 12 -6.43 -11.05 -2.96
C LEU B 12 -5.20 -11.44 -2.15
N ALA B 13 -4.00 -11.26 -2.75
CA ALA B 13 -2.74 -11.57 -2.12
C ALA B 13 -2.49 -10.84 -0.81
N GLU B 14 -2.77 -9.52 -0.71
CA GLU B 14 -2.73 -8.81 0.56
C GLU B 14 -3.74 -9.26 1.59
N VAL B 15 -4.98 -9.63 1.20
CA VAL B 15 -5.96 -10.22 2.09
C VAL B 15 -5.48 -11.54 2.71
N ILE B 16 -4.87 -12.42 1.90
CA ILE B 16 -4.14 -13.60 2.39
C ILE B 16 -2.93 -13.22 3.25
N GLY B 17 -2.11 -12.25 2.82
CA GLY B 17 -0.90 -11.81 3.51
C GLY B 17 -1.13 -11.20 4.87
N THR B 18 -2.17 -10.36 5.00
CA THR B 18 -2.60 -9.80 6.28
C THR B 18 -3.09 -10.88 7.23
N THR B 19 -3.74 -11.94 6.70
CA THR B 19 -4.14 -13.11 7.48
C THR B 19 -2.95 -13.80 8.15
N LEU B 20 -1.81 -13.94 7.43
CA LEU B 20 -0.56 -14.43 7.97
C LEU B 20 -0.02 -13.58 9.14
N MET B 21 -0.16 -12.24 9.06
CA MET B 21 0.25 -11.31 10.12
C MET B 21 -0.55 -11.40 11.40
N LYS B 22 -1.77 -11.95 11.36
CA LYS B 22 -2.66 -12.07 12.51
C LYS B 22 -2.61 -13.42 13.19
N PHE B 23 -1.77 -14.38 12.71
CA PHE B 23 -1.57 -15.68 13.33
C PHE B 23 -1.10 -15.64 14.78
N SER B 24 -1.53 -16.62 15.60
CA SER B 24 -1.17 -16.73 17.00
C SER B 24 0.32 -16.88 17.31
N GLU B 25 0.76 -16.30 18.45
CA GLU B 25 2.15 -16.21 18.87
C GLU B 25 2.87 -17.54 19.11
N GLY B 26 4.16 -17.60 18.77
CA GLY B 26 4.98 -18.80 18.90
C GLY B 26 5.05 -19.63 17.65
N PHE B 27 5.90 -20.67 17.65
CA PHE B 27 6.07 -21.56 16.51
C PHE B 27 4.79 -22.26 16.07
N THR B 28 4.54 -22.31 14.76
CA THR B 28 3.30 -22.78 14.17
C THR B 28 3.60 -24.04 13.40
N ARG B 29 2.79 -25.10 13.59
CA ARG B 29 2.87 -26.30 12.77
C ARG B 29 2.66 -26.04 11.27
N LEU B 30 3.34 -26.82 10.40
CA LEU B 30 3.14 -26.87 8.97
C LEU B 30 3.79 -25.72 8.20
N TRP B 31 3.48 -24.47 8.59
CA TRP B 31 3.97 -23.23 8.00
C TRP B 31 5.49 -23.04 8.03
N PRO B 32 6.25 -22.99 6.92
CA PRO B 32 7.71 -22.95 6.99
C PRO B 32 8.22 -21.50 7.09
N SER B 33 9.48 -21.32 7.51
CA SER B 33 10.12 -20.02 7.69
C SER B 33 10.53 -19.33 6.40
N VAL B 34 10.61 -20.07 5.27
CA VAL B 34 10.80 -19.47 3.97
C VAL B 34 9.43 -19.22 3.30
N GLY B 35 8.32 -19.57 4.00
CA GLY B 35 6.95 -19.43 3.51
C GLY B 35 6.51 -18.04 3.18
N THR B 36 6.79 -17.05 4.06
CA THR B 36 6.55 -15.63 3.80
C THR B 36 7.35 -15.11 2.60
N ILE B 37 8.61 -15.57 2.44
CA ILE B 37 9.49 -15.21 1.34
C ILE B 37 8.91 -15.60 -0.02
N ILE B 38 8.33 -16.83 -0.11
CA ILE B 38 7.57 -17.32 -1.25
C ILE B 38 6.36 -16.43 -1.57
N CYS B 39 5.59 -16.06 -0.53
CA CYS B 39 4.43 -15.19 -0.63
C CYS B 39 4.72 -13.79 -1.14
N TYR B 40 5.80 -13.15 -0.66
CA TYR B 40 6.31 -11.89 -1.20
C TYR B 40 6.77 -11.97 -2.65
N CYS B 41 7.48 -13.05 -3.05
CA CYS B 41 7.86 -13.29 -4.45
C CYS B 41 6.64 -13.42 -5.37
N ALA B 42 5.62 -14.19 -4.93
CA ALA B 42 4.34 -14.30 -5.60
C ALA B 42 3.59 -12.97 -5.70
N SER B 43 3.54 -12.20 -4.59
CA SER B 43 2.92 -10.87 -4.52
C SER B 43 3.56 -9.89 -5.48
N PHE B 44 4.91 -9.86 -5.54
CA PHE B 44 5.68 -9.04 -6.43
C PHE B 44 5.38 -9.34 -7.90
N TRP B 45 5.30 -10.63 -8.27
CA TRP B 45 4.84 -11.04 -9.60
C TRP B 45 3.39 -10.64 -9.92
N LEU B 46 2.42 -10.83 -8.99
CA LEU B 46 1.04 -10.42 -9.17
C LEU B 46 0.88 -8.92 -9.37
N LEU B 47 1.63 -8.11 -8.60
CA LEU B 47 1.76 -6.69 -8.83
C LEU B 47 2.37 -6.33 -10.19
N ALA B 48 3.48 -6.97 -10.59
CA ALA B 48 4.12 -6.76 -11.87
C ALA B 48 3.23 -7.10 -13.07
N GLN B 49 2.49 -8.22 -13.01
CA GLN B 49 1.42 -8.54 -13.94
C GLN B 49 0.25 -7.59 -13.95
N THR B 50 -0.15 -7.06 -12.78
CA THR B 50 -1.18 -6.02 -12.66
C THR B 50 -0.82 -4.77 -13.44
N LEU B 51 0.46 -4.33 -13.34
CA LEU B 51 1.01 -3.20 -14.07
C LEU B 51 1.31 -3.47 -15.55
N ALA B 52 1.47 -4.76 -15.94
CA ALA B 52 1.84 -5.20 -17.27
C ALA B 52 0.88 -4.77 -18.38
N TYR B 53 -0.44 -4.78 -18.09
CA TYR B 53 -1.45 -4.36 -19.05
C TYR B 53 -2.19 -3.11 -18.61
N ILE B 54 -1.88 -2.52 -17.44
CA ILE B 54 -2.60 -1.36 -16.94
C ILE B 54 -1.56 -0.30 -16.54
N PRO B 55 -1.55 0.93 -17.07
CA PRO B 55 -0.79 2.07 -16.54
C PRO B 55 -0.73 2.21 -15.02
N THR B 56 0.44 2.59 -14.45
CA THR B 56 0.71 2.48 -13.02
C THR B 56 -0.27 3.22 -12.13
N GLY B 57 -0.61 4.48 -12.50
CA GLY B 57 -1.59 5.26 -11.75
C GLY B 57 -2.99 4.68 -11.74
N ILE B 58 -3.47 4.18 -12.89
CA ILE B 58 -4.76 3.52 -13.04
C ILE B 58 -4.86 2.25 -12.20
N ALA B 59 -3.83 1.38 -12.30
CA ALA B 59 -3.74 0.14 -11.57
C ALA B 59 -3.72 0.30 -10.05
N TYR B 60 -2.90 1.24 -9.55
CA TYR B 60 -2.81 1.53 -8.13
C TYR B 60 -4.10 2.12 -7.55
N ALA B 61 -4.76 3.07 -8.26
CA ALA B 61 -6.03 3.63 -7.86
C ALA B 61 -7.18 2.64 -7.76
N ILE B 62 -7.33 1.75 -8.76
CA ILE B 62 -8.29 0.65 -8.72
C ILE B 62 -7.98 -0.34 -7.60
N TRP B 63 -6.70 -0.72 -7.41
CA TRP B 63 -6.26 -1.58 -6.33
C TRP B 63 -6.53 -1.03 -4.93
N VAL B 64 -6.27 0.27 -4.69
CA VAL B 64 -6.67 1.00 -3.50
C VAL B 64 -8.18 1.07 -3.32
N GLY B 65 -8.93 1.38 -4.40
CA GLY B 65 -10.38 1.57 -4.36
C GLY B 65 -11.18 0.33 -4.06
N VAL B 66 -10.83 -0.79 -4.71
CA VAL B 66 -11.32 -2.11 -4.34
C VAL B 66 -10.84 -2.55 -2.95
N GLY B 67 -9.53 -2.38 -2.68
CA GLY B 67 -8.87 -2.89 -1.49
C GLY B 67 -9.29 -2.29 -0.19
N ILE B 68 -9.45 -0.96 -0.12
CA ILE B 68 -9.78 -0.25 1.11
C ILE B 68 -11.14 -0.66 1.70
N VAL B 69 -12.13 -0.95 0.84
CA VAL B 69 -13.40 -1.52 1.25
C VAL B 69 -13.26 -2.90 1.90
N LEU B 70 -12.48 -3.81 1.29
CA LEU B 70 -12.22 -5.14 1.80
C LEU B 70 -11.47 -5.15 3.13
N ILE B 71 -10.43 -4.32 3.28
CA ILE B 71 -9.67 -4.15 4.52
C ILE B 71 -10.56 -3.64 5.65
N SER B 72 -11.45 -2.67 5.34
CA SER B 72 -12.46 -2.16 6.27
C SER B 72 -13.47 -3.20 6.75
N LEU B 73 -13.96 -4.08 5.85
CA LEU B 73 -14.83 -5.21 6.17
C LEU B 73 -14.20 -6.21 7.13
N LEU B 74 -12.91 -6.58 6.93
CA LEU B 74 -12.14 -7.35 7.90
C LEU B 74 -11.96 -6.64 9.24
N SER B 75 -11.72 -5.31 9.21
CA SER B 75 -11.58 -4.50 10.41
C SER B 75 -12.84 -4.48 11.29
N TRP B 76 -14.03 -4.30 10.69
CA TRP B 76 -15.32 -4.47 11.35
C TRP B 76 -15.64 -5.90 11.79
N GLY B 77 -15.32 -6.88 10.92
CA GLY B 77 -15.60 -8.30 11.10
C GLY B 77 -14.59 -9.00 11.96
N PHE B 78 -13.69 -9.80 11.35
CA PHE B 78 -12.70 -10.64 12.01
C PHE B 78 -11.81 -9.96 13.04
N PHE B 79 -11.34 -8.72 12.79
CA PHE B 79 -10.46 -8.04 13.73
C PHE B 79 -11.23 -7.55 14.95
N GLY B 80 -12.56 -7.33 14.79
CA GLY B 80 -13.49 -7.04 15.89
C GLY B 80 -13.44 -5.64 16.40
N GLN B 81 -12.97 -4.69 15.57
CA GLN B 81 -12.74 -3.33 15.99
C GLN B 81 -14.05 -2.55 16.01
N ARG B 82 -14.29 -1.77 17.08
CA ARG B 82 -15.50 -0.97 17.20
C ARG B 82 -15.36 0.36 16.48
N LEU B 83 -16.44 0.80 15.81
CA LEU B 83 -16.34 1.79 14.76
C LEU B 83 -16.50 3.21 15.28
N ASP B 84 -16.60 3.42 16.60
CA ASP B 84 -16.65 4.75 17.17
C ASP B 84 -15.26 5.19 17.67
N LEU B 85 -14.26 4.29 17.55
CA LEU B 85 -12.86 4.43 17.87
C LEU B 85 -12.12 5.51 17.04
N PRO B 86 -11.19 6.32 17.56
CA PRO B 86 -10.65 7.47 16.82
C PRO B 86 -9.75 7.07 15.67
N ALA B 87 -8.98 5.96 15.79
CA ALA B 87 -8.20 5.40 14.71
C ALA B 87 -9.07 5.01 13.51
N ILE B 88 -10.26 4.43 13.76
CA ILE B 88 -11.28 4.16 12.76
C ILE B 88 -11.83 5.43 12.10
N ILE B 89 -12.10 6.52 12.86
CA ILE B 89 -12.51 7.80 12.28
C ILE B 89 -11.46 8.37 11.33
N GLY B 90 -10.16 8.29 11.71
CA GLY B 90 -9.05 8.62 10.85
C GLY B 90 -8.97 7.79 9.60
N MET B 91 -9.19 6.46 9.71
CA MET B 91 -9.31 5.58 8.56
C MET B 91 -10.46 5.95 7.63
N MET B 92 -11.65 6.29 8.19
CA MET B 92 -12.78 6.79 7.44
C MET B 92 -12.55 8.10 6.68
N LEU B 93 -11.87 9.08 7.30
CA LEU B 93 -11.44 10.30 6.62
C LEU B 93 -10.52 10.04 5.43
N ILE B 94 -9.56 9.11 5.57
CA ILE B 94 -8.74 8.63 4.45
C ILE B 94 -9.57 7.97 3.34
N CYS B 95 -10.55 7.12 3.70
CA CYS B 95 -11.50 6.54 2.75
C CYS B 95 -12.33 7.57 2.00
N ALA B 96 -12.84 8.59 2.73
CA ALA B 96 -13.56 9.72 2.17
C ALA B 96 -12.72 10.56 1.22
N GLY B 97 -11.46 10.87 1.58
CA GLY B 97 -10.54 11.63 0.74
C GLY B 97 -10.18 10.92 -0.54
N VAL B 98 -9.89 9.61 -0.44
CA VAL B 98 -9.63 8.73 -1.59
C VAL B 98 -10.80 8.66 -2.56
N LEU B 99 -12.04 8.54 -2.04
CA LEU B 99 -13.25 8.53 -2.83
C LEU B 99 -13.44 9.79 -3.68
N ILE B 100 -13.27 10.98 -3.07
CA ILE B 100 -13.33 12.25 -3.77
C ILE B 100 -12.24 12.40 -4.82
N ILE B 101 -10.97 12.07 -4.48
CA ILE B 101 -9.86 12.12 -5.43
C ILE B 101 -10.06 11.19 -6.63
N ASN B 102 -10.50 9.93 -6.42
CA ASN B 102 -10.79 8.99 -7.49
C ASN B 102 -12.03 9.33 -8.32
N LEU B 103 -13.05 10.01 -7.74
CA LEU B 103 -14.19 10.51 -8.48
C LEU B 103 -13.90 11.77 -9.29
N LEU B 104 -12.88 12.56 -8.91
CA LEU B 104 -12.44 13.73 -9.65
C LEU B 104 -11.22 13.42 -10.51
N SER B 105 -10.86 12.14 -10.61
CA SER B 105 -9.84 11.64 -11.52
C SER B 105 -10.48 11.19 -12.85
C2 VCJ C . 0.61 -0.17 -1.67
C5 VCJ C . 0.26 -1.27 0.89
C4 VCJ C . -0.37 -0.09 0.53
C6 VCJ C . 1.06 -1.93 -0.06
C7 VCJ C . 3.93 -2.52 -2.10
P1 VCJ C . 2.20 -2.34 -2.64
C1 VCJ C . 1.23 -1.41 -1.37
C3 VCJ C . -0.21 0.47 -0.73
C8 VCJ C . 4.75 -3.57 -2.62
C9 VCJ C . 6.08 -3.70 -2.24
C10 VCJ C . 6.62 -2.80 -1.34
C11 VCJ C . 5.88 -1.76 -0.79
C12 VCJ C . 4.53 -1.61 -1.18
C13 VCJ C . 1.50 -4.03 -2.85
C14 VCJ C . 0.71 -4.43 -3.97
C15 VCJ C . 0.26 -5.74 -4.11
C16 VCJ C . 0.59 -6.68 -3.15
C17 VCJ C . 1.34 -6.35 -2.04
C18 VCJ C . 1.80 -5.04 -1.88
C19 VCJ C . 2.18 -1.45 -4.25
C20 VCJ C . 0.96 -1.08 -4.87
C21 VCJ C . 0.94 -0.46 -6.13
C22 VCJ C . 2.14 -0.19 -6.76
C23 VCJ C . 3.35 -0.51 -6.20
C24 VCJ C . 3.38 -1.13 -4.94
F13 VCJ C . 0.14 -7.97 -3.29
F18 VCJ C . 2.10 0.38 -7.99
F3 VCJ C . -1.18 0.53 1.42
F8 VCJ C . 7.91 -2.95 -0.97
H1 VCJ C . 0.73 0.33 -2.61
H3 VCJ C . 0.14 -1.68 1.88
H4 VCJ C . 1.52 -2.86 0.26
H2 VCJ C . -0.69 1.41 -0.96
H13 VCJ C . 4.35 -4.29 -3.32
H14 VCJ C . 6.69 -4.50 -2.62
H15 VCJ C . 6.31 -1.07 -0.09
H16 VCJ C . 3.97 -0.80 -0.73
H5 VCJ C . 0.45 -3.72 -4.75
H6 VCJ C . -0.34 -6.03 -4.96
H7 VCJ C . 1.57 -7.10 -1.30
H8 VCJ C . 2.39 -4.84 -1.00
H9 VCJ C . 0.00 -1.27 -4.41
H10 VCJ C . 0.01 -0.19 -6.59
H11 VCJ C . 4.27 -0.28 -6.73
H12 VCJ C . 4.36 -1.38 -4.55
N TYR A 4 9.00 4.72 15.18
CA TYR A 4 9.50 3.73 14.17
C TYR A 4 10.01 4.39 12.90
N ILE A 5 11.09 3.85 12.28
CA ILE A 5 11.75 4.42 11.11
C ILE A 5 11.37 3.60 9.86
N TYR A 6 10.52 2.57 10.02
CA TYR A 6 10.23 1.57 9.01
C TYR A 6 9.67 2.11 7.69
N LEU A 7 8.68 3.02 7.74
CA LEU A 7 8.14 3.71 6.57
C LEU A 7 9.14 4.64 5.86
N GLY A 8 9.98 5.35 6.63
CA GLY A 8 11.07 6.18 6.13
C GLY A 8 12.14 5.41 5.38
N GLY A 9 12.42 4.17 5.82
CA GLY A 9 13.26 3.24 5.07
C GLY A 9 12.58 2.68 3.83
N ALA A 10 11.29 2.32 3.95
CA ALA A 10 10.46 1.81 2.87
C ALA A 10 10.27 2.77 1.70
N ILE A 11 9.99 4.06 1.94
CA ILE A 11 9.87 5.05 0.87
C ILE A 11 11.16 5.22 0.06
N LEU A 12 12.34 5.21 0.72
CA LEU A 12 13.62 5.13 0.04
C LEU A 12 13.80 3.85 -0.78
N ALA A 13 13.49 2.67 -0.19
CA ALA A 13 13.57 1.39 -0.85
C ALA A 13 12.65 1.25 -2.07
N GLU A 14 11.38 1.68 -1.97
CA GLU A 14 10.43 1.74 -3.08
C GLU A 14 10.89 2.64 -4.24
N VAL A 15 11.40 3.85 -3.91
CA VAL A 15 11.99 4.75 -4.89
C VAL A 15 13.22 4.17 -5.59
N ILE A 16 14.17 3.58 -4.84
CA ILE A 16 15.31 2.87 -5.41
C ILE A 16 14.92 1.66 -6.24
N GLY A 17 13.96 0.84 -5.75
CA GLY A 17 13.42 -0.31 -6.48
C GLY A 17 12.78 0.07 -7.79
N THR A 18 11.92 1.10 -7.77
CA THR A 18 11.31 1.70 -8.96
C THR A 18 12.37 2.22 -9.93
N THR A 19 13.42 2.90 -9.41
CA THR A 19 14.54 3.41 -10.21
C THR A 19 15.29 2.30 -10.94
N LEU A 20 15.58 1.17 -10.26
CA LEU A 20 16.15 -0.03 -10.87
C LEU A 20 15.26 -0.67 -11.94
N MET A 21 13.93 -0.77 -11.70
CA MET A 21 12.98 -1.22 -12.70
C MET A 21 12.95 -0.36 -13.95
N LYS A 22 12.91 0.99 -13.78
CA LYS A 22 12.99 1.93 -14.87
C LYS A 22 14.32 1.89 -15.62
N PHE A 23 15.43 1.68 -14.91
CA PHE A 23 16.75 1.42 -15.47
C PHE A 23 16.84 0.20 -16.37
N SER A 24 16.27 -0.96 -15.96
CA SER A 24 16.14 -2.10 -16.86
C SER A 24 15.19 -1.87 -18.03
N GLU A 25 14.01 -1.27 -17.79
CA GLU A 25 13.03 -0.97 -18.84
C GLU A 25 13.50 0.02 -19.91
N GLY A 26 14.14 1.13 -19.49
CA GLY A 26 14.50 2.23 -20.36
C GLY A 26 15.94 2.27 -20.78
N PHE A 27 16.84 1.49 -20.13
CA PHE A 27 18.24 1.51 -20.48
C PHE A 27 18.83 0.10 -20.59
N THR A 28 19.38 -0.47 -19.51
CA THR A 28 20.23 -1.67 -19.52
C THR A 28 19.55 -2.97 -19.97
N ARG A 29 20.31 -3.86 -20.65
CA ARG A 29 19.90 -5.24 -20.90
C ARG A 29 20.74 -6.26 -20.14
N LEU A 30 21.60 -5.82 -19.21
CA LEU A 30 22.56 -6.68 -18.51
C LEU A 30 22.20 -6.89 -17.05
N TRP A 31 20.98 -6.51 -16.60
CA TRP A 31 20.61 -6.63 -15.21
C TRP A 31 19.39 -7.54 -15.04
N PRO A 32 19.53 -8.80 -14.63
CA PRO A 32 18.52 -9.58 -13.91
C PRO A 32 17.77 -8.86 -12.80
N SER A 33 16.48 -9.15 -12.57
CA SER A 33 15.64 -8.37 -11.66
C SER A 33 15.62 -8.89 -10.24
N VAL A 34 16.42 -9.94 -9.97
CA VAL A 34 16.46 -10.65 -8.70
C VAL A 34 16.78 -9.79 -7.48
N GLY A 35 17.77 -8.88 -7.56
CA GLY A 35 18.08 -7.94 -6.47
C GLY A 35 17.02 -6.90 -6.25
N THR A 36 16.35 -6.48 -7.34
CA THR A 36 15.21 -5.55 -7.34
C THR A 36 14.04 -6.11 -6.55
N ILE A 37 13.76 -7.43 -6.70
CA ILE A 37 12.77 -8.16 -5.91
C ILE A 37 13.06 -8.13 -4.43
N ILE A 38 14.33 -8.31 -4.01
CA ILE A 38 14.74 -8.17 -2.62
C ILE A 38 14.58 -6.75 -2.09
N CYS A 39 14.86 -5.70 -2.90
CA CYS A 39 14.57 -4.32 -2.53
C CYS A 39 13.07 -4.09 -2.26
N TYR A 40 12.19 -4.63 -3.14
CA TYR A 40 10.74 -4.66 -2.96
C TYR A 40 10.27 -5.45 -1.72
N CYS A 41 10.84 -6.65 -1.49
CA CYS A 41 10.60 -7.48 -0.31
C CYS A 41 11.02 -6.83 1.00
N ALA A 42 12.17 -6.13 1.03
CA ALA A 42 12.59 -5.33 2.16
C ALA A 42 11.63 -4.19 2.45
N SER A 43 11.20 -3.46 1.40
CA SER A 43 10.25 -2.36 1.52
C SER A 43 8.90 -2.80 2.05
N PHE A 44 8.35 -3.89 1.48
CA PHE A 44 7.10 -4.47 1.91
C PHE A 44 7.17 -5.05 3.33
N TRP A 45 8.26 -5.78 3.67
CA TRP A 45 8.42 -6.36 5.00
C TRP A 45 8.41 -5.33 6.11
N LEU A 46 9.09 -4.17 5.91
CA LEU A 46 9.05 -3.04 6.82
C LEU A 46 7.65 -2.47 7.04
N LEU A 47 6.83 -2.33 5.97
CA LEU A 47 5.42 -2.00 6.06
C LEU A 47 4.60 -3.05 6.84
N ALA A 48 4.79 -4.36 6.55
CA ALA A 48 4.15 -5.46 7.25
C ALA A 48 4.48 -5.53 8.74
N GLN A 49 5.76 -5.30 9.11
CA GLN A 49 6.21 -5.12 10.49
C GLN A 49 5.57 -3.91 11.16
N THR A 50 5.37 -2.81 10.43
CA THR A 50 4.65 -1.62 10.91
C THR A 50 3.22 -1.96 11.33
N LEU A 51 2.51 -2.80 10.55
CA LEU A 51 1.15 -3.24 10.84
C LEU A 51 1.04 -4.21 12.01
N ALA A 52 2.13 -4.88 12.43
CA ALA A 52 2.17 -5.66 13.66
C ALA A 52 2.05 -4.81 14.93
N TYR A 53 2.68 -3.62 14.94
CA TYR A 53 2.82 -2.80 16.13
C TYR A 53 1.95 -1.55 16.08
N ILE A 54 1.86 -0.83 14.95
CA ILE A 54 1.02 0.35 14.80
C ILE A 54 -0.43 -0.06 14.55
N PRO A 55 -1.48 0.55 15.11
CA PRO A 55 -2.87 0.43 14.62
C PRO A 55 -3.03 0.46 13.11
N THR A 56 -3.74 -0.52 12.53
CA THR A 56 -3.78 -0.73 11.08
C THR A 56 -4.32 0.44 10.29
N GLY A 57 -5.42 1.07 10.74
CA GLY A 57 -5.99 2.23 10.05
C GLY A 57 -5.08 3.42 9.96
N ILE A 58 -4.35 3.72 11.06
CA ILE A 58 -3.38 4.82 11.15
C ILE A 58 -2.18 4.64 10.22
N ALA A 59 -1.61 3.41 10.18
CA ALA A 59 -0.55 3.05 9.27
C ALA A 59 -0.96 3.14 7.81
N TYR A 60 -2.16 2.62 7.47
CA TYR A 60 -2.75 2.78 6.16
C TYR A 60 -2.99 4.22 5.75
N ALA A 61 -3.52 5.08 6.65
CA ALA A 61 -3.69 6.49 6.36
C ALA A 61 -2.37 7.20 6.02
N ILE A 62 -1.32 6.97 6.82
CA ILE A 62 0.03 7.47 6.57
C ILE A 62 0.64 6.94 5.27
N TRP A 63 0.54 5.63 4.98
CA TRP A 63 1.13 5.06 3.77
C TRP A 63 0.31 5.41 2.52
N VAL A 64 -1.03 5.60 2.62
CA VAL A 64 -1.84 6.22 1.59
C VAL A 64 -1.44 7.67 1.34
N GLY A 65 -1.17 8.44 2.41
CA GLY A 65 -0.60 9.78 2.34
C GLY A 65 0.72 9.86 1.60
N VAL A 66 1.65 8.92 1.88
CA VAL A 66 2.86 8.73 1.09
C VAL A 66 2.58 8.34 -0.36
N GLY A 67 1.69 7.35 -0.56
CA GLY A 67 1.48 6.70 -1.85
C GLY A 67 0.87 7.55 -2.92
N ILE A 68 -0.18 8.33 -2.59
CA ILE A 68 -0.80 9.26 -3.53
C ILE A 68 0.13 10.39 -3.96
N VAL A 69 0.92 10.96 -3.03
CA VAL A 69 1.92 11.98 -3.33
C VAL A 69 3.01 11.47 -4.25
N LEU A 70 3.53 10.24 -4.00
CA LEU A 70 4.49 9.58 -4.86
C LEU A 70 3.98 9.36 -6.28
N ILE A 71 2.79 8.73 -6.44
CA ILE A 71 2.18 8.48 -7.74
C ILE A 71 1.84 9.74 -8.51
N SER A 72 1.34 10.78 -7.81
CA SER A 72 1.11 12.10 -8.39
C SER A 72 2.38 12.73 -8.92
N LEU A 73 3.50 12.64 -8.19
CA LEU A 73 4.82 13.10 -8.62
C LEU A 73 5.36 12.36 -9.85
N LEU A 74 5.22 11.02 -9.90
CA LEU A 74 5.52 10.21 -11.07
C LEU A 74 4.67 10.55 -12.30
N SER A 75 3.36 10.82 -12.08
CA SER A 75 2.41 11.31 -13.08
C SER A 75 2.71 12.70 -13.63
N TRP A 76 3.10 13.64 -12.76
CA TRP A 76 3.38 15.00 -13.16
C TRP A 76 4.05 15.80 -12.05
N GLY A 77 3.50 15.80 -10.82
CA GLY A 77 3.95 16.71 -9.79
C GLY A 77 2.99 16.82 -8.63
N PHE A 78 2.81 18.06 -8.12
CA PHE A 78 1.99 18.38 -6.96
C PHE A 78 0.53 17.92 -6.98
N PHE A 79 0.12 17.15 -5.95
CA PHE A 79 -1.24 16.74 -5.66
C PHE A 79 -2.22 17.89 -5.34
N GLY A 80 -3.48 17.80 -5.80
CA GLY A 80 -4.60 18.64 -5.33
C GLY A 80 -4.70 20.01 -5.94
N GLN A 81 -3.99 20.26 -7.06
CA GLN A 81 -3.86 21.58 -7.62
C GLN A 81 -4.91 21.85 -8.69
N ARG A 82 -5.62 22.98 -8.54
CA ARG A 82 -6.62 23.50 -9.46
C ARG A 82 -7.78 22.57 -9.78
N LEU A 83 -8.62 22.25 -8.78
CA LEU A 83 -9.68 21.27 -8.94
C LEU A 83 -11.06 21.88 -8.69
N ASP A 84 -12.10 21.28 -9.32
CA ASP A 84 -13.48 21.67 -9.17
C ASP A 84 -14.06 21.45 -7.77
N LEU A 85 -15.15 22.17 -7.43
CA LEU A 85 -16.01 22.03 -6.25
C LEU A 85 -16.10 20.66 -5.55
N PRO A 86 -16.38 19.50 -6.17
CA PRO A 86 -16.50 18.24 -5.45
C PRO A 86 -15.16 17.75 -4.94
N ALA A 87 -14.03 18.08 -5.59
CA ALA A 87 -12.71 17.69 -5.13
C ALA A 87 -12.26 18.48 -3.91
N ILE A 88 -12.70 19.76 -3.79
CA ILE A 88 -12.48 20.59 -2.61
C ILE A 88 -13.15 20.00 -1.37
N ILE A 89 -14.39 19.47 -1.54
CA ILE A 89 -15.09 18.69 -0.52
C ILE A 89 -14.36 17.40 -0.15
N GLY A 90 -13.68 16.76 -1.12
CA GLY A 90 -12.74 15.66 -0.90
C GLY A 90 -11.65 15.95 0.11
N MET A 91 -11.04 17.16 0.05
CA MET A 91 -10.04 17.61 1.00
C MET A 91 -10.59 17.71 2.42
N MET A 92 -11.83 18.21 2.54
CA MET A 92 -12.58 18.28 3.79
C MET A 92 -12.88 16.92 4.41
N LEU A 93 -13.23 15.90 3.58
CA LEU A 93 -13.31 14.51 4.03
C LEU A 93 -11.99 13.99 4.61
N ILE A 94 -10.84 14.27 3.95
CA ILE A 94 -9.53 13.92 4.51
C ILE A 94 -9.27 14.61 5.85
N CYS A 95 -9.53 15.93 5.92
CA CYS A 95 -9.35 16.75 7.12
C CYS A 95 -10.20 16.30 8.31
N ALA A 96 -11.48 15.95 8.06
CA ALA A 96 -12.36 15.33 9.03
C ALA A 96 -11.84 14.00 9.54
N GLY A 97 -11.32 13.15 8.65
CA GLY A 97 -10.77 11.84 8.97
C GLY A 97 -9.59 11.86 9.91
N VAL A 98 -8.65 12.81 9.74
CA VAL A 98 -7.60 13.06 10.70
C VAL A 98 -8.12 13.58 12.04
N LEU A 99 -9.04 14.57 12.01
CA LEU A 99 -9.56 15.24 13.19
C LEU A 99 -10.27 14.33 14.17
N ILE A 100 -11.18 13.45 13.68
CA ILE A 100 -12.01 12.61 14.53
C ILE A 100 -11.22 11.61 15.36
N ILE A 101 -10.08 11.09 14.86
CA ILE A 101 -9.18 10.20 15.61
C ILE A 101 -8.66 10.88 16.88
N ASN A 102 -8.22 12.14 16.76
CA ASN A 102 -7.79 12.98 17.87
C ASN A 102 -8.89 13.28 18.89
N LEU A 103 -10.10 13.64 18.40
CA LEU A 103 -11.29 13.89 19.23
C LEU A 103 -11.79 12.70 20.04
N LEU A 104 -11.95 11.53 19.38
CA LEU A 104 -12.70 10.42 19.94
C LEU A 104 -11.82 9.46 20.73
N SER A 105 -10.51 9.71 20.76
CA SER A 105 -9.58 8.86 21.49
C SER A 105 -9.39 9.39 22.92
N TYR B 4 -7.00 -15.61 -15.59
CA TYR B 4 -7.97 -15.48 -14.46
C TYR B 4 -7.79 -14.15 -13.76
N ILE B 5 -8.69 -13.77 -12.83
CA ILE B 5 -8.69 -12.48 -12.15
C ILE B 5 -7.39 -12.11 -11.39
N TYR B 6 -6.62 -11.16 -11.95
CA TYR B 6 -5.42 -10.60 -11.33
C TYR B 6 -5.65 -9.85 -10.01
N LEU B 7 -6.72 -9.04 -9.90
CA LEU B 7 -7.11 -8.38 -8.67
C LEU B 7 -7.53 -9.35 -7.58
N GLY B 8 -8.24 -10.44 -7.97
CA GLY B 8 -8.60 -11.55 -7.10
C GLY B 8 -7.41 -12.32 -6.59
N GLY B 9 -6.40 -12.53 -7.45
CA GLY B 9 -5.12 -13.10 -7.05
C GLY B 9 -4.34 -12.20 -6.13
N ALA B 10 -4.27 -10.89 -6.45
CA ALA B 10 -3.60 -9.88 -5.64
C ALA B 10 -4.15 -9.73 -4.22
N ILE B 11 -5.48 -9.66 -4.06
CA ILE B 11 -6.10 -9.72 -2.75
C ILE B 11 -5.89 -11.07 -2.04
N LEU B 12 -5.96 -12.22 -2.75
CA LEU B 12 -5.67 -13.51 -2.16
C LEU B 12 -4.23 -13.65 -1.65
N ALA B 13 -3.25 -13.15 -2.41
CA ALA B 13 -1.86 -13.04 -2.00
C ALA B 13 -1.65 -12.17 -0.77
N GLU B 14 -2.35 -11.01 -0.70
CA GLU B 14 -2.40 -10.17 0.49
C GLU B 14 -2.98 -10.89 1.71
N VAL B 15 -4.09 -11.64 1.55
CA VAL B 15 -4.66 -12.49 2.59
C VAL B 15 -3.70 -13.58 3.07
N ILE B 16 -3.00 -14.28 2.15
CA ILE B 16 -1.97 -15.25 2.51
C ILE B 16 -0.81 -14.62 3.27
N GLY B 17 -0.29 -13.46 2.83
CA GLY B 17 0.74 -12.71 3.54
C GLY B 17 0.32 -12.20 4.89
N THR B 18 -0.95 -11.76 5.01
CA THR B 18 -1.58 -11.41 6.28
C THR B 18 -1.60 -12.60 7.22
N THR B 19 -1.96 -13.80 6.70
CA THR B 19 -1.97 -15.05 7.44
C THR B 19 -0.61 -15.42 7.99
N LEU B 20 0.47 -15.27 7.20
CA LEU B 20 1.84 -15.47 7.67
C LEU B 20 2.27 -14.54 8.81
N MET B 21 1.88 -13.25 8.75
CA MET B 21 2.04 -12.33 9.87
C MET B 21 1.24 -12.68 11.12
N LYS B 22 -0.03 -13.11 10.95
CA LYS B 22 -0.91 -13.60 11.99
C LYS B 22 -0.44 -14.88 12.69
N PHE B 23 0.15 -15.84 11.94
CA PHE B 23 0.65 -17.12 12.41
C PHE B 23 1.68 -17.06 13.57
N SER B 24 1.66 -18.09 14.44
CA SER B 24 2.56 -18.22 15.59
C SER B 24 4.04 -18.18 15.29
N GLU B 25 4.79 -17.46 16.14
CA GLU B 25 6.20 -17.18 15.99
C GLU B 25 7.13 -18.35 16.31
N GLY B 26 8.44 -18.16 16.04
CA GLY B 26 9.50 -19.15 16.18
C GLY B 26 10.34 -19.15 14.95
N PHE B 27 11.65 -19.42 15.09
CA PHE B 27 12.56 -19.53 13.95
C PHE B 27 12.35 -20.80 13.15
N THR B 28 12.51 -20.72 11.82
CA THR B 28 12.25 -21.81 10.87
C THR B 28 13.10 -23.06 11.03
N ARG B 29 12.53 -24.22 10.67
CA ARG B 29 13.28 -25.47 10.55
C ARG B 29 14.08 -25.57 9.27
N LEU B 30 15.37 -25.92 9.39
CA LEU B 30 16.28 -26.34 8.33
C LEU B 30 16.85 -25.22 7.48
N TRP B 31 15.98 -24.45 6.80
CA TRP B 31 16.37 -23.41 5.88
C TRP B 31 15.80 -22.08 6.39
N PRO B 32 16.48 -20.93 6.28
CA PRO B 32 15.91 -19.60 6.50
C PRO B 32 14.50 -19.35 5.95
N SER B 33 13.74 -18.41 6.55
CA SER B 33 12.37 -18.11 6.14
C SER B 33 12.27 -17.54 4.73
N VAL B 34 11.86 -18.38 3.77
CA VAL B 34 11.69 -18.01 2.38
C VAL B 34 10.23 -18.05 1.98
N GLY B 35 9.34 -18.54 2.87
CA GLY B 35 7.88 -18.54 2.67
C GLY B 35 7.29 -17.17 2.48
N THR B 36 7.77 -16.19 3.28
CA THR B 36 7.50 -14.78 3.11
C THR B 36 8.00 -14.24 1.77
N ILE B 37 9.27 -14.54 1.43
CA ILE B 37 9.94 -14.08 0.21
C ILE B 37 9.25 -14.56 -1.06
N ILE B 38 8.86 -15.85 -1.15
CA ILE B 38 8.07 -16.35 -2.28
C ILE B 38 6.68 -15.73 -2.38
N CYS B 39 5.97 -15.54 -1.24
CA CYS B 39 4.66 -14.88 -1.22
C CYS B 39 4.73 -13.44 -1.71
N TYR B 40 5.74 -12.68 -1.25
CA TYR B 40 6.04 -11.33 -1.70
C TYR B 40 6.45 -11.27 -3.18
N CYS B 41 7.27 -12.24 -3.66
CA CYS B 41 7.60 -12.38 -5.07
C CYS B 41 6.40 -12.62 -5.99
N ALA B 42 5.44 -13.50 -5.58
CA ALA B 42 4.18 -13.66 -6.27
C ALA B 42 3.35 -12.37 -6.29
N SER B 43 3.27 -11.67 -5.14
CA SER B 43 2.60 -10.38 -4.99
C SER B 43 3.20 -9.29 -5.87
N PHE B 44 4.54 -9.23 -5.97
CA PHE B 44 5.28 -8.41 -6.93
C PHE B 44 4.91 -8.68 -8.39
N TRP B 45 4.86 -9.96 -8.80
CA TRP B 45 4.44 -10.36 -10.13
C TRP B 45 3.00 -9.96 -10.46
N LEU B 46 2.09 -10.18 -9.48
CA LEU B 46 0.70 -9.73 -9.55
C LEU B 46 0.53 -8.21 -9.66
N LEU B 47 1.28 -7.41 -8.87
CA LEU B 47 1.26 -5.96 -9.00
C LEU B 47 1.80 -5.45 -10.33
N ALA B 48 2.94 -6.03 -10.80
CA ALA B 48 3.51 -5.72 -12.10
C ALA B 48 2.58 -6.02 -13.28
N GLN B 49 1.90 -7.19 -13.26
CA GLN B 49 0.85 -7.54 -14.20
C GLN B 49 -0.40 -6.67 -14.08
N THR B 50 -0.77 -6.24 -12.84
CA THR B 50 -1.87 -5.29 -12.62
C THR B 50 -1.63 -3.97 -13.33
N LEU B 51 -0.39 -3.44 -13.26
CA LEU B 51 0.01 -2.25 -13.99
C LEU B 51 0.14 -2.47 -15.49
N ALA B 52 0.45 -3.70 -15.96
CA ALA B 52 0.38 -4.05 -17.37
C ALA B 52 -1.02 -3.90 -17.96
N TYR B 53 -2.06 -4.33 -17.23
CA TYR B 53 -3.41 -4.35 -17.76
C TYR B 53 -4.24 -3.12 -17.38
N ILE B 54 -3.93 -2.43 -16.26
CA ILE B 54 -4.75 -1.34 -15.73
C ILE B 54 -3.95 -0.03 -15.72
N PRO B 55 -4.44 1.11 -16.24
CA PRO B 55 -3.93 2.46 -15.95
C PRO B 55 -3.51 2.76 -14.51
N THR B 56 -2.38 3.46 -14.31
CA THR B 56 -1.72 3.60 -13.00
C THR B 56 -2.56 4.27 -11.92
N GLY B 57 -3.25 5.38 -12.25
CA GLY B 57 -4.18 6.04 -11.34
C GLY B 57 -5.36 5.21 -10.94
N ILE B 58 -5.97 4.50 -11.92
CA ILE B 58 -7.06 3.56 -11.68
C ILE B 58 -6.66 2.37 -10.81
N ALA B 59 -5.49 1.75 -11.06
CA ALA B 59 -5.00 0.63 -10.28
C ALA B 59 -4.76 0.95 -8.80
N TYR B 60 -4.13 2.10 -8.50
CA TYR B 60 -3.97 2.58 -7.14
C TYR B 60 -5.31 2.91 -6.45
N ALA B 61 -6.24 3.52 -7.20
CA ALA B 61 -7.58 3.86 -6.75
C ALA B 61 -8.47 2.67 -6.42
N ILE B 62 -8.33 1.52 -7.10
CA ILE B 62 -8.95 0.26 -6.68
C ILE B 62 -8.46 -0.19 -5.30
N TRP B 63 -7.15 -0.13 -5.04
CA TRP B 63 -6.60 -0.38 -3.72
C TRP B 63 -7.02 0.59 -2.62
N VAL B 64 -6.95 1.91 -2.86
CA VAL B 64 -7.41 2.91 -1.89
C VAL B 64 -8.92 2.90 -1.70
N GLY B 65 -9.71 2.80 -2.79
CA GLY B 65 -11.17 2.85 -2.73
C GLY B 65 -11.84 1.62 -2.20
N VAL B 66 -11.42 0.42 -2.64
CA VAL B 66 -12.02 -0.84 -2.23
C VAL B 66 -11.08 -1.61 -1.30
N GLY B 67 -9.79 -1.73 -1.67
CA GLY B 67 -8.84 -2.64 -1.06
C GLY B 67 -8.64 -2.52 0.43
N ILE B 68 -8.39 -1.30 0.95
CA ILE B 68 -8.15 -1.05 2.38
C ILE B 68 -9.35 -1.40 3.24
N VAL B 69 -10.58 -1.03 2.80
CA VAL B 69 -11.81 -1.49 3.41
C VAL B 69 -12.00 -2.99 3.31
N LEU B 70 -11.76 -3.60 2.13
CA LEU B 70 -11.91 -5.03 1.91
C LEU B 70 -11.00 -5.90 2.78
N ILE B 71 -9.69 -5.57 2.89
CA ILE B 71 -8.78 -6.29 3.77
C ILE B 71 -9.16 -6.12 5.25
N SER B 72 -9.59 -4.90 5.65
CA SER B 72 -10.16 -4.64 6.97
C SER B 72 -11.44 -5.43 7.25
N LEU B 73 -12.37 -5.50 6.29
CA LEU B 73 -13.60 -6.29 6.34
C LEU B 73 -13.36 -7.78 6.49
N LEU B 74 -12.40 -8.33 5.70
CA LEU B 74 -11.92 -9.70 5.84
C LEU B 74 -11.30 -9.96 7.21
N SER B 75 -10.52 -8.99 7.73
CA SER B 75 -9.98 -9.00 9.08
C SER B 75 -11.04 -9.02 10.17
N TRP B 76 -12.11 -8.23 10.03
CA TRP B 76 -13.30 -8.27 10.86
C TRP B 76 -14.08 -9.58 10.79
N GLY B 77 -14.15 -10.23 9.60
CA GLY B 77 -14.75 -11.55 9.44
C GLY B 77 -13.97 -12.69 10.03
N PHE B 78 -12.64 -12.76 9.79
CA PHE B 78 -11.90 -13.98 10.05
C PHE B 78 -10.67 -13.84 10.95
N PHE B 79 -10.24 -12.61 11.27
CA PHE B 79 -9.09 -12.38 12.14
C PHE B 79 -9.46 -11.62 13.41
N GLY B 80 -10.77 -11.54 13.75
CA GLY B 80 -11.25 -10.96 15.01
C GLY B 80 -10.96 -9.49 15.23
N GLN B 81 -11.02 -8.66 14.16
CA GLN B 81 -10.74 -7.23 14.22
C GLN B 81 -11.97 -6.35 14.29
N ARG B 82 -11.79 -5.05 14.59
CA ARG B 82 -12.86 -4.07 14.72
C ARG B 82 -12.89 -3.07 13.58
N LEU B 83 -14.10 -2.71 13.11
CA LEU B 83 -14.30 -1.70 12.08
C LEU B 83 -14.89 -0.42 12.64
N ASP B 84 -15.30 -0.40 13.92
CA ASP B 84 -15.89 0.76 14.54
C ASP B 84 -14.86 1.51 15.39
N LEU B 85 -13.56 1.18 15.25
CA LEU B 85 -12.49 2.00 15.78
C LEU B 85 -12.47 3.38 15.12
N PRO B 86 -12.29 4.50 15.82
CA PRO B 86 -11.99 5.81 15.23
C PRO B 86 -10.90 5.79 14.16
N ALA B 87 -9.86 4.95 14.31
CA ALA B 87 -8.85 4.73 13.30
C ALA B 87 -9.37 4.20 11.96
N ILE B 88 -10.29 3.22 11.96
CA ILE B 88 -10.94 2.72 10.76
C ILE B 88 -11.89 3.75 10.15
N ILE B 89 -12.69 4.45 10.98
CA ILE B 89 -13.58 5.52 10.53
C ILE B 89 -12.81 6.68 9.89
N GLY B 90 -11.69 7.11 10.52
CA GLY B 90 -10.79 8.12 10.01
C GLY B 90 -10.13 7.72 8.71
N MET B 91 -9.67 6.45 8.63
CA MET B 91 -9.15 5.86 7.41
C MET B 91 -10.14 5.84 6.27
N MET B 92 -11.42 5.49 6.51
CA MET B 92 -12.47 5.54 5.52
C MET B 92 -12.74 6.93 4.95
N LEU B 93 -12.79 7.96 5.81
CA LEU B 93 -12.86 9.35 5.40
C LEU B 93 -11.66 9.81 4.56
N ILE B 94 -10.43 9.48 4.99
CA ILE B 94 -9.20 9.76 4.23
C ILE B 94 -9.14 9.03 2.90
N CYS B 95 -9.39 7.71 2.87
CA CYS B 95 -9.38 6.90 1.65
C CYS B 95 -10.45 7.28 0.64
N ALA B 96 -11.70 7.55 1.08
CA ALA B 96 -12.74 8.09 0.25
C ALA B 96 -12.41 9.48 -0.31
N GLY B 97 -11.84 10.36 0.52
CA GLY B 97 -11.37 11.68 0.10
C GLY B 97 -10.29 11.64 -0.95
N VAL B 98 -9.27 10.78 -0.77
CA VAL B 98 -8.23 10.51 -1.76
C VAL B 98 -8.78 9.92 -3.06
N LEU B 99 -9.72 8.96 -2.98
CA LEU B 99 -10.40 8.37 -4.13
C LEU B 99 -11.15 9.39 -4.98
N ILE B 100 -11.94 10.26 -4.32
CA ILE B 100 -12.64 11.38 -4.95
C ILE B 100 -11.69 12.36 -5.63
N ILE B 101 -10.62 12.80 -4.93
CA ILE B 101 -9.64 13.70 -5.52
C ILE B 101 -8.92 13.09 -6.72
N ASN B 102 -8.46 11.82 -6.64
CA ASN B 102 -7.78 11.14 -7.72
C ASN B 102 -8.64 11.00 -8.98
N LEU B 103 -9.93 10.65 -8.85
CA LEU B 103 -10.84 10.53 -9.99
C LEU B 103 -11.17 11.88 -10.64
N LEU B 104 -11.10 12.98 -9.89
CA LEU B 104 -11.33 14.33 -10.39
C LEU B 104 -10.05 15.07 -10.80
N SER B 105 -8.89 14.40 -10.74
CA SER B 105 -7.59 14.99 -11.09
C SER B 105 -7.17 14.64 -12.53
C2 VCJ C . -0.22 -1.30 0.24
C5 VCJ C . -1.51 1.13 -0.35
C4 VCJ C . -1.57 0.58 0.92
C6 VCJ C . -0.78 0.47 -1.34
C7 VCJ C . 2.66 -1.59 -1.89
P1 VCJ C . 0.89 -1.60 -2.35
C1 VCJ C . -0.10 -0.74 -1.07
C3 VCJ C . -0.95 -0.63 1.23
C8 VCJ C . 3.69 -1.97 -2.81
C9 VCJ C . 5.04 -1.87 -2.46
C10 VCJ C . 5.40 -1.37 -1.22
C11 VCJ C . 4.44 -1.01 -0.29
C12 VCJ C . 3.09 -1.12 -0.62
C13 VCJ C . 0.29 -3.33 -2.49
C14 VCJ C . 1.10 -4.39 -2.97
C15 VCJ C . 0.62 -5.70 -3.04
C16 VCJ C . -0.67 -5.97 -2.62
C17 VCJ C . -1.51 -4.97 -2.13
C18 VCJ C . -1.03 -3.65 -2.08
C19 VCJ C . 0.65 -0.74 -3.95
C20 VCJ C . 1.50 0.35 -4.31
C21 VCJ C . 1.31 1.05 -5.50
C22 VCJ C . 0.29 0.68 -6.35
C23 VCJ C . -0.58 -0.37 -6.05
C24 VCJ C . -0.40 -1.07 -4.86
F13 VCJ C . -1.16 -7.23 -2.67
F18 VCJ C . 0.12 1.35 -7.52
F3 VCJ C . -2.22 1.26 1.90
F8 VCJ C . 6.71 -1.23 -0.90
H1 VCJ C . 0.23 -2.24 0.51
H3 VCJ C . -1.98 2.08 -0.54
H4 VCJ C . -0.73 0.96 -2.30
H2 VCJ C . -1.04 -1.04 2.22
H13 VCJ C . 3.46 -2.34 -3.79
H14 VCJ C . 5.81 -2.15 -3.17
H15 VCJ C . 4.74 -0.62 0.67
H16 VCJ C . 2.39 -0.79 0.14
H5 VCJ C . 2.12 -4.23 -3.30
H6 VCJ C . 1.25 -6.49 -3.40
H7 VCJ C . -2.50 -5.21 -1.81
H8 VCJ C . -1.72 -2.91 -1.70
H9 VCJ C . 2.31 0.67 -3.67
H10 VCJ C . 1.96 1.89 -5.76
H11 VCJ C . -1.37 -0.63 -6.73
H12 VCJ C . -1.08 -1.89 -4.66
N TYR A 4 9.66 4.53 16.24
CA TYR A 4 10.54 3.56 15.53
C TYR A 4 11.06 4.11 14.21
N ILE A 5 11.94 3.35 13.52
CA ILE A 5 12.48 3.72 12.21
C ILE A 5 11.81 2.91 11.10
N TYR A 6 10.97 1.90 11.46
CA TYR A 6 10.40 0.91 10.55
C TYR A 6 9.63 1.46 9.36
N LEU A 7 8.70 2.40 9.59
CA LEU A 7 7.92 3.03 8.52
C LEU A 7 8.76 3.84 7.54
N GLY A 8 9.70 4.66 8.06
CA GLY A 8 10.59 5.49 7.25
C GLY A 8 11.52 4.72 6.37
N GLY A 9 12.10 3.62 6.89
CA GLY A 9 12.95 2.72 6.12
C GLY A 9 12.21 1.96 5.04
N ALA A 10 10.96 1.52 5.32
CA ALA A 10 10.11 0.87 4.35
C ALA A 10 9.77 1.74 3.15
N ILE A 11 9.42 3.01 3.41
CA ILE A 11 9.20 4.04 2.38
C ILE A 11 10.47 4.32 1.59
N LEU A 12 11.63 4.45 2.28
CA LEU A 12 12.92 4.67 1.64
C LEU A 12 13.30 3.55 0.67
N ALA A 13 13.10 2.29 1.07
CA ALA A 13 13.27 1.14 0.20
C ALA A 13 12.37 1.15 -1.04
N GLU A 14 11.06 1.45 -0.89
CA GLU A 14 10.14 1.63 -2.00
C GLU A 14 10.51 2.77 -2.95
N VAL A 15 10.88 3.93 -2.39
CA VAL A 15 11.35 5.09 -3.13
C VAL A 15 12.62 4.83 -3.93
N ILE A 16 13.63 4.16 -3.34
CA ILE A 16 14.82 3.67 -4.03
C ILE A 16 14.50 2.66 -5.14
N GLY A 17 13.63 1.67 -4.86
CA GLY A 17 13.20 0.68 -5.83
C GLY A 17 12.49 1.27 -7.03
N THR A 18 11.57 2.20 -6.77
CA THR A 18 10.89 2.99 -7.79
C THR A 18 11.84 3.87 -8.59
N THR A 19 12.79 4.55 -7.91
CA THR A 19 13.80 5.39 -8.54
C THR A 19 14.72 4.65 -9.48
N LEU A 20 15.27 3.49 -9.05
CA LEU A 20 16.20 2.75 -9.86
C LEU A 20 15.52 1.92 -10.94
N MET A 21 14.23 1.55 -10.76
CA MET A 21 13.39 1.02 -11.84
C MET A 21 13.16 2.02 -12.97
N LYS A 22 12.73 3.26 -12.64
CA LYS A 22 12.57 4.35 -13.59
C LYS A 22 13.87 4.83 -14.23
N PHE A 23 14.94 4.99 -13.45
CA PHE A 23 16.26 5.39 -13.90
C PHE A 23 16.89 4.37 -14.85
N SER A 24 16.76 3.05 -14.57
CA SER A 24 17.17 2.00 -15.49
C SER A 24 16.40 1.98 -16.80
N GLU A 25 15.09 2.29 -16.79
CA GLU A 25 14.33 2.61 -18.00
C GLU A 25 14.86 3.83 -18.77
N GLY A 26 15.20 4.92 -18.05
CA GLY A 26 15.69 6.17 -18.62
C GLY A 26 17.07 6.12 -19.25
N PHE A 27 18.08 5.61 -18.53
CA PHE A 27 19.44 5.76 -18.99
C PHE A 27 20.29 4.56 -18.58
N THR A 28 20.50 4.36 -17.27
CA THR A 28 21.47 3.38 -16.75
C THR A 28 21.20 1.91 -17.06
N ARG A 29 22.27 1.15 -17.37
CA ARG A 29 22.19 -0.28 -17.60
C ARG A 29 22.83 -1.06 -16.47
N LEU A 30 23.15 -0.39 -15.34
CA LEU A 30 24.01 -0.94 -14.29
C LEU A 30 23.26 -1.30 -13.02
N TRP A 31 21.93 -1.47 -13.08
CA TRP A 31 21.13 -1.88 -11.95
C TRP A 31 20.58 -3.28 -12.20
N PRO A 32 20.87 -4.32 -11.40
CA PRO A 32 20.25 -5.64 -11.48
C PRO A 32 18.77 -5.73 -11.78
N SER A 33 18.32 -6.71 -12.60
CA SER A 33 16.92 -6.91 -13.00
C SER A 33 16.03 -7.38 -11.86
N VAL A 34 16.65 -7.87 -10.78
CA VAL A 34 15.98 -8.35 -9.58
C VAL A 34 15.95 -7.28 -8.50
N GLY A 35 16.38 -6.04 -8.82
CA GLY A 35 16.51 -4.94 -7.87
C GLY A 35 15.20 -4.43 -7.34
N THR A 36 14.18 -4.31 -8.21
CA THR A 36 12.83 -3.91 -7.81
C THR A 36 12.19 -4.92 -6.86
N ILE A 37 12.28 -6.25 -7.13
CA ILE A 37 11.85 -7.30 -6.21
C ILE A 37 12.63 -7.35 -4.90
N ILE A 38 13.99 -7.19 -4.90
CA ILE A 38 14.78 -7.09 -3.68
C ILE A 38 14.36 -5.94 -2.78
N CYS A 39 14.22 -4.73 -3.38
CA CYS A 39 13.73 -3.54 -2.69
C CYS A 39 12.31 -3.71 -2.19
N TYR A 40 11.42 -4.31 -3.02
CA TYR A 40 10.05 -4.62 -2.67
C TYR A 40 9.96 -5.55 -1.47
N CYS A 41 10.74 -6.65 -1.45
CA CYS A 41 10.82 -7.57 -0.32
C CYS A 41 11.34 -6.92 0.96
N ALA A 42 12.41 -6.11 0.87
CA ALA A 42 12.95 -5.36 1.98
C ALA A 42 11.96 -4.35 2.54
N SER A 43 11.26 -3.62 1.66
CA SER A 43 10.16 -2.73 2.00
C SER A 43 9.00 -3.47 2.65
N PHE A 44 8.59 -4.63 2.10
CA PHE A 44 7.56 -5.50 2.66
C PHE A 44 7.86 -6.08 4.02
N TRP A 45 9.09 -6.56 4.29
CA TRP A 45 9.46 -7.01 5.62
C TRP A 45 9.39 -5.87 6.67
N LEU A 46 9.90 -4.68 6.33
CA LEU A 46 9.75 -3.47 7.16
C LEU A 46 8.29 -3.00 7.30
N LEU A 47 7.50 -3.04 6.22
CA LEU A 47 6.06 -2.77 6.21
C LEU A 47 5.29 -3.75 7.09
N ALA A 48 5.64 -5.05 7.09
CA ALA A 48 5.12 -6.02 8.02
C ALA A 48 5.41 -5.70 9.48
N GLN A 49 6.64 -5.22 9.81
CA GLN A 49 6.97 -4.67 11.12
C GLN A 49 6.13 -3.42 11.44
N THR A 50 5.92 -2.55 10.44
CA THR A 50 5.05 -1.37 10.52
C THR A 50 3.60 -1.72 10.81
N LEU A 51 3.02 -2.74 10.14
CA LEU A 51 1.63 -3.13 10.30
C LEU A 51 1.41 -4.00 11.53
N ALA A 52 2.50 -4.38 12.23
CA ALA A 52 2.48 -5.02 13.52
C ALA A 52 2.68 -4.00 14.64
N TYR A 53 3.76 -3.22 14.61
CA TYR A 53 4.19 -2.40 15.74
C TYR A 53 3.70 -0.97 15.66
N ILE A 54 2.95 -0.60 14.61
CA ILE A 54 2.23 0.66 14.51
C ILE A 54 0.79 0.26 14.19
N PRO A 55 -0.26 0.91 14.70
CA PRO A 55 -1.64 0.77 14.20
C PRO A 55 -1.84 0.71 12.70
N THR A 56 -2.61 -0.29 12.23
CA THR A 56 -2.89 -0.58 10.82
C THR A 56 -3.56 0.55 10.04
N GLY A 57 -4.57 1.22 10.63
CA GLY A 57 -5.25 2.36 10.00
C GLY A 57 -4.36 3.54 9.80
N ILE A 58 -3.52 3.88 10.80
CA ILE A 58 -2.50 4.93 10.70
C ILE A 58 -1.44 4.61 9.66
N ALA A 59 -0.92 3.36 9.66
CA ALA A 59 0.04 2.88 8.70
C ALA A 59 -0.45 2.92 7.26
N TYR A 60 -1.70 2.47 6.99
CA TYR A 60 -2.37 2.67 5.71
C TYR A 60 -2.60 4.12 5.32
N ALA A 61 -3.06 4.98 6.24
CA ALA A 61 -3.29 6.39 5.96
C ALA A 61 -2.03 7.14 5.52
N ILE A 62 -0.90 6.90 6.21
CA ILE A 62 0.41 7.40 5.81
C ILE A 62 0.88 6.80 4.48
N TRP A 63 0.74 5.46 4.28
CA TRP A 63 1.15 4.83 3.03
C TRP A 63 0.35 5.28 1.81
N VAL A 64 -0.99 5.42 1.90
CA VAL A 64 -1.83 5.95 0.82
C VAL A 64 -1.44 7.37 0.44
N GLY A 65 -1.16 8.23 1.44
CA GLY A 65 -0.63 9.57 1.24
C GLY A 65 0.70 9.62 0.53
N VAL A 66 1.67 8.76 0.95
CA VAL A 66 2.93 8.56 0.26
C VAL A 66 2.75 8.04 -1.16
N GLY A 67 1.87 7.05 -1.33
CA GLY A 67 1.55 6.41 -2.59
C GLY A 67 0.98 7.33 -3.63
N ILE A 68 -0.09 8.10 -3.33
CA ILE A 68 -0.71 8.98 -4.31
C ILE A 68 0.22 10.08 -4.83
N VAL A 69 1.09 10.63 -3.97
CA VAL A 69 2.13 11.57 -4.39
C VAL A 69 3.09 10.94 -5.40
N LEU A 70 3.59 9.73 -5.12
CA LEU A 70 4.44 8.94 -6.00
C LEU A 70 3.75 8.48 -7.29
N ILE A 71 2.49 8.02 -7.21
CA ILE A 71 1.64 7.67 -8.36
C ILE A 71 1.44 8.87 -9.27
N SER A 72 1.16 10.04 -8.67
CA SER A 72 1.10 11.32 -9.36
C SER A 72 2.43 11.73 -9.98
N LEU A 73 3.57 11.58 -9.28
CA LEU A 73 4.89 11.85 -9.82
C LEU A 73 5.28 10.98 -11.01
N LEU A 74 4.96 9.68 -10.97
CA LEU A 74 5.06 8.78 -12.11
C LEU A 74 4.10 9.12 -13.26
N SER A 75 2.83 9.49 -12.96
CA SER A 75 1.84 9.98 -13.91
C SER A 75 2.20 11.29 -14.60
N TRP A 76 2.67 12.28 -13.82
CA TRP A 76 2.85 13.64 -14.28
C TRP A 76 3.78 14.45 -13.37
N GLY A 77 3.36 14.73 -12.11
CA GLY A 77 4.06 15.65 -11.22
C GLY A 77 3.42 15.63 -9.86
N PHE A 78 3.64 16.64 -8.99
CA PHE A 78 3.14 16.66 -7.63
C PHE A 78 1.60 16.63 -7.48
N PHE A 79 1.10 15.94 -6.44
CA PHE A 79 -0.30 15.75 -6.12
C PHE A 79 -1.02 17.01 -5.60
N GLY A 80 -2.34 17.14 -5.87
CA GLY A 80 -3.21 18.12 -5.21
C GLY A 80 -2.93 19.57 -5.56
N GLN A 81 -2.66 19.85 -6.84
CA GLN A 81 -2.40 21.17 -7.32
C GLN A 81 -3.56 21.66 -8.19
N ARG A 82 -3.89 22.95 -8.08
CA ARG A 82 -4.96 23.63 -8.80
C ARG A 82 -6.35 23.02 -8.61
N LEU A 83 -6.90 23.19 -7.39
CA LEU A 83 -8.10 22.52 -6.92
C LEU A 83 -9.40 23.16 -7.40
N ASP A 84 -10.32 22.33 -7.94
CA ASP A 84 -11.73 22.68 -8.06
C ASP A 84 -12.46 22.19 -6.80
N LEU A 85 -13.73 22.61 -6.58
CA LEU A 85 -14.44 22.38 -5.33
C LEU A 85 -14.59 20.93 -4.86
N PRO A 86 -14.92 19.91 -5.66
CA PRO A 86 -14.71 18.51 -5.29
C PRO A 86 -13.38 18.17 -4.64
N ALA A 87 -12.25 18.66 -5.20
CA ALA A 87 -10.93 18.48 -4.64
C ALA A 87 -10.72 19.20 -3.32
N ILE A 88 -11.29 20.42 -3.13
CA ILE A 88 -11.34 21.11 -1.85
C ILE A 88 -12.09 20.30 -0.79
N ILE A 89 -13.26 19.72 -1.15
CA ILE A 89 -13.97 18.77 -0.30
C ILE A 89 -13.16 17.49 -0.04
N GLY A 90 -12.43 16.96 -1.03
CA GLY A 90 -11.46 15.89 -0.88
C GLY A 90 -10.39 16.14 0.16
N MET A 91 -9.78 17.34 0.15
CA MET A 91 -8.91 17.85 1.21
C MET A 91 -9.60 17.99 2.57
N MET A 92 -10.86 18.47 2.60
CA MET A 92 -11.66 18.56 3.80
C MET A 92 -11.88 17.22 4.46
N LEU A 93 -12.18 16.16 3.66
CA LEU A 93 -12.24 14.78 4.10
C LEU A 93 -10.93 14.24 4.67
N ILE A 94 -9.78 14.51 4.02
CA ILE A 94 -8.47 14.18 4.56
C ILE A 94 -8.19 14.87 5.89
N CYS A 95 -8.47 16.18 5.98
CA CYS A 95 -8.31 16.97 7.19
C CYS A 95 -9.18 16.49 8.34
N ALA A 96 -10.46 16.16 8.06
CA ALA A 96 -11.37 15.51 8.97
C ALA A 96 -10.89 14.14 9.44
N GLY A 97 -10.34 13.31 8.53
CA GLY A 97 -9.78 11.99 8.87
C GLY A 97 -8.63 12.02 9.83
N VAL A 98 -7.67 12.94 9.63
CA VAL A 98 -6.61 13.22 10.59
C VAL A 98 -7.15 13.76 11.92
N LEU A 99 -8.12 14.69 11.87
CA LEU A 99 -8.73 15.29 13.05
C LEU A 99 -9.40 14.30 13.99
N ILE A 100 -10.24 13.38 13.49
CA ILE A 100 -10.94 12.41 14.34
C ILE A 100 -10.02 11.47 15.11
N ILE A 101 -8.91 11.01 14.49
CA ILE A 101 -7.89 10.20 15.15
C ILE A 101 -7.25 10.92 16.33
N ASN A 102 -6.95 12.23 16.16
CA ASN A 102 -6.33 13.06 17.17
C ASN A 102 -7.29 13.57 18.24
N LEU A 103 -8.60 13.51 18.00
CA LEU A 103 -9.60 14.04 18.90
C LEU A 103 -10.33 12.94 19.66
N LEU A 104 -10.62 11.80 18.99
CA LEU A 104 -11.59 10.83 19.48
C LEU A 104 -10.99 9.46 19.77
N SER A 105 -9.65 9.31 19.71
CA SER A 105 -9.03 8.05 20.12
C SER A 105 -8.95 7.96 21.67
N TYR B 4 -7.31 -16.03 -14.98
CA TYR B 4 -8.20 -15.69 -13.83
C TYR B 4 -7.84 -14.34 -13.21
N ILE B 5 -8.79 -13.68 -12.51
CA ILE B 5 -8.65 -12.33 -11.97
C ILE B 5 -7.41 -12.00 -11.14
N TYR B 6 -6.55 -11.10 -11.65
CA TYR B 6 -5.35 -10.62 -10.99
C TYR B 6 -5.61 -9.92 -9.66
N LEU B 7 -6.61 -9.02 -9.61
CA LEU B 7 -7.00 -8.30 -8.40
C LEU B 7 -7.44 -9.22 -7.27
N GLY B 8 -8.24 -10.25 -7.59
CA GLY B 8 -8.69 -11.28 -6.65
C GLY B 8 -7.57 -12.15 -6.17
N GLY B 9 -6.60 -12.46 -7.05
CA GLY B 9 -5.37 -13.15 -6.71
C GLY B 9 -4.46 -12.36 -5.80
N ALA B 10 -4.33 -11.04 -6.03
CA ALA B 10 -3.60 -10.11 -5.18
C ALA B 10 -4.17 -9.99 -3.76
N ILE B 11 -5.51 -9.90 -3.64
CA ILE B 11 -6.21 -9.95 -2.35
C ILE B 11 -6.01 -11.26 -1.61
N LEU B 12 -6.07 -12.41 -2.32
CA LEU B 12 -5.71 -13.69 -1.76
C LEU B 12 -4.27 -13.76 -1.27
N ALA B 13 -3.30 -13.27 -2.07
CA ALA B 13 -1.90 -13.19 -1.71
C ALA B 13 -1.60 -12.32 -0.49
N GLU B 14 -2.23 -11.13 -0.39
CA GLU B 14 -2.12 -10.24 0.74
C GLU B 14 -2.64 -10.83 2.05
N VAL B 15 -3.79 -11.54 2.02
CA VAL B 15 -4.28 -12.33 3.15
C VAL B 15 -3.33 -13.45 3.54
N ILE B 16 -2.79 -14.19 2.56
CA ILE B 16 -1.78 -15.23 2.80
C ILE B 16 -0.51 -14.65 3.42
N GLY B 17 0.00 -13.51 2.93
CA GLY B 17 1.18 -12.83 3.45
C GLY B 17 1.17 -12.46 4.91
N THR B 18 0.05 -11.90 5.43
CA THR B 18 -0.17 -11.74 6.88
C THR B 18 -0.27 -13.08 7.61
N THR B 19 -0.95 -14.08 7.01
CA THR B 19 -1.15 -15.42 7.57
C THR B 19 0.15 -16.16 7.85
N LEU B 20 1.16 -16.02 6.97
CA LEU B 20 2.49 -16.59 7.14
C LEU B 20 3.20 -16.16 8.42
N MET B 21 2.83 -14.99 8.99
CA MET B 21 3.46 -14.43 10.17
C MET B 21 2.74 -14.88 11.44
N LYS B 22 1.61 -15.62 11.33
CA LYS B 22 0.81 -16.00 12.48
C LYS B 22 1.23 -17.31 13.13
N PHE B 23 1.90 -18.20 12.36
CA PHE B 23 2.31 -19.53 12.77
C PHE B 23 3.27 -19.58 13.96
N SER B 24 3.26 -20.71 14.70
CA SER B 24 4.22 -21.01 15.75
C SER B 24 5.68 -20.94 15.31
N GLU B 25 6.61 -20.68 16.24
CA GLU B 25 8.03 -20.45 15.97
C GLU B 25 8.74 -21.54 15.17
N GLY B 26 9.82 -21.18 14.46
CA GLY B 26 10.59 -22.11 13.64
C GLY B 26 10.21 -22.11 12.19
N PHE B 27 10.53 -23.22 11.50
CA PHE B 27 10.56 -23.34 10.05
C PHE B 27 9.43 -24.24 9.55
N THR B 28 9.05 -24.14 8.27
CA THR B 28 8.10 -25.06 7.66
C THR B 28 8.81 -26.35 7.26
N ARG B 29 8.30 -27.52 7.66
CA ARG B 29 8.81 -28.80 7.17
C ARG B 29 8.71 -28.97 5.66
N LEU B 30 9.75 -29.60 5.07
CA LEU B 30 9.80 -30.11 3.70
C LEU B 30 10.03 -29.05 2.65
N TRP B 31 9.19 -28.00 2.63
CA TRP B 31 9.32 -26.86 1.73
C TRP B 31 10.57 -26.02 2.06
N PRO B 32 11.35 -25.51 1.12
CA PRO B 32 12.45 -24.55 1.34
C PRO B 32 12.17 -23.36 2.25
N SER B 33 13.21 -22.69 2.81
CA SER B 33 13.04 -21.68 3.85
C SER B 33 12.62 -20.31 3.34
N VAL B 34 12.11 -20.23 2.10
CA VAL B 34 11.90 -19.01 1.34
C VAL B 34 10.43 -18.76 1.06
N GLY B 35 9.50 -19.42 1.77
CA GLY B 35 8.05 -19.27 1.58
C GLY B 35 7.52 -17.85 1.66
N THR B 36 7.98 -17.05 2.63
CA THR B 36 7.66 -15.63 2.75
C THR B 36 8.14 -14.83 1.53
N ILE B 37 9.39 -15.08 1.10
CA ILE B 37 10.01 -14.45 -0.06
C ILE B 37 9.33 -14.81 -1.37
N ILE B 38 9.01 -16.11 -1.57
CA ILE B 38 8.22 -16.61 -2.68
C ILE B 38 6.82 -16.02 -2.70
N CYS B 39 6.16 -15.86 -1.53
CA CYS B 39 4.92 -15.11 -1.40
C CYS B 39 5.04 -13.63 -1.81
N TYR B 40 6.10 -12.89 -1.40
CA TYR B 40 6.38 -11.55 -1.89
C TYR B 40 6.60 -11.48 -3.40
N CYS B 41 7.39 -12.42 -3.97
CA CYS B 41 7.55 -12.56 -5.40
C CYS B 41 6.25 -12.84 -6.14
N ALA B 42 5.42 -13.78 -5.64
CA ALA B 42 4.11 -14.08 -6.17
C ALA B 42 3.16 -12.89 -6.13
N SER B 43 3.14 -12.16 -5.00
CA SER B 43 2.36 -10.94 -4.81
C SER B 43 2.75 -9.84 -5.79
N PHE B 44 4.07 -9.62 -5.96
CA PHE B 44 4.61 -8.65 -6.91
C PHE B 44 4.34 -9.01 -8.37
N TRP B 45 4.36 -10.32 -8.75
CA TRP B 45 3.93 -10.76 -10.08
C TRP B 45 2.48 -10.39 -10.36
N LEU B 46 1.57 -10.63 -9.40
CA LEU B 46 0.17 -10.25 -9.50
C LEU B 46 -0.07 -8.75 -9.65
N LEU B 47 0.64 -7.93 -8.86
CA LEU B 47 0.61 -6.48 -8.95
C LEU B 47 1.09 -5.97 -10.31
N ALA B 48 2.22 -6.50 -10.80
CA ALA B 48 2.79 -6.16 -12.10
C ALA B 48 1.86 -6.48 -13.27
N GLN B 49 1.25 -7.69 -13.25
CA GLN B 49 0.20 -8.07 -14.18
C GLN B 49 -1.03 -7.19 -14.15
N THR B 50 -1.46 -6.78 -12.94
CA THR B 50 -2.57 -5.83 -12.73
C THR B 50 -2.30 -4.48 -13.36
N LEU B 51 -1.06 -3.94 -13.22
CA LEU B 51 -0.66 -2.66 -13.77
C LEU B 51 -0.43 -2.68 -15.28
N ALA B 52 -0.33 -3.88 -15.88
CA ALA B 52 -0.31 -4.06 -17.33
C ALA B 52 -1.69 -4.39 -17.88
N TYR B 53 -2.71 -4.47 -17.01
CA TYR B 53 -4.07 -4.81 -17.35
C TYR B 53 -5.03 -3.64 -17.11
N ILE B 54 -4.81 -2.88 -16.02
CA ILE B 54 -5.62 -1.73 -15.64
C ILE B 54 -4.69 -0.52 -15.61
N PRO B 55 -4.98 0.63 -16.25
CA PRO B 55 -4.26 1.90 -16.07
C PRO B 55 -3.91 2.29 -14.65
N THR B 56 -2.71 2.89 -14.43
CA THR B 56 -2.12 3.10 -13.10
C THR B 56 -2.97 3.93 -12.16
N GLY B 57 -3.55 5.06 -12.62
CA GLY B 57 -4.46 5.86 -11.80
C GLY B 57 -5.74 5.16 -11.43
N ILE B 58 -6.37 4.48 -12.40
CA ILE B 58 -7.56 3.67 -12.25
C ILE B 58 -7.36 2.47 -11.31
N ALA B 59 -6.24 1.74 -11.46
CA ALA B 59 -5.84 0.65 -10.60
C ALA B 59 -5.64 1.07 -9.15
N TYR B 60 -4.98 2.23 -8.92
CA TYR B 60 -4.84 2.80 -7.59
C TYR B 60 -6.19 3.19 -6.99
N ALA B 61 -7.10 3.79 -7.79
CA ALA B 61 -8.45 4.11 -7.36
C ALA B 61 -9.28 2.89 -6.94
N ILE B 62 -9.21 1.78 -7.71
CA ILE B 62 -9.78 0.49 -7.33
C ILE B 62 -9.17 -0.08 -6.04
N TRP B 63 -7.83 -0.02 -5.89
CA TRP B 63 -7.15 -0.43 -4.67
C TRP B 63 -7.53 0.39 -3.43
N VAL B 64 -7.52 1.73 -3.53
CA VAL B 64 -7.85 2.63 -2.44
C VAL B 64 -9.33 2.64 -2.09
N GLY B 65 -10.22 2.49 -3.09
CA GLY B 65 -11.67 2.41 -2.88
C GLY B 65 -12.18 1.06 -2.43
N VAL B 66 -11.73 -0.05 -3.05
CA VAL B 66 -12.27 -1.37 -2.75
C VAL B 66 -11.29 -2.16 -1.91
N GLY B 67 -10.01 -2.20 -2.32
CA GLY B 67 -8.99 -3.10 -1.79
C GLY B 67 -8.65 -2.95 -0.33
N ILE B 68 -8.36 -1.72 0.12
CA ILE B 68 -7.99 -1.45 1.52
C ILE B 68 -9.10 -1.79 2.51
N VAL B 69 -10.36 -1.43 2.20
CA VAL B 69 -11.54 -1.88 2.95
C VAL B 69 -11.71 -3.39 2.92
N LEU B 70 -11.56 -4.03 1.74
CA LEU B 70 -11.65 -5.46 1.55
C LEU B 70 -10.62 -6.27 2.36
N ILE B 71 -9.33 -5.90 2.34
CA ILE B 71 -8.33 -6.51 3.22
C ILE B 71 -8.59 -6.28 4.71
N SER B 72 -9.03 -5.07 5.10
CA SER B 72 -9.41 -4.76 6.47
C SER B 72 -10.61 -5.56 6.98
N LEU B 73 -11.67 -5.70 6.15
CA LEU B 73 -12.83 -6.52 6.44
C LEU B 73 -12.51 -8.00 6.61
N LEU B 74 -11.66 -8.55 5.71
CA LEU B 74 -11.08 -9.88 5.83
C LEU B 74 -10.22 -10.05 7.08
N SER B 75 -9.35 -9.06 7.39
CA SER B 75 -8.49 -9.04 8.58
C SER B 75 -9.24 -9.02 9.90
N TRP B 76 -10.36 -8.27 9.99
CA TRP B 76 -11.30 -8.41 11.10
C TRP B 76 -11.87 -9.82 11.21
N GLY B 77 -12.28 -10.43 10.09
CA GLY B 77 -12.92 -11.74 10.08
C GLY B 77 -12.00 -12.86 10.50
N PHE B 78 -10.78 -12.88 9.94
CA PHE B 78 -9.82 -13.93 10.22
C PHE B 78 -9.04 -13.73 11.52
N PHE B 79 -8.73 -12.47 11.92
CA PHE B 79 -7.78 -12.21 12.99
C PHE B 79 -8.34 -11.37 14.13
N GLY B 80 -9.56 -10.80 14.01
CA GLY B 80 -10.23 -10.09 15.10
C GLY B 80 -9.91 -8.62 15.22
N GLN B 81 -9.15 -8.07 14.26
CA GLN B 81 -8.76 -6.66 14.18
C GLN B 81 -9.92 -5.69 14.23
N ARG B 82 -9.84 -4.59 15.02
CA ARG B 82 -10.93 -3.65 15.21
C ARG B 82 -11.41 -2.95 13.94
N LEU B 83 -12.74 -2.80 13.76
CA LEU B 83 -13.32 -1.99 12.70
C LEU B 83 -14.07 -0.79 13.26
N ASP B 84 -14.19 -0.68 14.59
CA ASP B 84 -14.90 0.36 15.29
C ASP B 84 -13.94 1.41 15.85
N LEU B 85 -12.62 1.17 15.74
CA LEU B 85 -11.56 2.07 16.18
C LEU B 85 -11.47 3.33 15.31
N PRO B 86 -11.31 4.57 15.83
CA PRO B 86 -11.24 5.80 15.04
C PRO B 86 -10.29 5.80 13.85
N ALA B 87 -9.11 5.17 13.98
CA ALA B 87 -8.14 5.02 12.90
C ALA B 87 -8.68 4.37 11.63
N ILE B 88 -9.57 3.36 11.74
CA ILE B 88 -10.26 2.77 10.60
C ILE B 88 -11.17 3.75 9.89
N ILE B 89 -11.99 4.50 10.65
CA ILE B 89 -12.89 5.53 10.14
C ILE B 89 -12.11 6.65 9.47
N GLY B 90 -11.03 7.11 10.13
CA GLY B 90 -10.12 8.13 9.64
C GLY B 90 -9.39 7.71 8.39
N MET B 91 -8.94 6.45 8.33
CA MET B 91 -8.34 5.86 7.14
C MET B 91 -9.28 5.85 5.95
N MET B 92 -10.56 5.47 6.16
CA MET B 92 -11.59 5.53 5.15
C MET B 92 -11.86 6.93 4.61
N LEU B 93 -11.94 7.94 5.50
CA LEU B 93 -12.05 9.35 5.13
C LEU B 93 -10.88 9.89 4.32
N ILE B 94 -9.63 9.60 4.73
CA ILE B 94 -8.43 9.98 3.99
C ILE B 94 -8.39 9.36 2.61
N CYS B 95 -8.68 8.04 2.52
CA CYS B 95 -8.79 7.31 1.26
C CYS B 95 -9.88 7.84 0.34
N ALA B 96 -11.09 8.11 0.87
CA ALA B 96 -12.19 8.71 0.14
C ALA B 96 -11.88 10.10 -0.39
N GLY B 97 -11.22 10.95 0.43
CA GLY B 97 -10.79 12.29 0.02
C GLY B 97 -9.83 12.31 -1.15
N VAL B 98 -8.88 11.37 -1.17
CA VAL B 98 -7.96 11.15 -2.29
C VAL B 98 -8.67 10.80 -3.60
N LEU B 99 -9.71 9.94 -3.55
CA LEU B 99 -10.51 9.57 -4.71
C LEU B 99 -11.17 10.74 -5.41
N ILE B 100 -11.72 11.71 -4.66
CA ILE B 100 -12.27 12.93 -5.26
C ILE B 100 -11.23 13.78 -5.99
N ILE B 101 -10.01 13.94 -5.41
CA ILE B 101 -8.89 14.61 -6.06
C ILE B 101 -8.42 13.88 -7.35
N ASN B 102 -8.34 12.53 -7.28
CA ASN B 102 -8.07 11.63 -8.39
C ASN B 102 -9.10 11.72 -9.53
N LEU B 103 -10.40 11.86 -9.18
CA LEU B 103 -11.50 11.97 -10.13
C LEU B 103 -11.34 13.13 -11.12
N LEU B 104 -10.81 14.28 -10.68
CA LEU B 104 -10.59 15.44 -11.53
C LEU B 104 -9.18 15.56 -12.08
N SER B 105 -8.29 14.58 -11.81
CA SER B 105 -6.90 14.61 -12.24
C SER B 105 -6.71 13.91 -13.60
C2 VCJ C . -0.28 -1.32 0.16
C5 VCJ C . -1.17 1.30 -0.25
C4 VCJ C . -1.37 0.65 0.96
C6 VCJ C . -0.49 0.62 -1.28
C7 VCJ C . 2.68 -1.69 -2.01
P1 VCJ C . 0.89 -1.64 -2.40
C1 VCJ C . -0.02 -0.71 -1.10
C3 VCJ C . -0.96 -0.65 1.18
C8 VCJ C . 3.62 -2.10 -3.00
C9 VCJ C . 4.98 -2.14 -2.75
C10 VCJ C . 5.45 -1.82 -1.49
C11 VCJ C . 4.59 -1.43 -0.47
C12 VCJ C . 3.22 -1.35 -0.74
C13 VCJ C . 0.24 -3.37 -2.47
C14 VCJ C . 1.11 -4.49 -2.50
C15 VCJ C . 0.61 -5.81 -2.56
C16 VCJ C . -0.77 -6.01 -2.57
C17 VCJ C . -1.66 -4.94 -2.52
C18 VCJ C . -1.15 -3.63 -2.47
C19 VCJ C . 0.62 -0.82 -4.03
C20 VCJ C . 1.68 -0.14 -4.72
C21 VCJ C . 1.49 0.43 -5.98
C22 VCJ C . 0.24 0.35 -6.57
C23 VCJ C . -0.83 -0.27 -5.95
C24 VCJ C . -0.65 -0.84 -4.69
F13 VCJ C . -1.25 -7.27 -2.63
F18 VCJ C . 0.06 0.94 -7.79
F3 VCJ C . -2.02 1.31 1.95
F8 VCJ C . 6.79 -1.89 -1.26
H1 VCJ C . 0.04 -2.34 0.38
H3 VCJ C . -1.51 2.31 -0.40
H4 VCJ C . -0.35 1.15 -2.21
H2 VCJ C . -1.14 -1.12 2.12
H13 VCJ C . 3.30 -2.39 -4.01
H14 VCJ C . 5.68 -2.43 -3.53
H15 VCJ C . 4.99 -1.19 0.50
H16 VCJ C . 2.58 -1.02 0.09
H5 VCJ C . 2.19 -4.40 -2.51
H6 VCJ C . 1.28 -6.65 -2.59
H7 VCJ C . -2.72 -5.12 -2.53
H8 VCJ C . -1.88 -2.83 -2.44
H9 VCJ C . 2.68 -0.07 -4.31
H10 VCJ C . 2.31 0.92 -6.50
H11 VCJ C . -1.78 -0.31 -6.44
H12 VCJ C . -1.51 -1.33 -4.25
#